data_2DLK
#
_entry.id   2DLK
#
loop_
_entity.id
_entity.type
_entity.pdbx_description
1 polymer 'novel protein'
2 non-polymer 'ZINC ION'
#
_entity_poly.entity_id   1
_entity_poly.type   'polypeptide(L)'
_entity_poly.pdbx_seq_one_letter_code
;GSSGSSGMPCDFPGCGRIFSNRQYLNHHKKYQHIHQKSFSCPEPACGKSFNFKKHLKEHMKLHSDTRDYICEFSGPSSG
;
_entity_poly.pdbx_strand_id   A
#
loop_
_chem_comp.id
_chem_comp.type
_chem_comp.name
_chem_comp.formula
ZN non-polymer 'ZINC ION' 'Zn 2'
#
# COMPACT_ATOMS: atom_id res chain seq x y z
N GLY A 1 12.73 7.74 -15.01
CA GLY A 1 13.69 6.97 -14.24
C GLY A 1 15.05 6.91 -14.90
N SER A 2 15.51 8.05 -15.41
CA SER A 2 16.80 8.12 -16.09
C SER A 2 17.92 7.63 -15.16
N SER A 3 17.92 8.12 -13.94
CA SER A 3 18.93 7.73 -12.96
C SER A 3 18.30 7.41 -11.61
N GLY A 4 19.05 6.72 -10.76
CA GLY A 4 18.55 6.37 -9.44
C GLY A 4 18.76 7.47 -8.42
N SER A 5 18.24 7.27 -7.21
CA SER A 5 18.37 8.25 -6.15
C SER A 5 19.16 7.68 -4.97
N SER A 6 19.64 8.56 -4.10
CA SER A 6 20.42 8.16 -2.95
C SER A 6 19.55 7.40 -1.95
N GLY A 7 20.18 6.55 -1.13
CA GLY A 7 19.45 5.79 -0.14
C GLY A 7 18.35 4.96 -0.77
N MET A 8 17.84 3.99 0.00
CA MET A 8 16.78 3.11 -0.47
C MET A 8 15.51 3.30 0.35
N PRO A 9 14.47 3.86 -0.27
CA PRO A 9 13.18 4.11 0.39
C PRO A 9 12.42 2.82 0.68
N CYS A 10 11.61 2.84 1.72
CA CYS A 10 10.82 1.68 2.11
C CYS A 10 9.68 1.43 1.13
N ASP A 11 9.08 0.26 1.22
CA ASP A 11 7.97 -0.10 0.33
C ASP A 11 6.68 0.57 0.79
N PHE A 12 6.38 0.47 2.08
CA PHE A 12 5.17 1.06 2.63
C PHE A 12 5.11 2.55 2.33
N PRO A 13 3.91 3.03 1.95
CA PRO A 13 3.69 4.44 1.62
C PRO A 13 3.77 5.34 2.85
N GLY A 14 3.03 4.97 3.89
CA GLY A 14 3.03 5.76 5.11
C GLY A 14 4.38 5.76 5.80
N CYS A 15 5.03 4.61 5.84
CA CYS A 15 6.34 4.48 6.47
C CYS A 15 7.24 5.64 6.09
N GLY A 16 7.62 5.69 4.81
CA GLY A 16 8.48 6.76 4.34
C GLY A 16 9.87 6.71 4.97
N ARG A 17 10.46 5.51 4.98
CA ARG A 17 11.78 5.32 5.56
C ARG A 17 12.82 5.15 4.45
N ILE A 18 14.07 5.48 4.76
CA ILE A 18 15.16 5.36 3.80
C ILE A 18 16.40 4.77 4.45
N PHE A 19 17.05 3.85 3.75
CA PHE A 19 18.25 3.19 4.25
C PHE A 19 19.29 3.01 3.14
N SER A 20 20.49 3.51 3.38
CA SER A 20 21.56 3.40 2.40
C SER A 20 21.77 1.94 1.97
N ASN A 21 22.18 1.11 2.92
CA ASN A 21 22.42 -0.30 2.65
C ASN A 21 21.10 -1.08 2.62
N ARG A 22 21.02 -2.04 1.71
CA ARG A 22 19.82 -2.85 1.57
C ARG A 22 19.61 -3.72 2.82
N GLN A 23 20.67 -4.38 3.26
CA GLN A 23 20.60 -5.23 4.43
C GLN A 23 19.74 -4.61 5.52
N TYR A 24 20.01 -3.34 5.82
CA TYR A 24 19.25 -2.62 6.85
C TYR A 24 17.77 -2.60 6.52
N LEU A 25 17.45 -2.26 5.27
CA LEU A 25 16.06 -2.19 4.82
C LEU A 25 15.33 -3.48 5.14
N ASN A 26 15.79 -4.58 4.56
CA ASN A 26 15.17 -5.89 4.80
C ASN A 26 14.95 -6.13 6.29
N HIS A 27 15.95 -5.77 7.09
CA HIS A 27 15.85 -5.96 8.53
C HIS A 27 14.77 -5.07 9.12
N HIS A 28 14.67 -3.84 8.62
CA HIS A 28 13.67 -2.89 9.10
C HIS A 28 12.26 -3.42 8.84
N LYS A 29 12.03 -3.90 7.62
CA LYS A 29 10.73 -4.43 7.25
C LYS A 29 10.42 -5.70 8.03
N LYS A 30 11.43 -6.54 8.22
CA LYS A 30 11.27 -7.79 8.96
C LYS A 30 11.10 -7.52 10.45
N TYR A 31 11.55 -6.36 10.90
CA TYR A 31 11.45 -5.99 12.31
C TYR A 31 10.22 -5.12 12.55
N GLN A 32 10.26 -3.90 12.02
CA GLN A 32 9.16 -2.96 12.18
C GLN A 32 7.89 -3.48 11.50
N HIS A 33 8.00 -3.78 10.21
CA HIS A 33 6.86 -4.29 9.45
C HIS A 33 6.74 -5.80 9.62
N ILE A 34 7.44 -6.35 10.61
CA ILE A 34 7.40 -7.78 10.87
C ILE A 34 6.01 -8.35 10.62
N HIS A 35 4.98 -7.60 11.02
CA HIS A 35 3.60 -8.03 10.84
C HIS A 35 3.30 -8.29 9.36
N GLN A 36 2.13 -8.85 9.09
CA GLN A 36 1.73 -9.16 7.72
C GLN A 36 1.24 -7.90 7.01
N LYS A 37 1.64 -7.75 5.76
CA LYS A 37 1.25 -6.59 4.96
C LYS A 37 -0.27 -6.47 4.89
N SER A 38 -0.75 -5.30 4.48
CA SER A 38 -2.19 -5.06 4.36
C SER A 38 -2.52 -4.34 3.06
N PHE A 39 -3.81 -4.27 2.75
CA PHE A 39 -4.26 -3.60 1.53
C PHE A 39 -5.16 -2.42 1.85
N SER A 40 -4.88 -1.29 1.22
CA SER A 40 -5.67 -0.07 1.45
C SER A 40 -6.38 0.36 0.17
N CYS A 41 -7.51 1.05 0.34
CA CYS A 41 -8.29 1.52 -0.80
C CYS A 41 -7.64 2.75 -1.44
N PRO A 42 -7.60 2.76 -2.77
CA PRO A 42 -7.00 3.86 -3.54
C PRO A 42 -7.84 5.14 -3.44
N GLU A 43 -8.89 5.10 -2.64
CA GLU A 43 -9.77 6.25 -2.48
C GLU A 43 -9.55 6.91 -1.12
N PRO A 44 -9.43 8.24 -1.12
CA PRO A 44 -9.22 9.02 0.09
C PRO A 44 -10.45 9.04 1.00
N ALA A 45 -11.60 9.35 0.42
CA ALA A 45 -12.84 9.40 1.17
C ALA A 45 -13.20 8.03 1.73
N CYS A 46 -12.85 6.98 0.99
CA CYS A 46 -13.14 5.62 1.41
C CYS A 46 -12.26 5.23 2.60
N GLY A 47 -10.96 5.41 2.46
CA GLY A 47 -10.04 5.07 3.53
C GLY A 47 -10.31 3.70 4.12
N LYS A 48 -10.72 2.77 3.27
CA LYS A 48 -11.01 1.40 3.71
C LYS A 48 -9.78 0.51 3.58
N SER A 49 -9.73 -0.53 4.40
CA SER A 49 -8.61 -1.46 4.38
C SER A 49 -9.10 -2.91 4.45
N PHE A 50 -8.32 -3.82 3.86
CA PHE A 50 -8.68 -5.23 3.85
C PHE A 50 -7.44 -6.11 4.03
N ASN A 51 -7.52 -7.04 4.97
CA ASN A 51 -6.40 -7.95 5.24
C ASN A 51 -6.40 -9.12 4.26
N PHE A 52 -7.17 -8.99 3.18
CA PHE A 52 -7.25 -10.04 2.18
C PHE A 52 -7.25 -9.45 0.77
N LYS A 53 -6.40 -10.00 -0.09
CA LYS A 53 -6.30 -9.52 -1.48
C LYS A 53 -7.66 -9.59 -2.17
N LYS A 54 -8.34 -10.72 -2.00
CA LYS A 54 -9.66 -10.92 -2.62
C LYS A 54 -10.64 -9.87 -2.13
N HIS A 55 -10.57 -9.54 -0.84
CA HIS A 55 -11.46 -8.54 -0.26
C HIS A 55 -11.35 -7.21 -1.00
N LEU A 56 -10.12 -6.76 -1.21
CA LEU A 56 -9.88 -5.50 -1.91
C LEU A 56 -10.50 -5.52 -3.30
N LYS A 57 -10.26 -6.60 -4.04
CA LYS A 57 -10.80 -6.74 -5.39
C LYS A 57 -12.31 -6.62 -5.38
N GLU A 58 -12.98 -7.46 -4.60
CA GLU A 58 -14.43 -7.44 -4.51
C GLU A 58 -14.93 -6.06 -4.10
N HIS A 59 -14.22 -5.43 -3.16
CA HIS A 59 -14.59 -4.11 -2.68
C HIS A 59 -14.64 -3.10 -3.83
N MET A 60 -13.59 -3.12 -4.66
CA MET A 60 -13.51 -2.21 -5.80
C MET A 60 -14.77 -2.31 -6.66
N LYS A 61 -15.24 -3.54 -6.87
CA LYS A 61 -16.43 -3.77 -7.68
C LYS A 61 -17.45 -2.66 -7.49
N LEU A 62 -17.76 -2.37 -6.23
CA LEU A 62 -18.73 -1.32 -5.90
C LEU A 62 -18.32 0.01 -6.53
N HIS A 63 -17.09 0.44 -6.25
CA HIS A 63 -16.58 1.69 -6.79
C HIS A 63 -16.77 1.75 -8.31
N SER A 64 -16.44 0.65 -8.98
CA SER A 64 -16.58 0.58 -10.43
C SER A 64 -17.88 1.24 -10.90
N ASP A 65 -18.96 0.95 -10.18
CA ASP A 65 -20.26 1.53 -10.52
C ASP A 65 -20.12 2.94 -11.05
N THR A 66 -19.30 3.74 -10.38
CA THR A 66 -19.07 5.12 -10.79
C THR A 66 -17.95 5.22 -11.80
N ARG A 67 -18.27 5.73 -12.99
CA ARG A 67 -17.27 5.86 -14.04
C ARG A 67 -16.85 7.32 -14.20
N ASP A 68 -15.68 7.54 -14.79
CA ASP A 68 -15.15 8.88 -15.00
C ASP A 68 -14.26 8.93 -16.22
N TYR A 69 -14.04 10.13 -16.75
CA TYR A 69 -13.20 10.31 -17.93
C TYR A 69 -11.86 10.94 -17.55
N ILE A 70 -10.78 10.34 -18.04
CA ILE A 70 -9.44 10.85 -17.75
C ILE A 70 -9.31 12.32 -18.13
N CYS A 71 -10.02 12.71 -19.18
CA CYS A 71 -9.98 14.10 -19.64
C CYS A 71 -11.15 14.89 -19.08
N GLU A 72 -10.98 16.20 -18.95
CA GLU A 72 -12.02 17.07 -18.43
C GLU A 72 -11.79 18.52 -18.83
N PHE A 73 -12.86 19.30 -18.89
CA PHE A 73 -12.77 20.70 -19.26
C PHE A 73 -12.19 21.53 -18.13
N SER A 74 -12.73 21.35 -16.93
CA SER A 74 -12.26 22.10 -15.76
C SER A 74 -10.75 22.27 -15.80
N GLY A 75 -10.04 21.19 -16.13
CA GLY A 75 -8.59 21.24 -16.20
C GLY A 75 -8.05 20.74 -17.52
N PRO A 76 -7.87 21.67 -18.48
CA PRO A 76 -7.36 21.33 -19.81
C PRO A 76 -5.88 20.93 -19.78
N SER A 77 -5.62 19.66 -20.07
CA SER A 77 -4.26 19.15 -20.09
C SER A 77 -3.46 19.72 -21.25
N SER A 78 -2.27 20.24 -20.96
CA SER A 78 -1.43 20.83 -21.99
C SER A 78 -0.02 20.23 -21.94
N GLY A 79 0.69 20.30 -23.06
CA GLY A 79 2.03 19.75 -23.12
C GLY A 79 2.28 18.96 -24.38
ZN ZN B . 9.21 0.75 6.47
ZN ZN C . -12.97 1.93 -1.48
N GLY A 1 29.91 6.98 -1.62
CA GLY A 1 30.86 7.39 -2.64
C GLY A 1 32.27 6.95 -2.31
N SER A 2 33.15 7.94 -2.10
CA SER A 2 34.55 7.66 -1.79
C SER A 2 35.05 8.59 -0.68
N SER A 3 36.17 8.22 -0.07
CA SER A 3 36.75 9.01 1.00
C SER A 3 35.81 9.07 2.21
N GLY A 4 35.19 7.93 2.52
CA GLY A 4 34.28 7.87 3.65
C GLY A 4 32.97 7.21 3.29
N SER A 5 32.10 7.03 4.29
CA SER A 5 30.80 6.40 4.08
C SER A 5 29.72 7.46 3.93
N SER A 6 28.60 7.07 3.32
CA SER A 6 27.48 7.97 3.11
C SER A 6 26.17 7.34 3.58
N GLY A 7 25.67 7.82 4.72
CA GLY A 7 24.42 7.29 5.26
C GLY A 7 23.31 7.28 4.24
N MET A 8 22.31 6.44 4.46
CA MET A 8 21.17 6.34 3.56
C MET A 8 19.86 6.21 4.33
N PRO A 9 18.94 7.16 4.11
CA PRO A 9 17.63 7.18 4.78
C PRO A 9 16.73 6.04 4.30
N CYS A 10 15.82 5.61 5.17
CA CYS A 10 14.90 4.54 4.83
C CYS A 10 13.85 5.01 3.83
N ASP A 11 13.74 4.29 2.72
CA ASP A 11 12.78 4.64 1.68
C ASP A 11 11.40 4.89 2.27
N PHE A 12 10.98 4.01 3.18
CA PHE A 12 9.68 4.13 3.82
C PHE A 12 9.53 5.50 4.49
N PRO A 13 8.38 6.16 4.24
CA PRO A 13 8.10 7.48 4.80
C PRO A 13 7.86 7.42 6.32
N GLY A 14 8.07 8.55 6.98
CA GLY A 14 7.88 8.61 8.42
C GLY A 14 9.01 7.95 9.19
N CYS A 15 9.38 6.74 8.77
CA CYS A 15 10.44 6.00 9.43
C CYS A 15 11.61 6.92 9.79
N GLY A 16 12.01 7.76 8.83
CA GLY A 16 13.11 8.68 9.06
C GLY A 16 14.29 8.01 9.73
N ARG A 17 14.78 6.93 9.13
CA ARG A 17 15.92 6.21 9.67
C ARG A 17 17.05 6.13 8.67
N ILE A 18 18.27 6.40 9.13
CA ILE A 18 19.44 6.37 8.26
C ILE A 18 20.46 5.34 8.75
N PHE A 19 21.10 4.65 7.81
CA PHE A 19 22.10 3.65 8.15
C PHE A 19 23.38 3.84 7.34
N SER A 20 24.50 3.39 7.89
CA SER A 20 25.78 3.53 7.22
C SER A 20 26.03 2.36 6.26
N ASN A 21 25.57 1.18 6.65
CA ASN A 21 25.74 -0.02 5.83
C ASN A 21 24.42 -0.41 5.17
N ARG A 22 24.45 -0.51 3.85
CA ARG A 22 23.25 -0.88 3.08
C ARG A 22 22.70 -2.21 3.55
N GLN A 23 23.54 -3.23 3.55
CA GLN A 23 23.14 -4.57 3.99
C GLN A 23 22.18 -4.48 5.17
N TYR A 24 22.58 -3.78 6.21
CA TYR A 24 21.76 -3.63 7.41
C TYR A 24 20.44 -2.95 7.07
N LEU A 25 20.51 -1.85 6.35
CA LEU A 25 19.31 -1.10 5.95
C LEU A 25 18.26 -2.04 5.38
N ASN A 26 18.64 -2.83 4.38
CA ASN A 26 17.73 -3.77 3.75
C ASN A 26 17.07 -4.67 4.78
N HIS A 27 17.87 -5.16 5.73
CA HIS A 27 17.36 -6.03 6.79
C HIS A 27 16.23 -5.35 7.55
N HIS A 28 16.53 -4.18 8.12
CA HIS A 28 15.55 -3.42 8.89
C HIS A 28 14.24 -3.28 8.11
N LYS A 29 14.33 -2.68 6.92
CA LYS A 29 13.16 -2.48 6.08
C LYS A 29 12.32 -3.75 6.00
N LYS A 30 12.97 -4.85 5.62
CA LYS A 30 12.29 -6.14 5.51
C LYS A 30 11.68 -6.55 6.85
N TYR A 31 12.52 -6.73 7.85
CA TYR A 31 12.05 -7.13 9.17
C TYR A 31 10.99 -6.17 9.69
N GLN A 32 11.39 -4.94 9.96
CA GLN A 32 10.46 -3.92 10.46
C GLN A 32 9.28 -3.76 9.50
N HIS A 33 9.55 -3.21 8.33
CA HIS A 33 8.51 -3.00 7.32
C HIS A 33 8.23 -4.28 6.55
N ILE A 34 7.10 -4.92 6.86
CA ILE A 34 6.71 -6.16 6.19
C ILE A 34 5.19 -6.30 6.12
N HIS A 35 4.69 -6.64 4.94
CA HIS A 35 3.26 -6.81 4.74
C HIS A 35 2.97 -7.86 3.67
N GLN A 36 1.99 -8.72 3.93
CA GLN A 36 1.62 -9.76 2.98
C GLN A 36 0.75 -9.20 1.86
N LYS A 37 0.65 -9.95 0.76
CA LYS A 37 -0.16 -9.52 -0.37
C LYS A 37 -1.65 -9.64 -0.05
N SER A 38 -2.38 -8.56 -0.29
CA SER A 38 -3.82 -8.54 -0.02
C SER A 38 -4.60 -8.10 -1.26
N PHE A 39 -5.92 -8.20 -1.19
CA PHE A 39 -6.77 -7.80 -2.30
C PHE A 39 -7.04 -6.29 -2.27
N SER A 40 -6.52 -5.60 -3.27
CA SER A 40 -6.71 -4.15 -3.36
C SER A 40 -7.55 -3.79 -4.59
N CYS A 41 -8.23 -2.65 -4.51
CA CYS A 41 -9.07 -2.19 -5.61
C CYS A 41 -8.22 -1.59 -6.73
N PRO A 42 -8.53 -1.98 -7.97
CA PRO A 42 -7.82 -1.49 -9.15
C PRO A 42 -8.08 -0.02 -9.44
N GLU A 43 -9.22 0.46 -8.95
CA GLU A 43 -9.61 1.86 -9.15
C GLU A 43 -8.65 2.80 -8.42
N PRO A 44 -8.19 3.85 -9.13
CA PRO A 44 -7.26 4.83 -8.56
C PRO A 44 -7.93 5.71 -7.51
N ALA A 45 -9.07 6.28 -7.86
CA ALA A 45 -9.82 7.15 -6.94
C ALA A 45 -10.18 6.40 -5.67
N CYS A 46 -10.75 5.21 -5.82
CA CYS A 46 -11.15 4.38 -4.69
C CYS A 46 -10.12 4.47 -3.57
N GLY A 47 -8.87 4.19 -3.90
CA GLY A 47 -7.81 4.24 -2.91
C GLY A 47 -8.15 3.47 -1.65
N LYS A 48 -8.63 2.24 -1.82
CA LYS A 48 -9.00 1.40 -0.69
C LYS A 48 -8.56 -0.04 -0.91
N SER A 49 -8.14 -0.70 0.17
CA SER A 49 -7.69 -2.09 0.08
C SER A 49 -8.45 -2.96 1.08
N PHE A 50 -8.57 -4.25 0.76
CA PHE A 50 -9.27 -5.19 1.61
C PHE A 50 -8.45 -6.45 1.82
N ASN A 51 -8.47 -6.97 3.04
CA ASN A 51 -7.72 -8.18 3.37
C ASN A 51 -8.48 -9.43 2.93
N PHE A 52 -9.76 -9.47 3.25
CA PHE A 52 -10.61 -10.61 2.90
C PHE A 52 -11.11 -10.48 1.47
N LYS A 53 -11.53 -11.60 0.89
CA LYS A 53 -12.03 -11.62 -0.48
C LYS A 53 -13.52 -11.27 -0.51
N LYS A 54 -14.30 -11.91 0.36
CA LYS A 54 -15.73 -11.66 0.43
C LYS A 54 -16.03 -10.17 0.53
N HIS A 55 -15.26 -9.48 1.38
CA HIS A 55 -15.43 -8.05 1.58
C HIS A 55 -15.27 -7.29 0.25
N LEU A 56 -14.24 -7.64 -0.49
CA LEU A 56 -13.97 -6.99 -1.78
C LEU A 56 -15.16 -7.14 -2.71
N LYS A 57 -15.71 -8.34 -2.78
CA LYS A 57 -16.86 -8.61 -3.63
C LYS A 57 -18.02 -7.66 -3.32
N GLU A 58 -18.35 -7.56 -2.05
CA GLU A 58 -19.44 -6.67 -1.62
C GLU A 58 -19.08 -5.21 -1.87
N HIS A 59 -17.82 -4.86 -1.60
CA HIS A 59 -17.36 -3.49 -1.80
C HIS A 59 -17.79 -2.96 -3.17
N MET A 60 -17.47 -3.73 -4.21
CA MET A 60 -17.82 -3.34 -5.57
C MET A 60 -19.21 -2.71 -5.62
N LYS A 61 -20.14 -3.29 -4.87
CA LYS A 61 -21.51 -2.79 -4.83
C LYS A 61 -21.53 -1.27 -4.74
N LEU A 62 -20.67 -0.72 -3.89
CA LEU A 62 -20.59 0.73 -3.71
C LEU A 62 -20.30 1.43 -5.04
N HIS A 63 -19.34 0.89 -5.79
CA HIS A 63 -18.98 1.45 -7.08
C HIS A 63 -20.18 1.48 -8.03
N SER A 64 -20.81 0.32 -8.20
CA SER A 64 -21.97 0.20 -9.08
C SER A 64 -23.09 1.13 -8.63
N ASP A 65 -23.38 1.10 -7.33
CA ASP A 65 -24.43 1.94 -6.76
C ASP A 65 -24.44 3.32 -7.43
N THR A 66 -23.29 3.97 -7.45
CA THR A 66 -23.17 5.29 -8.06
C THR A 66 -22.40 5.23 -9.37
N ARG A 67 -23.07 5.53 -10.48
CA ARG A 67 -22.44 5.51 -11.79
C ARG A 67 -21.26 6.48 -11.84
N ASP A 68 -21.48 7.69 -11.34
CA ASP A 68 -20.43 8.71 -11.33
C ASP A 68 -19.24 8.25 -10.50
N TYR A 69 -18.04 8.68 -10.90
CA TYR A 69 -16.82 8.31 -10.19
C TYR A 69 -16.66 9.13 -8.92
N ILE A 70 -16.22 8.48 -7.85
CA ILE A 70 -16.02 9.16 -6.58
C ILE A 70 -14.78 10.05 -6.61
N CYS A 71 -14.90 11.25 -6.06
CA CYS A 71 -13.79 12.19 -6.03
C CYS A 71 -13.13 12.21 -4.66
N GLU A 72 -11.81 12.32 -4.64
CA GLU A 72 -11.06 12.34 -3.39
C GLU A 72 -9.96 13.40 -3.43
N PHE A 73 -9.48 13.78 -2.25
CA PHE A 73 -8.43 14.79 -2.15
C PHE A 73 -7.08 14.15 -1.81
N SER A 74 -6.02 14.94 -1.93
CA SER A 74 -4.68 14.46 -1.64
C SER A 74 -4.35 14.62 -0.15
N GLY A 75 -3.19 14.10 0.26
CA GLY A 75 -2.78 14.20 1.64
C GLY A 75 -2.15 12.92 2.16
N PRO A 76 -2.15 12.75 3.49
CA PRO A 76 -1.60 11.56 4.14
C PRO A 76 -2.42 10.32 3.88
N SER A 77 -2.03 9.20 4.50
CA SER A 77 -2.74 7.94 4.33
C SER A 77 -3.96 7.88 5.25
N SER A 78 -3.73 8.08 6.54
CA SER A 78 -4.82 8.05 7.52
C SER A 78 -5.61 6.76 7.40
N GLY A 79 -4.90 5.65 7.18
CA GLY A 79 -5.55 4.36 7.05
C GLY A 79 -5.42 3.52 8.30
ZN ZN B . 12.51 2.00 8.02
ZN ZN C . -13.09 0.21 -5.06
N GLY A 1 28.76 5.57 18.89
CA GLY A 1 28.25 6.69 18.12
C GLY A 1 27.53 7.71 18.98
N SER A 2 26.96 8.72 18.34
CA SER A 2 26.24 9.77 19.06
C SER A 2 24.74 9.68 18.79
N SER A 3 23.97 10.52 19.48
CA SER A 3 22.53 10.53 19.32
C SER A 3 22.13 10.35 17.86
N GLY A 4 22.58 11.29 17.02
CA GLY A 4 22.28 11.22 15.61
C GLY A 4 22.73 9.92 14.97
N SER A 5 21.83 8.94 14.94
CA SER A 5 22.15 7.64 14.36
C SER A 5 22.13 7.71 12.84
N SER A 6 23.05 6.98 12.21
CA SER A 6 23.15 6.95 10.76
C SER A 6 22.21 5.91 10.17
N GLY A 7 21.35 6.35 9.24
CA GLY A 7 20.42 5.44 8.61
C GLY A 7 20.98 4.78 7.37
N MET A 8 20.28 3.78 6.86
CA MET A 8 20.72 3.06 5.66
C MET A 8 19.66 3.11 4.58
N PRO A 9 20.07 3.49 3.36
CA PRO A 9 19.16 3.59 2.21
C PRO A 9 18.69 2.22 1.73
N CYS A 10 17.58 2.21 0.99
CA CYS A 10 17.02 0.97 0.48
C CYS A 10 17.83 0.46 -0.71
N ASP A 11 18.21 -0.81 -0.67
CA ASP A 11 18.98 -1.43 -1.74
C ASP A 11 18.27 -1.27 -3.08
N PHE A 12 16.95 -1.45 -3.07
CA PHE A 12 16.16 -1.33 -4.30
C PHE A 12 16.35 0.04 -4.93
N PRO A 13 16.56 0.06 -6.26
CA PRO A 13 16.76 1.30 -7.01
C PRO A 13 15.48 2.13 -7.11
N GLY A 14 15.65 3.44 -7.21
CA GLY A 14 14.50 4.33 -7.31
C GLY A 14 13.85 4.58 -5.97
N CYS A 15 13.61 3.51 -5.21
CA CYS A 15 12.98 3.62 -3.90
C CYS A 15 13.41 4.91 -3.20
N GLY A 16 14.69 4.99 -2.86
CA GLY A 16 15.19 6.18 -2.19
C GLY A 16 14.67 6.31 -0.77
N ARG A 17 14.68 5.20 -0.04
CA ARG A 17 14.21 5.20 1.34
C ARG A 17 15.33 4.85 2.31
N ILE A 18 15.35 5.52 3.45
CA ILE A 18 16.37 5.28 4.46
C ILE A 18 15.74 4.93 5.80
N PHE A 19 16.36 4.01 6.53
CA PHE A 19 15.87 3.60 7.83
C PHE A 19 17.02 3.44 8.83
N SER A 20 16.78 3.83 10.07
CA SER A 20 17.79 3.73 11.12
C SER A 20 18.08 2.28 11.47
N ASN A 21 17.04 1.56 11.90
CA ASN A 21 17.18 0.16 12.27
C ASN A 21 17.04 -0.74 11.04
N ARG A 22 17.74 -1.87 11.05
CA ARG A 22 17.69 -2.81 9.94
C ARG A 22 16.33 -3.51 9.89
N GLN A 23 15.85 -3.96 11.04
CA GLN A 23 14.57 -4.64 11.12
C GLN A 23 13.55 -3.97 10.20
N TYR A 24 13.41 -2.66 10.33
CA TYR A 24 12.47 -1.91 9.51
C TYR A 24 12.81 -2.02 8.03
N LEU A 25 14.04 -1.64 7.68
CA LEU A 25 14.50 -1.70 6.31
C LEU A 25 14.07 -3.01 5.64
N ASN A 26 14.42 -4.13 6.26
CA ASN A 26 14.07 -5.44 5.74
C ASN A 26 12.56 -5.60 5.64
N HIS A 27 11.87 -5.30 6.73
CA HIS A 27 10.41 -5.40 6.77
C HIS A 27 9.78 -4.64 5.61
N HIS A 28 10.37 -3.50 5.27
CA HIS A 28 9.87 -2.66 4.19
C HIS A 28 10.06 -3.36 2.84
N LYS A 29 11.25 -3.90 2.63
CA LYS A 29 11.56 -4.59 1.38
C LYS A 29 10.72 -5.85 1.23
N LYS A 30 10.51 -6.56 2.34
CA LYS A 30 9.72 -7.78 2.33
C LYS A 30 8.24 -7.46 2.19
N TYR A 31 7.87 -6.25 2.56
CA TYR A 31 6.48 -5.81 2.49
C TYR A 31 6.21 -5.03 1.21
N GLN A 32 6.79 -3.83 1.13
CA GLN A 32 6.63 -2.98 -0.04
C GLN A 32 7.19 -3.64 -1.29
N HIS A 33 8.48 -3.99 -1.25
CA HIS A 33 9.14 -4.64 -2.37
C HIS A 33 8.85 -6.13 -2.38
N ILE A 34 7.81 -6.54 -1.66
CA ILE A 34 7.43 -7.94 -1.60
C ILE A 34 7.24 -8.53 -2.99
N HIS A 35 7.63 -9.80 -3.15
CA HIS A 35 7.50 -10.48 -4.43
C HIS A 35 6.17 -10.16 -5.09
N GLN A 36 5.08 -10.29 -4.32
CA GLN A 36 3.74 -10.01 -4.84
C GLN A 36 3.50 -8.50 -4.94
N LYS A 37 2.37 -8.14 -5.53
CA LYS A 37 2.02 -6.73 -5.70
C LYS A 37 0.76 -6.39 -4.91
N SER A 38 0.63 -5.12 -4.53
CA SER A 38 -0.52 -4.66 -3.77
C SER A 38 -1.60 -4.10 -4.70
N PHE A 39 -2.84 -4.52 -4.48
CA PHE A 39 -3.96 -4.06 -5.30
C PHE A 39 -4.34 -2.64 -4.93
N SER A 40 -5.17 -2.02 -5.77
CA SER A 40 -5.61 -0.65 -5.55
C SER A 40 -7.13 -0.54 -5.66
N CYS A 41 -7.72 0.32 -4.84
CA CYS A 41 -9.17 0.52 -4.85
C CYS A 41 -9.58 1.38 -6.05
N PRO A 42 -10.68 0.97 -6.69
CA PRO A 42 -11.22 1.68 -7.87
C PRO A 42 -11.82 3.03 -7.49
N GLU A 43 -11.62 3.44 -6.24
CA GLU A 43 -12.14 4.72 -5.77
C GLU A 43 -11.00 5.67 -5.41
N PRO A 44 -11.06 6.89 -5.97
CA PRO A 44 -10.04 7.92 -5.72
C PRO A 44 -10.08 8.45 -4.30
N ALA A 45 -11.28 8.80 -3.83
CA ALA A 45 -11.46 9.32 -2.48
C ALA A 45 -11.05 8.28 -1.44
N CYS A 46 -11.47 7.03 -1.66
CA CYS A 46 -11.15 5.95 -0.73
C CYS A 46 -9.65 5.91 -0.43
N GLY A 47 -8.84 5.81 -1.48
CA GLY A 47 -7.40 5.77 -1.30
C GLY A 47 -6.98 4.71 -0.30
N LYS A 48 -7.30 3.46 -0.59
CA LYS A 48 -6.95 2.36 0.30
C LYS A 48 -6.44 1.15 -0.50
N SER A 49 -5.21 0.76 -0.23
CA SER A 49 -4.60 -0.38 -0.93
C SER A 49 -4.43 -1.57 0.02
N PHE A 50 -4.19 -2.74 -0.56
CA PHE A 50 -4.01 -3.96 0.22
C PHE A 50 -3.01 -4.89 -0.46
N ASN A 51 -2.25 -5.60 0.36
CA ASN A 51 -1.24 -6.54 -0.15
C ASN A 51 -1.90 -7.83 -0.62
N PHE A 52 -2.74 -8.41 0.22
CA PHE A 52 -3.44 -9.65 -0.11
C PHE A 52 -4.81 -9.36 -0.72
N LYS A 53 -4.93 -9.61 -2.02
CA LYS A 53 -6.19 -9.38 -2.72
C LYS A 53 -7.38 -9.72 -1.83
N LYS A 54 -7.27 -10.82 -1.10
CA LYS A 54 -8.34 -11.26 -0.20
C LYS A 54 -9.04 -10.06 0.44
N HIS A 55 -8.25 -9.18 1.04
CA HIS A 55 -8.79 -8.00 1.69
C HIS A 55 -9.51 -7.10 0.68
N LEU A 56 -8.84 -6.85 -0.44
CA LEU A 56 -9.41 -6.01 -1.49
C LEU A 56 -10.84 -6.43 -1.82
N LYS A 57 -11.15 -7.70 -1.58
CA LYS A 57 -12.49 -8.23 -1.84
C LYS A 57 -13.46 -7.78 -0.76
N GLU A 58 -13.26 -8.25 0.46
CA GLU A 58 -14.13 -7.90 1.58
C GLU A 58 -14.25 -6.38 1.72
N HIS A 59 -13.15 -5.68 1.41
CA HIS A 59 -13.13 -4.23 1.51
C HIS A 59 -14.28 -3.62 0.73
N MET A 60 -14.41 -4.00 -0.53
CA MET A 60 -15.48 -3.48 -1.38
C MET A 60 -16.82 -3.49 -0.64
N LYS A 61 -16.96 -4.42 0.29
CA LYS A 61 -18.19 -4.53 1.08
C LYS A 61 -18.48 -3.24 1.83
N LEU A 62 -17.43 -2.63 2.36
CA LEU A 62 -17.56 -1.38 3.11
C LEU A 62 -18.29 -0.32 2.28
N HIS A 63 -17.88 -0.18 1.03
CA HIS A 63 -18.50 0.79 0.12
C HIS A 63 -20.01 0.55 0.03
N SER A 64 -20.39 -0.71 -0.10
CA SER A 64 -21.80 -1.07 -0.21
C SER A 64 -22.39 -1.38 1.15
N ASP A 65 -21.68 -0.98 2.21
CA ASP A 65 -22.13 -1.21 3.57
C ASP A 65 -23.40 -0.41 3.87
N THR A 66 -23.38 0.87 3.51
CA THR A 66 -24.52 1.75 3.74
C THR A 66 -25.73 1.28 2.95
N ARG A 67 -26.92 1.49 3.50
CA ARG A 67 -28.15 1.10 2.85
C ARG A 67 -28.60 2.15 1.84
N ASP A 68 -29.52 1.77 0.96
CA ASP A 68 -30.02 2.69 -0.06
C ASP A 68 -31.19 3.52 0.49
N TYR A 69 -32.23 2.82 0.93
CA TYR A 69 -33.41 3.50 1.47
C TYR A 69 -33.97 4.51 0.48
N ILE A 70 -34.04 4.11 -0.79
CA ILE A 70 -34.55 4.98 -1.84
C ILE A 70 -36.08 5.00 -1.84
N CYS A 71 -36.65 6.15 -2.17
CA CYS A 71 -38.10 6.31 -2.21
C CYS A 71 -38.72 5.27 -3.13
N GLU A 72 -39.80 4.64 -2.67
CA GLU A 72 -40.50 3.62 -3.46
C GLU A 72 -41.99 3.64 -3.17
N PHE A 73 -42.78 3.13 -4.12
CA PHE A 73 -44.22 3.09 -3.96
C PHE A 73 -44.79 1.81 -4.57
N SER A 74 -45.59 1.09 -3.78
CA SER A 74 -46.20 -0.16 -4.23
C SER A 74 -47.58 -0.35 -3.61
N GLY A 75 -48.61 -0.30 -4.44
CA GLY A 75 -49.97 -0.48 -3.95
C GLY A 75 -50.32 -1.93 -3.71
N PRO A 76 -51.27 -2.17 -2.80
CA PRO A 76 -51.71 -3.53 -2.46
C PRO A 76 -52.50 -4.19 -3.60
N SER A 77 -52.62 -5.51 -3.53
CA SER A 77 -53.34 -6.26 -4.55
C SER A 77 -54.85 -6.07 -4.41
N SER A 78 -55.53 -5.93 -5.55
CA SER A 78 -56.97 -5.72 -5.55
C SER A 78 -57.71 -7.04 -5.32
N GLY A 79 -59.03 -6.98 -5.25
CA GLY A 79 -59.83 -8.18 -5.04
C GLY A 79 -61.01 -7.93 -4.12
ZN ZN B . 12.44 0.25 -0.78
ZN ZN C . -12.33 1.45 -1.40
N GLY A 1 26.03 22.77 2.63
CA GLY A 1 25.65 21.85 1.58
C GLY A 1 24.49 20.96 1.98
N SER A 2 24.20 19.95 1.16
CA SER A 2 23.10 19.04 1.44
C SER A 2 23.32 17.70 0.73
N SER A 3 22.85 16.62 1.35
CA SER A 3 22.99 15.28 0.78
C SER A 3 21.63 14.69 0.43
N GLY A 4 21.65 13.56 -0.27
CA GLY A 4 20.41 12.91 -0.66
C GLY A 4 20.58 12.02 -1.87
N SER A 5 20.62 10.72 -1.64
CA SER A 5 20.79 9.75 -2.71
C SER A 5 19.44 9.15 -3.12
N SER A 6 19.41 8.50 -4.28
CA SER A 6 18.18 7.88 -4.78
C SER A 6 17.54 7.02 -3.71
N GLY A 7 18.33 6.15 -3.09
CA GLY A 7 17.82 5.28 -2.05
C GLY A 7 17.37 3.94 -2.59
N MET A 8 17.16 2.98 -1.69
CA MET A 8 16.73 1.64 -2.09
C MET A 8 15.30 1.38 -1.63
N PRO A 9 14.40 1.11 -2.59
CA PRO A 9 12.99 0.83 -2.30
C PRO A 9 12.80 -0.51 -1.62
N CYS A 10 11.72 -0.63 -0.85
CA CYS A 10 11.41 -1.86 -0.13
C CYS A 10 10.88 -2.92 -1.09
N ASP A 11 11.68 -3.96 -1.32
CA ASP A 11 11.29 -5.04 -2.20
C ASP A 11 9.83 -5.41 -2.01
N PHE A 12 9.36 -5.31 -0.78
CA PHE A 12 7.97 -5.63 -0.46
C PHE A 12 7.01 -4.69 -1.18
N PRO A 13 6.00 -5.27 -1.86
CA PRO A 13 5.01 -4.50 -2.60
C PRO A 13 4.07 -3.71 -1.69
N GLY A 14 3.56 -2.59 -2.20
CA GLY A 14 2.66 -1.76 -1.41
C GLY A 14 3.40 -0.86 -0.45
N CYS A 15 4.35 -1.42 0.29
CA CYS A 15 5.14 -0.66 1.25
C CYS A 15 5.44 0.74 0.71
N GLY A 16 6.16 0.79 -0.41
CA GLY A 16 6.51 2.06 -1.01
C GLY A 16 7.44 2.88 -0.13
N ARG A 17 8.48 2.24 0.38
CA ARG A 17 9.44 2.91 1.25
C ARG A 17 10.85 2.79 0.68
N ILE A 18 11.68 3.80 0.95
CA ILE A 18 13.06 3.81 0.47
C ILE A 18 14.03 4.14 1.59
N PHE A 19 15.17 3.45 1.62
CA PHE A 19 16.19 3.68 2.64
C PHE A 19 17.56 3.87 2.00
N SER A 20 18.37 4.72 2.62
CA SER A 20 19.71 5.00 2.10
C SER A 20 20.61 3.78 2.26
N ASN A 21 20.78 3.33 3.50
CA ASN A 21 21.61 2.17 3.80
C ASN A 21 20.81 0.88 3.71
N ARG A 22 21.49 -0.25 3.80
CA ARG A 22 20.84 -1.55 3.74
C ARG A 22 20.33 -1.97 5.12
N GLN A 23 21.24 -2.01 6.08
CA GLN A 23 20.88 -2.39 7.45
C GLN A 23 19.49 -1.88 7.81
N TYR A 24 19.19 -0.65 7.39
CA TYR A 24 17.89 -0.04 7.68
C TYR A 24 16.78 -0.79 6.97
N LEU A 25 16.99 -1.10 5.70
CA LEU A 25 15.99 -1.81 4.91
C LEU A 25 15.69 -3.18 5.51
N ASN A 26 16.72 -4.02 5.63
CA ASN A 26 16.57 -5.34 6.20
C ASN A 26 15.86 -5.28 7.56
N HIS A 27 16.41 -4.47 8.46
CA HIS A 27 15.84 -4.32 9.79
C HIS A 27 14.37 -3.91 9.71
N HIS A 28 14.04 -3.10 8.72
CA HIS A 28 12.66 -2.64 8.53
C HIS A 28 11.77 -3.79 8.08
N LYS A 29 12.27 -4.60 7.16
CA LYS A 29 11.52 -5.73 6.64
C LYS A 29 11.37 -6.82 7.70
N LYS A 30 12.30 -6.84 8.65
CA LYS A 30 12.26 -7.82 9.73
C LYS A 30 11.47 -7.29 10.92
N TYR A 31 11.34 -5.97 11.01
CA TYR A 31 10.61 -5.35 12.10
C TYR A 31 9.19 -5.00 11.67
N GLN A 32 9.06 -4.13 10.67
CA GLN A 32 7.77 -3.73 10.17
C GLN A 32 7.05 -4.88 9.48
N HIS A 33 7.71 -5.45 8.47
CA HIS A 33 7.14 -6.57 7.72
C HIS A 33 7.34 -7.89 8.48
N ILE A 34 7.72 -7.78 9.75
CA ILE A 34 7.96 -8.96 10.58
C ILE A 34 6.91 -10.03 10.31
N HIS A 35 5.65 -9.62 10.22
CA HIS A 35 4.55 -10.54 9.95
C HIS A 35 3.83 -10.18 8.66
N GLN A 36 2.85 -10.99 8.29
CA GLN A 36 2.08 -10.76 7.08
C GLN A 36 1.05 -9.64 7.29
N LYS A 37 1.09 -8.64 6.41
CA LYS A 37 0.17 -7.52 6.49
C LYS A 37 -0.92 -7.62 5.43
N SER A 38 -1.95 -6.80 5.56
CA SER A 38 -3.06 -6.80 4.61
C SER A 38 -3.15 -5.46 3.88
N PHE A 39 -3.89 -5.45 2.78
CA PHE A 39 -4.05 -4.24 1.99
C PHE A 39 -5.02 -3.28 2.67
N SER A 40 -4.89 -1.99 2.35
CA SER A 40 -5.74 -0.96 2.93
C SER A 40 -6.28 -0.03 1.85
N CYS A 41 -7.46 0.52 2.11
CA CYS A 41 -8.09 1.44 1.16
C CYS A 41 -7.44 2.82 1.21
N PRO A 42 -7.00 3.30 0.04
CA PRO A 42 -6.35 4.61 -0.08
C PRO A 42 -7.32 5.76 0.15
N GLU A 43 -8.60 5.44 0.31
CA GLU A 43 -9.62 6.45 0.54
C GLU A 43 -9.59 6.94 1.99
N PRO A 44 -9.57 8.27 2.17
CA PRO A 44 -9.54 8.88 3.50
C PRO A 44 -10.86 8.70 4.25
N ALA A 45 -11.96 9.04 3.59
CA ALA A 45 -13.28 8.91 4.20
C ALA A 45 -13.59 7.46 4.54
N CYS A 46 -13.35 6.58 3.57
CA CYS A 46 -13.61 5.15 3.77
C CYS A 46 -12.51 4.51 4.61
N GLY A 47 -11.26 4.65 4.16
CA GLY A 47 -10.14 4.08 4.89
C GLY A 47 -10.48 2.75 5.54
N LYS A 48 -11.00 1.82 4.74
CA LYS A 48 -11.37 0.50 5.24
C LYS A 48 -10.20 -0.47 5.13
N SER A 49 -10.34 -1.63 5.78
CA SER A 49 -9.29 -2.64 5.75
C SER A 49 -9.87 -4.00 5.33
N PHE A 50 -8.99 -4.87 4.85
CA PHE A 50 -9.41 -6.21 4.42
C PHE A 50 -8.25 -7.19 4.49
N ASN A 51 -8.42 -8.24 5.29
CA ASN A 51 -7.38 -9.25 5.45
C ASN A 51 -7.11 -9.97 4.12
N PHE A 52 -8.17 -10.31 3.42
CA PHE A 52 -8.05 -10.99 2.13
C PHE A 52 -7.75 -10.00 1.01
N LYS A 53 -7.11 -10.48 -0.05
CA LYS A 53 -6.76 -9.64 -1.19
C LYS A 53 -7.91 -9.58 -2.19
N LYS A 54 -8.63 -10.69 -2.33
CA LYS A 54 -9.75 -10.76 -3.27
C LYS A 54 -10.91 -9.90 -2.78
N HIS A 55 -11.08 -9.83 -1.46
CA HIS A 55 -12.15 -9.04 -0.86
C HIS A 55 -11.87 -7.55 -1.01
N LEU A 56 -10.60 -7.21 -1.18
CA LEU A 56 -10.19 -5.81 -1.33
C LEU A 56 -10.38 -5.35 -2.78
N LYS A 57 -9.91 -6.15 -3.71
CA LYS A 57 -10.03 -5.82 -5.13
C LYS A 57 -11.48 -5.50 -5.50
N GLU A 58 -12.40 -6.35 -5.04
CA GLU A 58 -13.82 -6.16 -5.32
C GLU A 58 -14.34 -4.92 -4.61
N HIS A 59 -13.56 -4.41 -3.66
CA HIS A 59 -13.95 -3.22 -2.91
C HIS A 59 -13.46 -1.95 -3.60
N MET A 60 -12.45 -2.10 -4.45
CA MET A 60 -11.89 -0.97 -5.17
C MET A 60 -12.62 -0.76 -6.50
N LYS A 61 -13.00 -1.85 -7.14
CA LYS A 61 -13.71 -1.78 -8.41
C LYS A 61 -14.78 -0.70 -8.38
N LEU A 62 -15.24 -0.35 -7.18
CA LEU A 62 -16.26 0.67 -7.02
C LEU A 62 -15.63 2.02 -6.68
N HIS A 63 -14.46 1.99 -6.05
CA HIS A 63 -13.76 3.21 -5.69
C HIS A 63 -13.10 3.86 -6.90
N SER A 64 -12.42 3.04 -7.70
CA SER A 64 -11.75 3.53 -8.89
C SER A 64 -12.61 3.31 -10.13
N ASP A 65 -13.90 3.07 -9.92
CA ASP A 65 -14.84 2.85 -11.01
C ASP A 65 -14.96 4.09 -11.88
N THR A 66 -15.74 3.99 -12.96
CA THR A 66 -15.94 5.11 -13.87
C THR A 66 -16.64 6.27 -13.16
N ARG A 67 -17.51 5.95 -12.22
CA ARG A 67 -18.24 6.97 -11.47
C ARG A 67 -17.28 7.98 -10.85
N ASP A 68 -16.04 7.55 -10.64
CA ASP A 68 -15.03 8.43 -10.05
C ASP A 68 -14.40 9.32 -11.11
N TYR A 69 -14.79 10.60 -11.09
CA TYR A 69 -14.27 11.57 -12.05
C TYR A 69 -14.26 12.97 -11.45
N ILE A 70 -13.72 13.92 -12.21
CA ILE A 70 -13.64 15.30 -11.75
C ILE A 70 -14.40 16.24 -12.69
N CYS A 71 -15.18 17.13 -12.10
CA CYS A 71 -15.96 18.09 -12.88
C CYS A 71 -15.06 19.13 -13.54
N GLU A 72 -14.28 19.83 -12.71
CA GLU A 72 -13.37 20.86 -13.21
C GLU A 72 -12.37 20.27 -14.18
N PHE A 73 -11.84 21.10 -15.08
CA PHE A 73 -10.87 20.65 -16.07
C PHE A 73 -9.89 19.66 -15.44
N SER A 74 -9.18 20.10 -14.41
CA SER A 74 -8.20 19.26 -13.74
C SER A 74 -8.52 19.14 -12.25
N GLY A 75 -8.28 17.96 -11.69
CA GLY A 75 -8.54 17.75 -10.28
C GLY A 75 -7.72 18.67 -9.38
N PRO A 76 -7.54 18.26 -8.12
CA PRO A 76 -6.78 19.03 -7.14
C PRO A 76 -5.29 19.05 -7.45
N SER A 77 -4.88 19.99 -8.29
CA SER A 77 -3.47 20.12 -8.67
C SER A 77 -2.59 20.34 -7.44
N SER A 78 -1.45 19.66 -7.41
CA SER A 78 -0.53 19.78 -6.29
C SER A 78 0.89 20.06 -6.79
N GLY A 79 1.67 20.78 -5.98
CA GLY A 79 3.03 21.11 -6.36
C GLY A 79 3.99 20.99 -5.20
ZN ZN B . 8.68 -2.30 3.73
ZN ZN C . -12.89 1.78 0.43
N GLY A 1 23.48 19.06 10.36
CA GLY A 1 22.94 18.99 9.02
C GLY A 1 23.94 18.47 8.01
N SER A 2 23.73 17.25 7.53
CA SER A 2 24.62 16.64 6.57
C SER A 2 24.18 16.94 5.14
N SER A 3 25.13 16.94 4.22
CA SER A 3 24.85 17.22 2.82
C SER A 3 24.43 15.95 2.07
N GLY A 4 25.26 14.91 2.19
CA GLY A 4 24.97 13.65 1.53
C GLY A 4 23.82 12.91 2.17
N SER A 5 22.73 12.73 1.43
CA SER A 5 21.55 12.04 1.94
C SER A 5 20.76 11.41 0.79
N SER A 6 20.79 10.09 0.71
CA SER A 6 20.08 9.37 -0.33
C SER A 6 19.46 8.09 0.22
N GLY A 7 18.34 7.68 -0.38
CA GLY A 7 17.66 6.48 0.07
C GLY A 7 16.18 6.49 -0.28
N MET A 8 15.49 5.39 0.03
CA MET A 8 14.07 5.27 -0.25
C MET A 8 13.26 5.32 1.04
N PRO A 9 12.42 6.35 1.18
CA PRO A 9 11.56 6.53 2.36
C PRO A 9 10.46 5.49 2.44
N CYS A 10 10.05 5.16 3.67
CA CYS A 10 9.00 4.17 3.88
C CYS A 10 7.63 4.74 3.51
N ASP A 11 7.09 4.26 2.38
CA ASP A 11 5.79 4.71 1.91
C ASP A 11 4.85 5.01 3.08
N PHE A 12 4.90 4.15 4.10
CA PHE A 12 4.06 4.31 5.28
C PHE A 12 4.31 5.67 5.95
N PRO A 13 3.23 6.41 6.22
CA PRO A 13 3.31 7.73 6.85
C PRO A 13 3.73 7.63 8.32
N GLY A 14 4.42 8.66 8.80
CA GLY A 14 4.87 8.67 10.18
C GLY A 14 6.15 7.89 10.39
N CYS A 15 6.20 6.68 9.83
CA CYS A 15 7.38 5.83 9.97
C CYS A 15 8.66 6.66 9.94
N GLY A 16 8.84 7.41 8.86
CA GLY A 16 10.02 8.25 8.72
C GLY A 16 11.30 7.43 8.64
N ARG A 17 11.29 6.41 7.79
CA ARG A 17 12.46 5.54 7.62
C ARG A 17 12.89 5.51 6.16
N ILE A 18 14.20 5.41 5.95
CA ILE A 18 14.75 5.36 4.60
C ILE A 18 15.71 4.19 4.44
N PHE A 19 15.65 3.53 3.28
CA PHE A 19 16.52 2.39 3.00
C PHE A 19 17.14 2.51 1.62
N SER A 20 18.41 2.14 1.51
CA SER A 20 19.13 2.21 0.25
C SER A 20 18.60 1.18 -0.74
N ASN A 21 18.50 -0.06 -0.29
CA ASN A 21 18.00 -1.14 -1.14
C ASN A 21 16.51 -1.36 -0.91
N ARG A 22 15.86 -2.01 -1.87
CA ARG A 22 14.43 -2.30 -1.77
C ARG A 22 14.16 -3.45 -0.81
N GLN A 23 14.87 -4.56 -1.02
CA GLN A 23 14.70 -5.73 -0.17
C GLN A 23 14.49 -5.33 1.29
N TYR A 24 15.35 -4.45 1.78
CA TYR A 24 15.27 -3.99 3.17
C TYR A 24 13.94 -3.28 3.41
N LEU A 25 13.48 -2.53 2.43
CA LEU A 25 12.22 -1.80 2.54
C LEU A 25 11.05 -2.77 2.71
N ASN A 26 10.82 -3.60 1.69
CA ASN A 26 9.74 -4.56 1.73
C ASN A 26 9.85 -5.47 2.95
N HIS A 27 11.08 -5.77 3.35
CA HIS A 27 11.32 -6.61 4.51
C HIS A 27 10.97 -5.87 5.81
N HIS A 28 11.36 -4.61 5.88
CA HIS A 28 11.09 -3.80 7.06
C HIS A 28 9.59 -3.68 7.30
N LYS A 29 8.83 -3.52 6.22
CA LYS A 29 7.38 -3.39 6.31
C LYS A 29 6.73 -4.76 6.53
N LYS A 30 7.44 -5.81 6.16
CA LYS A 30 6.93 -7.17 6.33
C LYS A 30 7.41 -7.78 7.65
N TYR A 31 8.26 -7.04 8.35
CA TYR A 31 8.80 -7.52 9.63
C TYR A 31 8.39 -6.58 10.77
N GLN A 32 8.34 -5.29 10.47
CA GLN A 32 7.95 -4.29 11.47
C GLN A 32 6.48 -3.93 11.33
N HIS A 33 6.10 -3.50 10.13
CA HIS A 33 4.72 -3.11 9.86
C HIS A 33 3.82 -4.33 9.73
N ILE A 34 4.40 -5.50 10.00
CA ILE A 34 3.64 -6.76 9.91
C ILE A 34 2.99 -7.09 11.25
N HIS A 35 3.03 -6.14 12.17
CA HIS A 35 2.44 -6.35 13.49
C HIS A 35 0.94 -6.02 13.47
N GLN A 36 0.60 -4.86 12.92
CA GLN A 36 -0.80 -4.43 12.85
C GLN A 36 -1.65 -5.51 12.20
N LYS A 37 -2.66 -5.97 12.92
CA LYS A 37 -3.56 -7.01 12.42
C LYS A 37 -4.42 -6.47 11.28
N SER A 38 -5.18 -5.42 11.56
CA SER A 38 -6.05 -4.80 10.57
C SER A 38 -5.25 -3.86 9.66
N PHE A 39 -5.07 -4.28 8.41
CA PHE A 39 -4.33 -3.46 7.45
C PHE A 39 -5.20 -2.33 6.89
N SER A 40 -4.57 -1.23 6.54
CA SER A 40 -5.28 -0.07 6.00
C SER A 40 -4.75 0.30 4.63
N CYS A 41 -5.60 0.92 3.81
CA CYS A 41 -5.22 1.34 2.47
C CYS A 41 -4.36 2.59 2.52
N PRO A 42 -3.27 2.58 1.73
CA PRO A 42 -2.33 3.71 1.67
C PRO A 42 -2.93 4.93 0.98
N GLU A 43 -4.20 4.81 0.59
CA GLU A 43 -4.89 5.91 -0.07
C GLU A 43 -5.64 6.78 0.94
N PRO A 44 -5.37 8.09 0.89
CA PRO A 44 -6.01 9.06 1.79
C PRO A 44 -7.49 9.25 1.49
N ALA A 45 -7.80 9.50 0.22
CA ALA A 45 -9.18 9.70 -0.20
C ALA A 45 -10.02 8.45 0.05
N CYS A 46 -9.47 7.30 -0.31
CA CYS A 46 -10.17 6.03 -0.12
C CYS A 46 -10.26 5.67 1.36
N GLY A 47 -9.11 5.63 2.03
CA GLY A 47 -9.09 5.30 3.44
C GLY A 47 -10.03 4.15 3.78
N LYS A 48 -9.64 2.94 3.43
CA LYS A 48 -10.45 1.76 3.70
C LYS A 48 -9.61 0.65 4.30
N SER A 49 -10.24 -0.21 5.10
CA SER A 49 -9.55 -1.33 5.73
C SER A 49 -10.41 -2.59 5.70
N PHE A 50 -9.75 -3.74 5.55
CA PHE A 50 -10.45 -5.01 5.51
C PHE A 50 -9.77 -6.04 6.42
N ASN A 51 -10.52 -7.05 6.82
CA ASN A 51 -10.00 -8.09 7.69
C ASN A 51 -9.24 -9.14 6.89
N PHE A 52 -9.94 -9.78 5.95
CA PHE A 52 -9.33 -10.80 5.11
C PHE A 52 -8.42 -10.19 4.07
N LYS A 53 -7.22 -10.74 3.92
CA LYS A 53 -6.25 -10.24 2.96
C LYS A 53 -6.79 -10.37 1.53
N LYS A 54 -7.30 -11.55 1.20
CA LYS A 54 -7.85 -11.79 -0.13
C LYS A 54 -8.69 -10.61 -0.60
N HIS A 55 -9.41 -9.99 0.33
CA HIS A 55 -10.26 -8.85 0.01
C HIS A 55 -9.41 -7.66 -0.43
N LEU A 56 -8.42 -7.29 0.38
CA LEU A 56 -7.54 -6.17 0.07
C LEU A 56 -6.97 -6.30 -1.34
N LYS A 57 -6.65 -7.54 -1.73
CA LYS A 57 -6.10 -7.80 -3.06
C LYS A 57 -6.97 -7.18 -4.14
N GLU A 58 -8.24 -7.59 -4.18
CA GLU A 58 -9.18 -7.08 -5.16
C GLU A 58 -9.47 -5.60 -4.93
N HIS A 59 -9.14 -5.13 -3.73
CA HIS A 59 -9.38 -3.74 -3.36
C HIS A 59 -8.30 -2.84 -3.95
N MET A 60 -7.13 -3.41 -4.20
CA MET A 60 -6.02 -2.65 -4.77
C MET A 60 -6.13 -2.58 -6.29
N LYS A 61 -6.34 -3.73 -6.92
CA LYS A 61 -6.47 -3.79 -8.37
C LYS A 61 -7.53 -2.81 -8.87
N LEU A 62 -8.62 -2.69 -8.12
CA LEU A 62 -9.70 -1.78 -8.47
C LEU A 62 -9.20 -0.35 -8.58
N HIS A 63 -8.37 0.06 -7.63
CA HIS A 63 -7.82 1.41 -7.62
C HIS A 63 -7.17 1.73 -8.97
N SER A 64 -6.57 0.73 -9.59
CA SER A 64 -5.92 0.92 -10.89
C SER A 64 -6.84 1.62 -11.87
N ASP A 65 -8.12 1.24 -11.85
CA ASP A 65 -9.11 1.82 -12.73
C ASP A 65 -9.13 3.34 -12.59
N THR A 66 -9.14 3.82 -11.36
CA THR A 66 -9.16 5.26 -11.08
C THR A 66 -10.41 5.90 -11.66
N ARG A 67 -11.57 5.28 -11.42
CA ARG A 67 -12.83 5.79 -11.92
C ARG A 67 -13.84 5.94 -10.78
N ASP A 68 -14.27 7.16 -10.53
CA ASP A 68 -15.24 7.43 -9.47
C ASP A 68 -16.67 7.22 -9.97
N TYR A 69 -17.62 7.25 -9.05
CA TYR A 69 -19.03 7.06 -9.40
C TYR A 69 -19.27 5.66 -9.94
N ILE A 70 -18.65 4.67 -9.29
CA ILE A 70 -18.80 3.27 -9.71
C ILE A 70 -19.32 2.41 -8.57
N CYS A 71 -20.16 1.44 -8.91
CA CYS A 71 -20.72 0.54 -7.90
C CYS A 71 -21.40 -0.66 -8.58
N GLU A 72 -21.88 -1.59 -7.76
CA GLU A 72 -22.55 -2.78 -8.27
C GLU A 72 -21.60 -3.61 -9.14
N PHE A 73 -20.37 -3.79 -8.66
CA PHE A 73 -19.37 -4.55 -9.39
C PHE A 73 -19.41 -6.02 -8.99
N SER A 74 -19.41 -6.29 -7.70
CA SER A 74 -19.45 -7.65 -7.19
C SER A 74 -20.36 -7.75 -5.97
N GLY A 75 -20.89 -8.94 -5.73
CA GLY A 75 -21.78 -9.15 -4.60
C GLY A 75 -21.04 -9.16 -3.28
N PRO A 76 -21.75 -8.82 -2.20
CA PRO A 76 -21.17 -8.78 -0.85
C PRO A 76 -20.83 -10.16 -0.32
N SER A 77 -19.63 -10.30 0.23
CA SER A 77 -19.18 -11.57 0.77
C SER A 77 -20.08 -12.02 1.92
N SER A 78 -20.38 -13.32 1.95
CA SER A 78 -21.23 -13.88 2.99
C SER A 78 -20.40 -14.39 4.17
N GLY A 79 -21.02 -14.42 5.34
CA GLY A 79 -20.32 -14.88 6.53
C GLY A 79 -20.01 -16.36 6.47
ZN ZN B . 8.22 1.62 7.90
ZN ZN C . -8.22 1.68 -1.08
N GLY A 1 24.90 2.16 12.55
CA GLY A 1 25.65 1.85 13.76
C GLY A 1 26.38 3.05 14.31
N SER A 2 27.28 2.81 15.27
CA SER A 2 28.05 3.88 15.89
C SER A 2 28.64 4.81 14.83
N SER A 3 29.43 4.24 13.93
CA SER A 3 30.07 5.00 12.86
C SER A 3 29.03 5.46 11.83
N GLY A 4 27.78 5.07 12.05
CA GLY A 4 26.72 5.45 11.14
C GLY A 4 25.65 6.30 11.80
N SER A 5 25.89 7.60 11.87
CA SER A 5 24.94 8.52 12.49
C SER A 5 23.84 8.90 11.52
N SER A 6 23.94 8.40 10.29
CA SER A 6 22.94 8.68 9.27
C SER A 6 21.92 7.57 9.18
N GLY A 7 20.75 7.88 8.62
CA GLY A 7 19.70 6.89 8.48
C GLY A 7 18.87 7.09 7.23
N MET A 8 18.35 6.00 6.68
CA MET A 8 17.54 6.06 5.47
C MET A 8 16.17 5.44 5.71
N PRO A 9 15.12 6.09 5.18
CA PRO A 9 13.74 5.62 5.31
C PRO A 9 13.48 4.35 4.51
N CYS A 10 12.33 3.73 4.77
CA CYS A 10 11.96 2.51 4.07
C CYS A 10 11.37 2.82 2.69
N ASP A 11 12.04 2.34 1.65
CA ASP A 11 11.58 2.57 0.28
C ASP A 11 10.07 2.39 0.18
N PHE A 12 9.56 1.34 0.82
CA PHE A 12 8.12 1.07 0.80
C PHE A 12 7.33 2.22 1.40
N PRO A 13 6.28 2.65 0.70
CA PRO A 13 5.42 3.75 1.14
C PRO A 13 4.57 3.37 2.35
N GLY A 14 4.16 4.38 3.12
CA GLY A 14 3.36 4.13 4.31
C GLY A 14 4.18 3.60 5.46
N CYS A 15 4.92 2.53 5.21
CA CYS A 15 5.75 1.92 6.24
C CYS A 15 6.33 2.98 7.18
N GLY A 16 6.97 3.98 6.60
CA GLY A 16 7.56 5.04 7.39
C GLY A 16 8.59 4.54 8.38
N ARG A 17 9.48 3.68 7.90
CA ARG A 17 10.52 3.12 8.75
C ARG A 17 11.90 3.65 8.36
N ILE A 18 12.77 3.80 9.35
CA ILE A 18 14.12 4.31 9.11
C ILE A 18 15.17 3.37 9.69
N PHE A 19 16.32 3.29 9.03
CA PHE A 19 17.41 2.43 9.48
C PHE A 19 18.76 3.11 9.28
N SER A 20 19.75 2.68 10.05
CA SER A 20 21.09 3.24 9.97
C SER A 20 21.92 2.52 8.90
N ASN A 21 21.85 1.20 8.91
CA ASN A 21 22.59 0.39 7.94
C ASN A 21 21.68 -0.10 6.82
N ARG A 22 22.17 -0.03 5.59
CA ARG A 22 21.40 -0.47 4.44
C ARG A 22 21.05 -1.95 4.55
N GLN A 23 21.98 -2.75 5.05
CA GLN A 23 21.77 -4.18 5.21
C GLN A 23 20.44 -4.46 5.91
N TYR A 24 20.20 -3.76 7.01
CA TYR A 24 18.97 -3.93 7.78
C TYR A 24 17.76 -3.49 6.96
N LEU A 25 17.89 -2.37 6.26
CA LEU A 25 16.82 -1.85 5.43
C LEU A 25 16.32 -2.90 4.45
N ASN A 26 17.25 -3.57 3.78
CA ASN A 26 16.91 -4.60 2.82
C ASN A 26 16.31 -5.82 3.51
N HIS A 27 16.93 -6.24 4.60
CA HIS A 27 16.46 -7.40 5.36
C HIS A 27 15.05 -7.15 5.90
N HIS A 28 14.78 -5.89 6.29
CA HIS A 28 13.48 -5.53 6.83
C HIS A 28 12.39 -5.70 5.78
N LYS A 29 12.66 -5.24 4.57
CA LYS A 29 11.71 -5.33 3.47
C LYS A 29 11.54 -6.78 3.04
N LYS A 30 12.64 -7.53 2.98
CA LYS A 30 12.61 -8.92 2.58
C LYS A 30 11.95 -9.79 3.65
N TYR A 31 11.91 -9.28 4.88
CA TYR A 31 11.31 -9.99 5.99
C TYR A 31 9.87 -9.51 6.23
N GLN A 32 9.75 -8.27 6.69
CA GLN A 32 8.45 -7.69 6.98
C GLN A 32 7.60 -7.64 5.71
N HIS A 33 8.08 -6.92 4.70
CA HIS A 33 7.36 -6.79 3.44
C HIS A 33 7.54 -8.04 2.58
N ILE A 34 8.13 -9.08 3.17
CA ILE A 34 8.36 -10.32 2.46
C ILE A 34 7.24 -10.62 1.48
N HIS A 35 6.02 -10.24 1.86
CA HIS A 35 4.85 -10.45 1.00
C HIS A 35 4.17 -9.14 0.67
N GLN A 36 3.11 -9.20 -0.13
CA GLN A 36 2.37 -8.01 -0.53
C GLN A 36 1.20 -7.76 0.41
N LYS A 37 0.86 -6.49 0.59
CA LYS A 37 -0.24 -6.11 1.46
C LYS A 37 -1.44 -5.62 0.65
N SER A 38 -1.16 -4.94 -0.46
CA SER A 38 -2.21 -4.42 -1.32
C SER A 38 -3.21 -5.52 -1.69
N PHE A 39 -4.49 -5.26 -1.44
CA PHE A 39 -5.54 -6.22 -1.73
C PHE A 39 -6.24 -5.87 -3.04
N SER A 40 -5.97 -6.64 -4.09
CA SER A 40 -6.57 -6.41 -5.39
C SER A 40 -7.98 -6.99 -5.45
N CYS A 41 -8.88 -6.27 -6.12
CA CYS A 41 -10.26 -6.70 -6.25
C CYS A 41 -10.39 -7.81 -7.30
N PRO A 42 -11.14 -8.87 -6.95
CA PRO A 42 -11.35 -10.01 -7.85
C PRO A 42 -12.24 -9.66 -9.04
N GLU A 43 -12.72 -8.42 -9.06
CA GLU A 43 -13.58 -7.94 -10.14
C GLU A 43 -12.76 -7.26 -11.22
N PRO A 44 -12.96 -7.68 -12.48
CA PRO A 44 -12.25 -7.12 -13.63
C PRO A 44 -12.69 -5.70 -13.94
N ALA A 45 -13.99 -5.49 -14.05
CA ALA A 45 -14.54 -4.16 -14.33
C ALA A 45 -14.09 -3.14 -13.30
N CYS A 46 -14.11 -3.54 -12.03
CA CYS A 46 -13.70 -2.66 -10.94
C CYS A 46 -12.19 -2.46 -10.94
N GLY A 47 -11.45 -3.55 -10.97
CA GLY A 47 -10.00 -3.47 -10.97
C GLY A 47 -9.48 -2.31 -10.14
N LYS A 48 -9.57 -2.46 -8.82
CA LYS A 48 -9.10 -1.41 -7.91
C LYS A 48 -8.35 -2.02 -6.73
N SER A 49 -7.11 -1.59 -6.54
CA SER A 49 -6.28 -2.09 -5.45
C SER A 49 -6.23 -1.09 -4.29
N PHE A 50 -5.90 -1.58 -3.11
CA PHE A 50 -5.82 -0.72 -1.93
C PHE A 50 -4.60 -1.08 -1.10
N ASN A 51 -3.76 -0.07 -0.82
CA ASN A 51 -2.55 -0.28 -0.03
C ASN A 51 -2.80 -1.25 1.11
N PHE A 52 -3.86 -0.98 1.87
CA PHE A 52 -4.22 -1.84 3.01
C PHE A 52 -5.52 -2.58 2.74
N LYS A 53 -5.87 -3.48 3.65
CA LYS A 53 -7.10 -4.27 3.51
C LYS A 53 -8.29 -3.52 4.09
N LYS A 54 -8.07 -2.86 5.22
CA LYS A 54 -9.14 -2.10 5.88
C LYS A 54 -10.02 -1.41 4.86
N HIS A 55 -9.44 -1.07 3.71
CA HIS A 55 -10.17 -0.39 2.65
C HIS A 55 -10.90 -1.40 1.76
N LEU A 56 -10.20 -2.47 1.41
CA LEU A 56 -10.78 -3.51 0.57
C LEU A 56 -11.97 -4.17 1.25
N LYS A 57 -11.74 -4.70 2.45
CA LYS A 57 -12.79 -5.36 3.21
C LYS A 57 -14.12 -4.64 3.03
N GLU A 58 -14.13 -3.33 3.25
CA GLU A 58 -15.34 -2.53 3.10
C GLU A 58 -15.67 -2.32 1.63
N HIS A 59 -14.70 -1.80 0.88
CA HIS A 59 -14.89 -1.55 -0.55
C HIS A 59 -15.76 -2.64 -1.18
N MET A 60 -15.37 -3.89 -0.98
CA MET A 60 -16.12 -5.02 -1.54
C MET A 60 -17.63 -4.83 -1.33
N LYS A 61 -18.02 -4.52 -0.09
CA LYS A 61 -19.42 -4.31 0.23
C LYS A 61 -20.08 -3.38 -0.77
N LEU A 62 -19.35 -2.36 -1.21
CA LEU A 62 -19.87 -1.39 -2.17
C LEU A 62 -20.46 -2.11 -3.38
N HIS A 63 -19.79 -3.17 -3.83
CA HIS A 63 -20.25 -3.93 -4.98
C HIS A 63 -21.69 -4.38 -4.79
N SER A 64 -22.02 -4.79 -3.57
CA SER A 64 -23.37 -5.25 -3.25
C SER A 64 -24.39 -4.15 -3.49
N ASP A 65 -25.59 -4.54 -3.91
CA ASP A 65 -26.65 -3.57 -4.17
C ASP A 65 -27.05 -2.83 -2.89
N THR A 66 -26.73 -1.55 -2.83
CA THR A 66 -27.05 -0.74 -1.67
C THR A 66 -27.93 0.45 -2.05
N ARG A 67 -29.14 0.46 -1.50
CA ARG A 67 -30.09 1.54 -1.79
C ARG A 67 -29.80 2.76 -0.92
N ASP A 68 -29.88 2.58 0.39
CA ASP A 68 -29.62 3.67 1.32
C ASP A 68 -28.18 4.16 1.22
N TYR A 69 -27.93 5.38 1.66
CA TYR A 69 -26.60 5.97 1.60
C TYR A 69 -26.12 6.09 0.16
N ILE A 70 -26.99 6.60 -0.70
CA ILE A 70 -26.65 6.78 -2.11
C ILE A 70 -25.79 8.03 -2.33
N CYS A 71 -25.99 9.02 -1.47
CA CYS A 71 -25.23 10.27 -1.55
C CYS A 71 -25.36 10.88 -2.94
N GLU A 72 -26.57 10.83 -3.50
CA GLU A 72 -26.82 11.38 -4.83
C GLU A 72 -26.94 12.90 -4.77
N PHE A 73 -26.36 13.58 -5.75
CA PHE A 73 -26.40 15.02 -5.82
C PHE A 73 -27.82 15.52 -6.05
N SER A 74 -28.22 16.55 -5.30
CA SER A 74 -29.56 17.10 -5.42
C SER A 74 -29.58 18.27 -6.40
N GLY A 75 -30.67 18.38 -7.15
CA GLY A 75 -30.80 19.45 -8.13
C GLY A 75 -30.13 20.74 -7.66
N PRO A 76 -29.27 21.31 -8.53
CA PRO A 76 -28.56 22.56 -8.22
C PRO A 76 -29.49 23.76 -8.19
N SER A 77 -29.91 24.15 -6.98
CA SER A 77 -30.80 25.28 -6.81
C SER A 77 -30.17 26.56 -7.36
N SER A 78 -31.00 27.56 -7.60
CA SER A 78 -30.53 28.83 -8.14
C SER A 78 -31.21 30.00 -7.44
N GLY A 79 -30.40 30.93 -6.92
CA GLY A 79 -30.93 32.08 -6.23
C GLY A 79 -30.84 33.35 -7.06
ZN ZN B . 9.27 -1.21 5.55
ZN ZN C . -13.98 -3.79 -6.38
N GLY A 1 20.61 6.57 14.62
CA GLY A 1 21.88 6.78 15.27
C GLY A 1 22.12 8.23 15.64
N SER A 2 23.20 8.49 16.36
CA SER A 2 23.54 9.84 16.79
C SER A 2 23.52 10.80 15.61
N SER A 3 24.37 10.53 14.62
CA SER A 3 24.47 11.38 13.43
C SER A 3 23.18 11.31 12.62
N GLY A 4 22.98 12.27 11.74
CA GLY A 4 21.80 12.30 10.91
C GLY A 4 22.11 12.34 9.43
N SER A 5 21.16 11.94 8.60
CA SER A 5 21.35 11.93 7.15
C SER A 5 20.00 11.84 6.43
N SER A 6 20.02 12.17 5.15
CA SER A 6 18.81 12.14 4.34
C SER A 6 18.01 10.85 4.61
N GLY A 7 18.72 9.73 4.70
CA GLY A 7 18.06 8.46 4.94
C GLY A 7 17.19 8.02 3.79
N MET A 8 16.89 6.72 3.74
CA MET A 8 16.06 6.17 2.68
C MET A 8 14.67 5.83 3.20
N PRO A 9 13.66 6.58 2.74
CA PRO A 9 12.27 6.38 3.15
C PRO A 9 11.68 5.08 2.58
N CYS A 10 10.68 4.54 3.27
CA CYS A 10 10.03 3.31 2.84
C CYS A 10 9.03 3.58 1.73
N ASP A 11 9.30 2.99 0.56
CA ASP A 11 8.41 3.17 -0.60
C ASP A 11 6.95 3.02 -0.19
N PHE A 12 6.67 2.03 0.64
CA PHE A 12 5.31 1.78 1.10
C PHE A 12 4.72 3.04 1.75
N PRO A 13 3.54 3.44 1.27
CA PRO A 13 2.84 4.63 1.79
C PRO A 13 2.31 4.41 3.19
N GLY A 14 2.21 5.50 3.95
CA GLY A 14 1.71 5.41 5.32
C GLY A 14 2.75 4.90 6.28
N CYS A 15 3.44 3.83 5.89
CA CYS A 15 4.48 3.24 6.74
C CYS A 15 5.25 4.32 7.48
N GLY A 16 5.86 5.23 6.73
CA GLY A 16 6.62 6.31 7.34
C GLY A 16 7.89 5.81 8.01
N ARG A 17 8.62 4.96 7.30
CA ARG A 17 9.86 4.40 7.83
C ARG A 17 11.06 4.86 7.02
N ILE A 18 12.13 5.26 7.70
CA ILE A 18 13.34 5.73 7.04
C ILE A 18 14.56 5.00 7.56
N PHE A 19 15.45 4.60 6.64
CA PHE A 19 16.67 3.89 7.01
C PHE A 19 17.85 4.39 6.18
N SER A 20 18.96 4.69 6.86
CA SER A 20 20.15 5.17 6.19
C SER A 20 20.72 4.11 5.25
N ASN A 21 21.03 2.95 5.81
CA ASN A 21 21.58 1.85 5.02
C ASN A 21 20.47 1.08 4.32
N ARG A 22 20.54 1.06 2.98
CA ARG A 22 19.54 0.35 2.19
C ARG A 22 19.31 -1.05 2.71
N GLN A 23 20.41 -1.77 2.96
CA GLN A 23 20.33 -3.14 3.46
C GLN A 23 19.20 -3.28 4.48
N TYR A 24 19.16 -2.36 5.43
CA TYR A 24 18.13 -2.38 6.48
C TYR A 24 16.75 -2.18 5.88
N LEU A 25 16.62 -1.20 5.00
CA LEU A 25 15.34 -0.91 4.35
C LEU A 25 14.72 -2.19 3.78
N ASN A 26 15.48 -2.89 2.95
CA ASN A 26 14.99 -4.13 2.34
C ASN A 26 14.53 -5.11 3.41
N HIS A 27 15.41 -5.39 4.37
CA HIS A 27 15.09 -6.31 5.45
C HIS A 27 13.80 -5.90 6.16
N HIS A 28 13.65 -4.59 6.38
CA HIS A 28 12.47 -4.07 7.05
C HIS A 28 11.20 -4.48 6.33
N LYS A 29 11.20 -4.33 5.01
CA LYS A 29 10.05 -4.68 4.19
C LYS A 29 9.86 -6.20 4.16
N LYS A 30 10.95 -6.93 4.01
CA LYS A 30 10.91 -8.38 3.97
C LYS A 30 10.37 -8.95 5.28
N TYR A 31 10.54 -8.19 6.36
CA TYR A 31 10.07 -8.62 7.68
C TYR A 31 8.72 -7.99 8.00
N GLN A 32 8.72 -6.67 8.20
CA GLN A 32 7.51 -5.95 8.52
C GLN A 32 6.48 -6.08 7.39
N HIS A 33 6.90 -5.70 6.18
CA HIS A 33 6.02 -5.76 5.02
C HIS A 33 5.99 -7.18 4.45
N ILE A 34 6.42 -8.15 5.24
CA ILE A 34 6.46 -9.54 4.82
C ILE A 34 5.10 -9.98 4.28
N HIS A 35 5.11 -10.92 3.34
CA HIS A 35 3.87 -11.42 2.74
C HIS A 35 3.19 -12.41 3.68
N GLN A 36 2.08 -11.99 4.28
CA GLN A 36 1.34 -12.85 5.19
C GLN A 36 -0.10 -13.02 4.73
N LYS A 37 -0.78 -14.01 5.30
CA LYS A 37 -2.17 -14.29 4.93
C LYS A 37 -3.03 -13.04 5.12
N SER A 38 -3.65 -12.60 4.02
CA SER A 38 -4.50 -11.41 4.06
C SER A 38 -5.57 -11.47 2.97
N PHE A 39 -6.65 -10.74 3.17
CA PHE A 39 -7.74 -10.72 2.19
C PHE A 39 -7.28 -10.10 0.88
N SER A 40 -7.19 -10.93 -0.16
CA SER A 40 -6.76 -10.48 -1.47
C SER A 40 -7.94 -9.91 -2.26
N CYS A 41 -7.63 -9.01 -3.19
CA CYS A 41 -8.66 -8.38 -4.01
C CYS A 41 -9.15 -9.34 -5.09
N PRO A 42 -10.47 -9.62 -5.09
CA PRO A 42 -11.09 -10.52 -6.06
C PRO A 42 -11.12 -9.94 -7.46
N GLU A 43 -10.53 -8.75 -7.61
CA GLU A 43 -10.50 -8.08 -8.91
C GLU A 43 -9.67 -8.88 -9.91
N PRO A 44 -9.92 -8.64 -11.21
CA PRO A 44 -9.19 -9.33 -12.29
C PRO A 44 -7.74 -8.88 -12.39
N ALA A 45 -6.84 -9.69 -11.84
CA ALA A 45 -5.42 -9.38 -11.88
C ALA A 45 -5.15 -7.98 -11.33
N CYS A 46 -5.74 -7.68 -10.18
CA CYS A 46 -5.56 -6.39 -9.54
C CYS A 46 -4.18 -6.29 -8.88
N GLY A 47 -3.89 -7.24 -8.00
CA GLY A 47 -2.61 -7.25 -7.31
C GLY A 47 -2.60 -6.32 -6.11
N LYS A 48 -3.56 -6.50 -5.21
CA LYS A 48 -3.65 -5.68 -4.01
C LYS A 48 -4.45 -6.39 -2.92
N SER A 49 -3.92 -6.36 -1.70
CA SER A 49 -4.57 -7.01 -0.57
C SER A 49 -4.67 -6.06 0.62
N PHE A 50 -5.30 -6.52 1.69
CA PHE A 50 -5.46 -5.72 2.90
C PHE A 50 -5.67 -6.60 4.12
N ASN A 51 -5.36 -6.05 5.29
CA ASN A 51 -5.51 -6.79 6.55
C ASN A 51 -6.96 -6.77 7.02
N PHE A 52 -7.55 -5.58 7.08
CA PHE A 52 -8.92 -5.42 7.52
C PHE A 52 -9.88 -5.48 6.34
N LYS A 53 -10.93 -6.28 6.47
CA LYS A 53 -11.93 -6.42 5.42
C LYS A 53 -12.63 -5.10 5.14
N LYS A 54 -13.16 -4.49 6.19
CA LYS A 54 -13.87 -3.22 6.07
C LYS A 54 -13.17 -2.31 5.06
N HIS A 55 -11.83 -2.30 5.11
CA HIS A 55 -11.04 -1.47 4.20
C HIS A 55 -11.21 -1.94 2.75
N LEU A 56 -10.76 -3.16 2.47
CA LEU A 56 -10.86 -3.73 1.13
C LEU A 56 -12.17 -3.32 0.47
N LYS A 57 -13.19 -3.09 1.29
CA LYS A 57 -14.51 -2.69 0.78
C LYS A 57 -14.42 -1.38 0.00
N GLU A 58 -13.78 -0.39 0.60
CA GLU A 58 -13.63 0.91 -0.04
C GLU A 58 -12.69 0.83 -1.24
N HIS A 59 -11.77 -0.14 -1.20
CA HIS A 59 -10.81 -0.33 -2.28
C HIS A 59 -11.52 -0.79 -3.55
N MET A 60 -12.70 -1.39 -3.39
CA MET A 60 -13.47 -1.87 -4.53
C MET A 60 -14.32 -0.74 -5.11
N LYS A 61 -14.86 0.10 -4.24
CA LYS A 61 -15.70 1.21 -4.66
C LYS A 61 -15.18 1.83 -5.95
N LEU A 62 -13.86 2.03 -6.03
CA LEU A 62 -13.23 2.60 -7.21
C LEU A 62 -13.24 1.60 -8.36
N HIS A 63 -12.91 0.35 -8.06
CA HIS A 63 -12.87 -0.69 -9.07
C HIS A 63 -14.15 -0.70 -9.89
N SER A 64 -15.28 -0.52 -9.23
CA SER A 64 -16.58 -0.51 -9.90
C SER A 64 -16.69 0.66 -10.86
N ASP A 65 -17.75 0.68 -11.65
CA ASP A 65 -17.96 1.75 -12.62
C ASP A 65 -17.90 3.11 -11.95
N THR A 66 -17.34 4.09 -12.66
CA THR A 66 -17.21 5.45 -12.13
C THR A 66 -17.11 6.47 -13.26
N ARG A 67 -17.51 7.70 -12.96
CA ARG A 67 -17.46 8.77 -13.96
C ARG A 67 -17.66 10.13 -13.29
N ASP A 68 -17.12 11.17 -13.92
CA ASP A 68 -17.22 12.52 -13.39
C ASP A 68 -17.22 13.55 -14.52
N TYR A 69 -17.51 14.80 -14.17
CA TYR A 69 -17.55 15.87 -15.16
C TYR A 69 -17.25 17.22 -14.51
N ILE A 70 -17.02 18.24 -15.34
CA ILE A 70 -16.72 19.58 -14.85
C ILE A 70 -17.80 20.56 -15.26
N CYS A 71 -18.24 21.38 -14.31
CA CYS A 71 -19.27 22.38 -14.57
C CYS A 71 -18.86 23.74 -14.02
N GLU A 72 -19.53 24.79 -14.49
CA GLU A 72 -19.23 26.14 -14.04
C GLU A 72 -19.33 26.24 -12.51
N PHE A 73 -18.31 26.82 -11.90
CA PHE A 73 -18.27 26.98 -10.45
C PHE A 73 -19.04 28.24 -10.02
N SER A 74 -18.83 29.32 -10.76
CA SER A 74 -19.50 30.59 -10.45
C SER A 74 -20.97 30.55 -10.88
N GLY A 75 -21.85 31.03 -10.01
CA GLY A 75 -23.26 31.04 -10.32
C GLY A 75 -23.91 32.37 -10.00
N PRO A 76 -25.03 32.66 -10.68
CA PRO A 76 -25.78 33.91 -10.49
C PRO A 76 -26.46 33.97 -9.13
N SER A 77 -27.25 35.01 -8.91
CA SER A 77 -27.97 35.19 -7.66
C SER A 77 -26.99 35.29 -6.48
N SER A 78 -25.91 36.04 -6.68
CA SER A 78 -24.90 36.21 -5.65
C SER A 78 -25.47 36.96 -4.45
N GLY A 79 -25.91 38.20 -4.69
CA GLY A 79 -26.47 39.00 -3.62
C GLY A 79 -26.40 40.49 -3.91
ZN ZN B . 7.85 0.09 5.64
ZN ZN C . -8.21 -4.16 -6.11
N GLY A 1 30.47 13.36 -0.90
CA GLY A 1 29.99 13.35 0.47
C GLY A 1 30.14 11.99 1.12
N SER A 2 29.67 11.88 2.37
CA SER A 2 29.76 10.63 3.11
C SER A 2 28.60 10.50 4.09
N SER A 3 28.26 9.26 4.44
CA SER A 3 27.17 9.00 5.37
C SER A 3 25.84 9.50 4.80
N GLY A 4 25.63 9.25 3.51
CA GLY A 4 24.40 9.69 2.86
C GLY A 4 24.32 9.25 1.42
N SER A 5 24.31 7.94 1.20
CA SER A 5 24.25 7.39 -0.14
C SER A 5 22.81 7.46 -0.69
N SER A 6 22.69 7.45 -2.01
CA SER A 6 21.38 7.51 -2.65
C SER A 6 20.34 6.72 -1.87
N GLY A 7 20.69 5.47 -1.55
CA GLY A 7 19.77 4.62 -0.80
C GLY A 7 19.15 3.53 -1.66
N MET A 8 18.63 2.50 -1.01
CA MET A 8 18.01 1.39 -1.72
C MET A 8 16.50 1.41 -1.55
N PRO A 9 15.77 1.49 -2.68
CA PRO A 9 14.31 1.52 -2.69
C PRO A 9 13.70 0.18 -2.26
N CYS A 10 12.46 0.24 -1.79
CA CYS A 10 11.76 -0.96 -1.35
C CYS A 10 11.34 -1.82 -2.55
N ASP A 11 11.83 -3.06 -2.59
CA ASP A 11 11.51 -3.97 -3.67
C ASP A 11 10.03 -3.90 -4.01
N PHE A 12 9.18 -3.90 -2.99
CA PHE A 12 7.74 -3.85 -3.19
C PHE A 12 7.36 -2.62 -4.03
N PRO A 13 6.65 -2.86 -5.13
CA PRO A 13 6.20 -1.80 -6.03
C PRO A 13 5.12 -0.92 -5.41
N GLY A 14 5.17 0.38 -5.71
CA GLY A 14 4.19 1.30 -5.16
C GLY A 14 4.59 1.84 -3.80
N CYS A 15 5.09 0.97 -2.94
CA CYS A 15 5.51 1.36 -1.61
C CYS A 15 6.14 2.75 -1.63
N GLY A 16 7.30 2.85 -2.26
CA GLY A 16 7.99 4.13 -2.34
C GLY A 16 8.82 4.41 -1.11
N ARG A 17 9.49 3.38 -0.59
CA ARG A 17 10.32 3.53 0.58
C ARG A 17 11.80 3.34 0.23
N ILE A 18 12.65 4.19 0.81
CA ILE A 18 14.08 4.13 0.55
C ILE A 18 14.87 4.09 1.86
N PHE A 19 15.88 3.24 1.91
CA PHE A 19 16.72 3.10 3.09
C PHE A 19 18.19 2.99 2.72
N SER A 20 19.02 3.84 3.31
CA SER A 20 20.45 3.84 3.04
C SER A 20 21.06 2.46 3.31
N ASN A 21 20.73 1.90 4.47
CA ASN A 21 21.25 0.59 4.84
C ASN A 21 20.30 -0.51 4.38
N ARG A 22 20.83 -1.73 4.29
CA ARG A 22 20.03 -2.88 3.84
C ARG A 22 19.17 -3.41 4.99
N GLN A 23 19.81 -3.70 6.12
CA GLN A 23 19.10 -4.22 7.28
C GLN A 23 17.74 -3.55 7.44
N TYR A 24 17.73 -2.22 7.35
CA TYR A 24 16.49 -1.46 7.48
C TYR A 24 15.49 -1.86 6.41
N LEU A 25 15.96 -1.95 5.17
CA LEU A 25 15.10 -2.33 4.05
C LEU A 25 14.35 -3.63 4.35
N ASN A 26 15.10 -4.70 4.58
CA ASN A 26 14.50 -6.00 4.88
C ASN A 26 13.60 -5.91 6.11
N HIS A 27 14.11 -5.26 7.15
CA HIS A 27 13.34 -5.11 8.39
C HIS A 27 12.01 -4.41 8.13
N HIS A 28 12.02 -3.45 7.22
CA HIS A 28 10.82 -2.70 6.88
C HIS A 28 9.84 -3.59 6.12
N LYS A 29 10.36 -4.41 5.21
CA LYS A 29 9.52 -5.31 4.42
C LYS A 29 8.96 -6.42 5.29
N LYS A 30 9.47 -6.55 6.51
CA LYS A 30 9.01 -7.57 7.44
C LYS A 30 8.21 -6.94 8.57
N TYR A 31 8.44 -5.67 8.83
CA TYR A 31 7.73 -4.96 9.89
C TYR A 31 6.56 -4.16 9.32
N GLN A 32 6.84 -3.31 8.35
CA GLN A 32 5.81 -2.49 7.72
C GLN A 32 4.96 -3.33 6.77
N HIS A 33 5.62 -4.12 5.94
CA HIS A 33 4.93 -4.98 4.98
C HIS A 33 4.56 -6.32 5.60
N ILE A 34 4.62 -6.38 6.93
CA ILE A 34 4.30 -7.61 7.64
C ILE A 34 2.91 -8.13 7.26
N HIS A 35 2.73 -9.44 7.34
CA HIS A 35 1.45 -10.05 7.00
C HIS A 35 0.36 -9.62 7.98
N GLN A 36 0.73 -9.52 9.25
CA GLN A 36 -0.22 -9.12 10.29
C GLN A 36 -0.91 -7.81 9.91
N LYS A 37 -0.11 -6.82 9.53
CA LYS A 37 -0.64 -5.52 9.15
C LYS A 37 -1.69 -5.66 8.06
N SER A 38 -2.73 -4.84 8.14
CA SER A 38 -3.81 -4.87 7.15
C SER A 38 -3.77 -3.64 6.25
N PHE A 39 -4.66 -3.60 5.27
CA PHE A 39 -4.72 -2.48 4.34
C PHE A 39 -6.00 -1.68 4.52
N SER A 40 -5.88 -0.48 5.08
CA SER A 40 -7.03 0.37 5.32
C SER A 40 -7.49 1.04 4.03
N CYS A 41 -8.78 1.34 3.96
CA CYS A 41 -9.35 1.99 2.78
C CYS A 41 -9.10 3.49 2.80
N PRO A 42 -8.70 4.03 1.64
CA PRO A 42 -8.41 5.46 1.50
C PRO A 42 -9.67 6.32 1.58
N GLU A 43 -10.79 5.68 1.90
CA GLU A 43 -12.07 6.39 2.01
C GLU A 43 -12.49 6.50 3.47
N PRO A 44 -12.78 7.74 3.91
CA PRO A 44 -13.22 8.01 5.28
C PRO A 44 -14.62 7.47 5.57
N ALA A 45 -15.57 7.81 4.71
CA ALA A 45 -16.95 7.36 4.87
C ALA A 45 -17.04 5.84 4.74
N CYS A 46 -16.33 5.29 3.76
CA CYS A 46 -16.33 3.85 3.52
C CYS A 46 -15.92 3.10 4.78
N GLY A 47 -14.85 3.55 5.42
CA GLY A 47 -14.36 2.90 6.62
C GLY A 47 -14.52 1.39 6.57
N LYS A 48 -13.72 0.75 5.73
CA LYS A 48 -13.76 -0.70 5.58
C LYS A 48 -12.36 -1.29 5.46
N SER A 49 -11.93 -2.03 6.47
CA SER A 49 -10.60 -2.64 6.48
C SER A 49 -10.70 -4.12 6.15
N PHE A 50 -9.59 -4.68 5.67
CA PHE A 50 -9.55 -6.11 5.32
C PHE A 50 -8.39 -6.79 6.03
N ASN A 51 -8.29 -8.11 5.86
CA ASN A 51 -7.23 -8.89 6.49
C ASN A 51 -6.05 -9.05 5.54
N PHE A 52 -6.31 -9.62 4.37
CA PHE A 52 -5.26 -9.83 3.37
C PHE A 52 -5.39 -8.83 2.22
N LYS A 53 -4.26 -8.49 1.62
CA LYS A 53 -4.25 -7.55 0.50
C LYS A 53 -5.03 -8.10 -0.69
N LYS A 54 -4.81 -9.39 -0.98
CA LYS A 54 -5.50 -10.04 -2.09
C LYS A 54 -6.93 -9.55 -2.21
N HIS A 55 -7.62 -9.44 -1.09
CA HIS A 55 -9.00 -8.98 -1.07
C HIS A 55 -9.07 -7.46 -1.26
N LEU A 56 -8.27 -6.74 -0.50
CA LEU A 56 -8.24 -5.29 -0.58
C LEU A 56 -8.12 -4.83 -2.04
N LYS A 57 -7.27 -5.51 -2.80
CA LYS A 57 -7.06 -5.18 -4.20
C LYS A 57 -8.39 -5.00 -4.92
N GLU A 58 -9.28 -5.98 -4.77
CA GLU A 58 -10.59 -5.92 -5.40
C GLU A 58 -11.40 -4.75 -4.88
N HIS A 59 -11.59 -4.71 -3.56
CA HIS A 59 -12.35 -3.64 -2.93
C HIS A 59 -12.09 -2.30 -3.62
N MET A 60 -10.86 -2.11 -4.08
CA MET A 60 -10.49 -0.88 -4.78
C MET A 60 -10.97 -0.90 -6.23
N LYS A 61 -10.82 -2.05 -6.88
CA LYS A 61 -11.23 -2.21 -8.26
C LYS A 61 -12.48 -1.37 -8.56
N LEU A 62 -13.49 -1.52 -7.72
CA LEU A 62 -14.73 -0.76 -7.89
C LEU A 62 -14.53 0.71 -7.58
N HIS A 63 -13.88 0.98 -6.44
CA HIS A 63 -13.61 2.36 -6.03
C HIS A 63 -13.00 3.16 -7.17
N SER A 64 -11.99 2.59 -7.82
CA SER A 64 -11.31 3.26 -8.93
C SER A 64 -10.63 4.54 -8.46
N ASP A 65 -9.96 4.46 -7.32
CA ASP A 65 -9.27 5.61 -6.75
C ASP A 65 -7.87 5.75 -7.35
N THR A 66 -7.09 4.67 -7.24
CA THR A 66 -5.73 4.67 -7.77
C THR A 66 -5.71 4.88 -9.28
N ARG A 67 -4.87 5.82 -9.72
CA ARG A 67 -4.77 6.12 -11.15
C ARG A 67 -4.08 4.98 -11.89
N ASP A 68 -2.88 4.64 -11.47
CA ASP A 68 -2.12 3.56 -12.10
C ASP A 68 -2.52 2.21 -11.52
N TYR A 69 -1.99 1.14 -12.11
CA TYR A 69 -2.28 -0.21 -11.65
C TYR A 69 -1.04 -0.87 -11.06
N ILE A 70 -1.25 -1.85 -10.20
CA ILE A 70 -0.15 -2.57 -9.57
C ILE A 70 0.47 -3.58 -10.52
N CYS A 71 -0.36 -4.47 -11.05
CA CYS A 71 0.10 -5.49 -11.98
C CYS A 71 -0.83 -5.59 -13.18
N GLU A 72 -0.33 -6.15 -14.28
CA GLU A 72 -1.12 -6.31 -15.49
C GLU A 72 -2.08 -7.48 -15.37
N PHE A 73 -3.32 -7.26 -15.78
CA PHE A 73 -4.35 -8.30 -15.72
C PHE A 73 -4.15 -9.33 -16.83
N SER A 74 -4.89 -10.43 -16.74
CA SER A 74 -4.79 -11.50 -17.73
C SER A 74 -6.14 -11.77 -18.37
N GLY A 75 -6.18 -11.77 -19.71
CA GLY A 75 -7.41 -12.02 -20.42
C GLY A 75 -8.11 -13.28 -19.95
N PRO A 76 -9.44 -13.22 -19.84
CA PRO A 76 -10.25 -14.36 -19.40
C PRO A 76 -10.30 -15.47 -20.43
N SER A 77 -9.64 -15.25 -21.56
CA SER A 77 -9.61 -16.23 -22.64
C SER A 77 -8.87 -17.50 -22.20
N SER A 78 -9.45 -18.65 -22.51
CA SER A 78 -8.85 -19.93 -22.14
C SER A 78 -7.71 -20.29 -23.07
N GLY A 79 -8.00 -20.33 -24.37
CA GLY A 79 -6.99 -20.66 -25.36
C GLY A 79 -7.58 -21.12 -26.66
ZN ZN B . 8.03 -1.06 1.60
ZN ZN C . -13.54 1.44 0.45
N GLY A 1 10.60 17.56 4.26
CA GLY A 1 11.93 17.98 3.88
C GLY A 1 12.80 16.81 3.44
N SER A 2 13.91 17.13 2.78
CA SER A 2 14.83 16.10 2.31
C SER A 2 16.05 16.00 3.21
N SER A 3 16.43 14.77 3.55
CA SER A 3 17.58 14.54 4.42
C SER A 3 18.83 14.24 3.60
N GLY A 4 20.00 14.44 4.21
CA GLY A 4 21.25 14.18 3.52
C GLY A 4 21.63 12.71 3.54
N SER A 5 20.81 11.88 2.93
CA SER A 5 21.06 10.44 2.89
C SER A 5 21.07 9.93 1.45
N SER A 6 21.80 8.84 1.21
CA SER A 6 21.89 8.26 -0.12
C SER A 6 20.94 7.07 -0.26
N GLY A 7 20.72 6.37 0.85
CA GLY A 7 19.83 5.22 0.83
C GLY A 7 20.45 3.99 1.47
N MET A 8 19.61 3.06 1.89
CA MET A 8 20.08 1.83 2.52
C MET A 8 19.45 0.60 1.87
N PRO A 9 20.30 -0.33 1.42
CA PRO A 9 19.84 -1.57 0.76
C PRO A 9 19.17 -2.52 1.75
N CYS A 10 18.19 -3.28 1.26
CA CYS A 10 17.48 -4.23 2.09
C CYS A 10 18.37 -5.41 2.46
N ASP A 11 17.93 -6.19 3.45
CA ASP A 11 18.69 -7.36 3.89
C ASP A 11 18.67 -8.45 2.84
N PHE A 12 17.47 -8.82 2.38
CA PHE A 12 17.32 -9.86 1.38
C PHE A 12 18.16 -9.55 0.14
N PRO A 13 18.84 -10.58 -0.38
CA PRO A 13 19.69 -10.44 -1.57
C PRO A 13 18.88 -10.20 -2.83
N GLY A 14 17.90 -11.06 -3.08
CA GLY A 14 17.06 -10.93 -4.26
C GLY A 14 16.25 -9.64 -4.25
N CYS A 15 15.70 -9.30 -3.09
CA CYS A 15 14.90 -8.08 -2.96
C CYS A 15 15.51 -6.93 -3.75
N GLY A 16 16.79 -6.67 -3.50
CA GLY A 16 17.47 -5.59 -4.20
C GLY A 16 16.72 -4.28 -4.11
N ARG A 17 16.42 -3.84 -2.89
CA ARG A 17 15.70 -2.59 -2.68
C ARG A 17 16.48 -1.67 -1.76
N ILE A 18 16.27 -0.36 -1.92
CA ILE A 18 16.95 0.63 -1.10
C ILE A 18 15.97 1.64 -0.53
N PHE A 19 16.14 1.98 0.74
CA PHE A 19 15.27 2.95 1.40
C PHE A 19 16.08 3.92 2.26
N SER A 20 15.83 5.21 2.08
CA SER A 20 16.54 6.23 2.83
C SER A 20 16.13 6.22 4.30
N ASN A 21 14.83 6.32 4.54
CA ASN A 21 14.29 6.31 5.89
C ASN A 21 14.30 4.90 6.48
N ARG A 22 14.72 4.79 7.74
CA ARG A 22 14.78 3.50 8.41
C ARG A 22 13.39 2.87 8.51
N GLN A 23 12.44 3.64 9.05
CA GLN A 23 11.07 3.16 9.20
C GLN A 23 10.61 2.41 7.96
N TYR A 24 10.81 3.03 6.80
CA TYR A 24 10.42 2.41 5.53
C TYR A 24 11.10 1.06 5.34
N LEU A 25 12.36 0.98 5.74
CA LEU A 25 13.12 -0.26 5.63
C LEU A 25 12.53 -1.35 6.52
N ASN A 26 12.56 -1.12 7.82
CA ASN A 26 12.02 -2.09 8.77
C ASN A 26 10.57 -2.44 8.44
N HIS A 27 9.78 -1.41 8.13
CA HIS A 27 8.37 -1.62 7.81
C HIS A 27 8.24 -2.46 6.53
N HIS A 28 9.06 -2.16 5.54
CA HIS A 28 9.03 -2.89 4.28
C HIS A 28 9.30 -4.38 4.50
N LYS A 29 10.26 -4.67 5.38
CA LYS A 29 10.64 -6.05 5.68
C LYS A 29 9.61 -6.68 6.62
N LYS A 30 8.88 -5.85 7.35
CA LYS A 30 7.87 -6.33 8.29
C LYS A 30 6.50 -6.42 7.61
N TYR A 31 6.42 -5.94 6.38
CA TYR A 31 5.17 -5.97 5.63
C TYR A 31 5.31 -6.85 4.40
N GLN A 32 6.47 -6.81 3.76
CA GLN A 32 6.72 -7.61 2.57
C GLN A 32 7.47 -8.88 2.92
N HIS A 33 8.58 -8.74 3.62
CA HIS A 33 9.38 -9.89 4.02
C HIS A 33 8.80 -10.56 5.26
N ILE A 34 7.56 -10.21 5.58
CA ILE A 34 6.88 -10.78 6.74
C ILE A 34 6.24 -12.12 6.40
N HIS A 35 6.56 -12.64 5.22
CA HIS A 35 6.01 -13.92 4.78
C HIS A 35 4.51 -13.82 4.53
N GLN A 36 4.09 -12.69 3.97
CA GLN A 36 2.68 -12.46 3.68
C GLN A 36 2.51 -11.34 2.65
N LYS A 37 1.31 -11.25 2.08
CA LYS A 37 1.02 -10.23 1.08
C LYS A 37 0.89 -8.85 1.73
N SER A 38 0.07 -8.76 2.76
CA SER A 38 -0.15 -7.50 3.46
C SER A 38 -0.64 -6.42 2.51
N PHE A 39 -1.54 -6.81 1.60
CA PHE A 39 -2.09 -5.86 0.64
C PHE A 39 -2.68 -4.65 1.33
N SER A 40 -2.16 -3.47 0.99
CA SER A 40 -2.63 -2.22 1.59
C SER A 40 -3.16 -1.27 0.52
N CYS A 41 -4.07 -0.40 0.92
CA CYS A 41 -4.67 0.56 -0.01
C CYS A 41 -3.69 1.70 -0.30
N PRO A 42 -3.58 2.06 -1.60
CA PRO A 42 -2.69 3.13 -2.04
C PRO A 42 -3.17 4.50 -1.60
N GLU A 43 -4.49 4.69 -1.60
CA GLU A 43 -5.08 5.96 -1.19
C GLU A 43 -4.77 6.27 0.27
N PRO A 44 -4.23 7.47 0.51
CA PRO A 44 -3.87 7.91 1.87
C PRO A 44 -5.10 8.18 2.72
N ALA A 45 -6.01 9.00 2.21
CA ALA A 45 -7.23 9.33 2.94
C ALA A 45 -7.94 8.07 3.42
N CYS A 46 -7.95 7.04 2.58
CA CYS A 46 -8.60 5.78 2.93
C CYS A 46 -7.78 5.00 3.95
N GLY A 47 -6.52 4.73 3.60
CA GLY A 47 -5.66 3.99 4.51
C GLY A 47 -6.31 2.74 5.04
N LYS A 48 -6.29 1.67 4.24
CA LYS A 48 -6.89 0.40 4.64
C LYS A 48 -5.98 -0.76 4.27
N SER A 49 -5.66 -1.60 5.24
CA SER A 49 -4.80 -2.75 5.01
C SER A 49 -5.60 -4.05 5.04
N PHE A 50 -5.04 -5.11 4.48
CA PHE A 50 -5.70 -6.41 4.45
C PHE A 50 -4.68 -7.54 4.39
N ASN A 51 -5.15 -8.76 4.63
CA ASN A 51 -4.27 -9.93 4.60
C ASN A 51 -4.17 -10.50 3.19
N PHE A 52 -5.32 -10.84 2.61
CA PHE A 52 -5.35 -11.40 1.27
C PHE A 52 -5.93 -10.39 0.28
N LYS A 53 -5.74 -10.66 -1.01
CA LYS A 53 -6.24 -9.77 -2.06
C LYS A 53 -7.76 -9.79 -2.10
N LYS A 54 -8.34 -10.98 -1.95
CA LYS A 54 -9.80 -11.13 -1.98
C LYS A 54 -10.48 -10.00 -1.21
N HIS A 55 -9.99 -9.73 0.00
CA HIS A 55 -10.55 -8.67 0.83
C HIS A 55 -10.32 -7.31 0.19
N LEU A 56 -9.16 -7.13 -0.41
CA LEU A 56 -8.82 -5.86 -1.07
C LEU A 56 -9.74 -5.60 -2.26
N LYS A 57 -10.12 -6.67 -2.96
CA LYS A 57 -11.00 -6.54 -4.11
C LYS A 57 -12.35 -5.95 -3.71
N GLU A 58 -13.05 -6.63 -2.82
CA GLU A 58 -14.35 -6.16 -2.34
C GLU A 58 -14.27 -4.72 -1.84
N HIS A 59 -13.06 -4.32 -1.43
CA HIS A 59 -12.84 -2.97 -0.92
C HIS A 59 -12.53 -2.00 -2.06
N MET A 60 -11.92 -2.53 -3.12
CA MET A 60 -11.55 -1.71 -4.27
C MET A 60 -12.81 -1.24 -5.00
N LYS A 61 -13.72 -2.15 -5.27
CA LYS A 61 -14.96 -1.82 -5.96
C LYS A 61 -15.70 -0.69 -5.25
N LEU A 62 -15.58 -0.67 -3.93
CA LEU A 62 -16.23 0.37 -3.12
C LEU A 62 -15.74 1.75 -3.50
N HIS A 63 -14.52 1.82 -4.04
CA HIS A 63 -13.93 3.08 -4.46
C HIS A 63 -14.51 3.55 -5.78
N SER A 64 -15.46 2.78 -6.31
CA SER A 64 -16.10 3.12 -7.57
C SER A 64 -16.35 4.63 -7.68
N ASP A 65 -17.04 5.18 -6.70
CA ASP A 65 -17.34 6.60 -6.68
C ASP A 65 -16.06 7.43 -6.76
N THR A 66 -15.92 8.20 -7.84
CA THR A 66 -14.75 9.03 -8.04
C THR A 66 -14.69 10.17 -7.02
N ARG A 67 -15.84 10.82 -6.81
CA ARG A 67 -15.91 11.92 -5.85
C ARG A 67 -15.50 11.46 -4.47
N ASP A 68 -14.31 11.87 -4.04
CA ASP A 68 -13.79 11.51 -2.72
C ASP A 68 -14.06 12.61 -1.70
N TYR A 69 -13.84 13.85 -2.12
CA TYR A 69 -14.06 14.99 -1.24
C TYR A 69 -14.73 16.15 -1.99
N ILE A 70 -15.60 16.87 -1.31
CA ILE A 70 -16.31 17.99 -1.91
C ILE A 70 -15.33 19.09 -2.32
N CYS A 71 -15.59 19.71 -3.47
CA CYS A 71 -14.74 20.78 -3.97
C CYS A 71 -15.33 22.16 -3.64
N GLU A 72 -14.47 23.16 -3.51
CA GLU A 72 -14.91 24.51 -3.21
C GLU A 72 -15.60 25.14 -4.41
N PHE A 73 -16.39 26.18 -4.15
CA PHE A 73 -17.11 26.88 -5.22
C PHE A 73 -16.23 27.95 -5.85
N SER A 74 -16.23 28.00 -7.18
CA SER A 74 -15.43 28.97 -7.93
C SER A 74 -15.95 30.38 -7.70
N GLY A 75 -17.26 30.56 -7.87
CA GLY A 75 -17.85 31.87 -7.69
C GLY A 75 -18.70 32.29 -8.88
N PRO A 76 -20.00 32.56 -8.63
CA PRO A 76 -20.94 32.97 -9.67
C PRO A 76 -20.65 34.39 -10.19
N SER A 77 -19.60 35.00 -9.65
CA SER A 77 -19.21 36.34 -10.05
C SER A 77 -19.44 36.56 -11.54
N SER A 78 -18.79 35.74 -12.35
CA SER A 78 -18.93 35.83 -13.81
C SER A 78 -19.24 34.47 -14.42
N GLY A 79 -19.58 34.47 -15.70
CA GLY A 79 -19.90 33.23 -16.39
C GLY A 79 -18.69 32.60 -17.05
ZN ZN B . 13.27 -6.10 1.05
ZN ZN C . -9.10 2.06 -0.02
N GLY A 1 9.69 20.56 1.44
CA GLY A 1 10.34 19.38 0.90
C GLY A 1 10.66 18.36 1.98
N SER A 2 11.62 18.69 2.83
CA SER A 2 12.02 17.80 3.91
C SER A 2 12.57 16.49 3.35
N SER A 3 13.39 16.60 2.31
CA SER A 3 13.98 15.43 1.67
C SER A 3 15.32 15.07 2.32
N GLY A 4 15.58 13.77 2.46
CA GLY A 4 16.81 13.32 3.07
C GLY A 4 17.86 12.94 2.04
N SER A 5 18.90 13.75 1.92
CA SER A 5 19.97 13.49 0.97
C SER A 5 20.64 12.14 1.25
N SER A 6 20.89 11.88 2.53
CA SER A 6 21.53 10.62 2.93
C SER A 6 20.56 9.76 3.73
N GLY A 7 20.29 8.55 3.22
CA GLY A 7 19.39 7.64 3.89
C GLY A 7 18.05 7.54 3.19
N MET A 8 17.38 6.41 3.39
CA MET A 8 16.07 6.18 2.76
C MET A 8 15.07 5.64 3.78
N PRO A 9 13.94 6.34 3.93
CA PRO A 9 12.89 5.95 4.87
C PRO A 9 12.16 4.68 4.42
N CYS A 10 11.51 4.02 5.37
CA CYS A 10 10.77 2.80 5.07
C CYS A 10 9.45 3.11 4.39
N ASP A 11 9.40 2.86 3.09
CA ASP A 11 8.18 3.12 2.31
C ASP A 11 6.94 2.85 3.14
N PHE A 12 6.99 1.79 3.95
CA PHE A 12 5.86 1.42 4.79
C PHE A 12 5.51 2.55 5.77
N PRO A 13 4.23 2.95 5.78
CA PRO A 13 3.75 4.02 6.65
C PRO A 13 3.74 3.61 8.13
N GLY A 14 4.00 4.57 9.00
CA GLY A 14 4.02 4.29 10.42
C GLY A 14 5.36 3.77 10.89
N CYS A 15 5.88 2.76 10.19
CA CYS A 15 7.16 2.16 10.54
C CYS A 15 8.13 3.21 11.06
N GLY A 16 8.25 4.32 10.33
CA GLY A 16 9.14 5.39 10.73
C GLY A 16 10.57 4.92 10.90
N ARG A 17 11.05 4.13 9.94
CA ARG A 17 12.41 3.61 9.99
C ARG A 17 13.22 4.11 8.79
N ILE A 18 14.51 4.33 9.02
CA ILE A 18 15.40 4.82 7.96
C ILE A 18 16.66 3.96 7.88
N PHE A 19 17.10 3.69 6.66
CA PHE A 19 18.29 2.89 6.44
C PHE A 19 19.13 3.47 5.30
N SER A 20 20.45 3.55 5.53
CA SER A 20 21.36 4.08 4.53
C SER A 20 21.56 3.10 3.39
N ASN A 21 21.74 1.83 3.74
CA ASN A 21 21.94 0.78 2.74
C ASN A 21 20.60 0.16 2.32
N ARG A 22 20.43 -0.03 1.01
CA ARG A 22 19.20 -0.62 0.49
C ARG A 22 19.03 -2.04 0.98
N GLN A 23 20.01 -2.89 0.71
CA GLN A 23 19.96 -4.28 1.14
C GLN A 23 19.35 -4.42 2.53
N TYR A 24 19.87 -3.64 3.47
CA TYR A 24 19.38 -3.67 4.84
C TYR A 24 17.89 -3.33 4.89
N LEU A 25 17.51 -2.29 4.17
CA LEU A 25 16.11 -1.85 4.12
C LEU A 25 15.21 -2.97 3.59
N ASN A 26 15.55 -3.47 2.41
CA ASN A 26 14.77 -4.54 1.79
C ASN A 26 14.61 -5.72 2.74
N HIS A 27 15.74 -6.18 3.29
CA HIS A 27 15.72 -7.30 4.22
C HIS A 27 14.81 -7.03 5.40
N HIS A 28 14.84 -5.78 5.89
CA HIS A 28 14.01 -5.39 7.02
C HIS A 28 12.54 -5.60 6.71
N LYS A 29 12.12 -5.18 5.52
CA LYS A 29 10.74 -5.33 5.09
C LYS A 29 10.40 -6.78 4.81
N LYS A 30 11.32 -7.49 4.18
CA LYS A 30 11.13 -8.89 3.85
C LYS A 30 10.99 -9.74 5.11
N TYR A 31 11.56 -9.25 6.21
CA TYR A 31 11.49 -9.97 7.48
C TYR A 31 10.38 -9.40 8.36
N GLN A 32 10.57 -8.17 8.82
CA GLN A 32 9.58 -7.52 9.66
C GLN A 32 8.25 -7.35 8.94
N HIS A 33 8.31 -6.73 7.75
CA HIS A 33 7.11 -6.50 6.95
C HIS A 33 6.82 -7.71 6.07
N ILE A 34 7.46 -8.84 6.37
CA ILE A 34 7.26 -10.06 5.61
C ILE A 34 5.80 -10.24 5.22
N HIS A 35 4.91 -9.66 6.04
CA HIS A 35 3.47 -9.77 5.77
C HIS A 35 2.88 -8.39 5.51
N GLN A 36 1.86 -8.34 4.65
CA GLN A 36 1.20 -7.08 4.31
C GLN A 36 -0.17 -7.00 4.96
N LYS A 37 -0.44 -5.88 5.63
CA LYS A 37 -1.72 -5.67 6.29
C LYS A 37 -2.14 -4.21 6.19
N SER A 38 -3.39 -3.94 6.57
CA SER A 38 -3.93 -2.59 6.52
C SER A 38 -4.02 -2.10 5.07
N PHE A 39 -4.45 -2.98 4.18
CA PHE A 39 -4.57 -2.64 2.77
C PHE A 39 -5.60 -1.52 2.57
N SER A 40 -5.25 -0.55 1.74
CA SER A 40 -6.13 0.58 1.46
C SER A 40 -6.32 0.78 -0.04
N CYS A 41 -7.46 1.33 -0.42
CA CYS A 41 -7.76 1.57 -1.83
C CYS A 41 -7.00 2.79 -2.35
N PRO A 42 -6.23 2.59 -3.43
CA PRO A 42 -5.44 3.66 -4.04
C PRO A 42 -6.31 4.70 -4.74
N GLU A 43 -7.61 4.41 -4.84
CA GLU A 43 -8.55 5.32 -5.47
C GLU A 43 -8.92 6.47 -4.54
N PRO A 44 -8.79 7.71 -5.04
CA PRO A 44 -9.11 8.91 -4.27
C PRO A 44 -10.60 9.06 -4.02
N ALA A 45 -11.39 8.97 -5.08
CA ALA A 45 -12.84 9.10 -4.96
C ALA A 45 -13.41 8.08 -3.99
N CYS A 46 -13.01 6.81 -4.16
CA CYS A 46 -13.48 5.74 -3.29
C CYS A 46 -12.87 5.87 -1.89
N GLY A 47 -11.55 5.89 -1.83
CA GLY A 47 -10.87 6.00 -0.55
C GLY A 47 -11.58 5.25 0.55
N LYS A 48 -11.62 3.93 0.43
CA LYS A 48 -12.27 3.08 1.42
C LYS A 48 -11.29 2.08 2.03
N SER A 49 -11.06 2.19 3.34
CA SER A 49 -10.14 1.30 4.03
C SER A 49 -10.88 0.10 4.61
N PHE A 50 -10.18 -1.03 4.70
CA PHE A 50 -10.77 -2.25 5.24
C PHE A 50 -9.80 -2.96 6.16
N ASN A 51 -10.31 -3.44 7.30
CA ASN A 51 -9.48 -4.14 8.28
C ASN A 51 -8.92 -5.43 7.69
N PHE A 52 -9.80 -6.20 7.05
CA PHE A 52 -9.40 -7.47 6.43
C PHE A 52 -8.70 -7.23 5.10
N LYS A 53 -7.81 -8.15 4.72
CA LYS A 53 -7.08 -8.05 3.47
C LYS A 53 -7.85 -8.71 2.33
N LYS A 54 -8.76 -9.61 2.68
CA LYS A 54 -9.57 -10.32 1.69
C LYS A 54 -10.75 -9.47 1.26
N HIS A 55 -11.24 -8.63 2.17
CA HIS A 55 -12.38 -7.76 1.88
C HIS A 55 -12.04 -6.78 0.76
N LEU A 56 -10.84 -6.20 0.83
CA LEU A 56 -10.39 -5.24 -0.18
C LEU A 56 -10.22 -5.92 -1.53
N LYS A 57 -9.64 -7.11 -1.53
CA LYS A 57 -9.42 -7.87 -2.75
C LYS A 57 -10.69 -7.90 -3.61
N GLU A 58 -11.77 -8.41 -3.03
CA GLU A 58 -13.04 -8.49 -3.74
C GLU A 58 -13.57 -7.09 -4.08
N HIS A 59 -13.40 -6.16 -3.15
CA HIS A 59 -13.85 -4.79 -3.36
C HIS A 59 -13.36 -4.24 -4.69
N MET A 60 -12.05 -4.37 -4.93
CA MET A 60 -11.47 -3.90 -6.18
C MET A 60 -12.23 -4.42 -7.39
N LYS A 61 -12.60 -5.70 -7.34
CA LYS A 61 -13.35 -6.32 -8.43
C LYS A 61 -14.50 -5.43 -8.88
N LEU A 62 -15.07 -4.68 -7.94
CA LEU A 62 -16.19 -3.79 -8.25
C LEU A 62 -15.71 -2.60 -9.07
N HIS A 63 -14.51 -2.12 -8.77
CA HIS A 63 -13.94 -0.98 -9.50
C HIS A 63 -13.80 -1.30 -10.99
N SER A 64 -13.49 -2.56 -11.29
CA SER A 64 -13.33 -2.99 -12.67
C SER A 64 -14.66 -2.99 -13.40
N ASP A 65 -14.61 -3.08 -14.73
CA ASP A 65 -15.81 -3.11 -15.55
C ASP A 65 -16.31 -4.53 -15.75
N THR A 66 -17.63 -4.67 -15.89
CA THR A 66 -18.23 -5.99 -16.09
C THR A 66 -18.09 -6.46 -17.52
N ARG A 67 -17.64 -7.70 -17.71
CA ARG A 67 -17.47 -8.26 -19.04
C ARG A 67 -18.76 -8.18 -19.84
N ASP A 68 -19.87 -8.49 -19.19
CA ASP A 68 -21.18 -8.44 -19.85
C ASP A 68 -21.22 -9.41 -21.03
N TYR A 69 -20.72 -10.62 -20.81
CA TYR A 69 -20.71 -11.64 -21.86
C TYR A 69 -20.61 -13.04 -21.27
N ILE A 70 -21.43 -13.94 -21.79
CA ILE A 70 -21.45 -15.32 -21.30
C ILE A 70 -21.97 -16.27 -22.37
N CYS A 71 -21.53 -17.52 -22.31
CA CYS A 71 -21.95 -18.53 -23.28
C CYS A 71 -23.45 -18.46 -23.51
N GLU A 72 -24.22 -18.53 -22.42
CA GLU A 72 -25.67 -18.48 -22.50
C GLU A 72 -26.21 -19.66 -23.29
N PHE A 73 -25.64 -20.84 -23.06
CA PHE A 73 -26.07 -22.05 -23.75
C PHE A 73 -27.54 -22.37 -23.45
N SER A 74 -28.30 -22.64 -24.50
CA SER A 74 -29.71 -22.96 -24.36
C SER A 74 -30.04 -24.30 -25.00
N GLY A 75 -30.65 -25.19 -24.21
CA GLY A 75 -31.01 -26.51 -24.71
C GLY A 75 -32.31 -27.01 -24.14
N PRO A 76 -32.23 -27.90 -23.13
CA PRO A 76 -33.40 -28.47 -22.48
C PRO A 76 -34.16 -27.44 -21.63
N SER A 77 -35.48 -27.46 -21.74
CA SER A 77 -36.32 -26.53 -20.99
C SER A 77 -36.36 -26.91 -19.52
N SER A 78 -35.67 -26.12 -18.69
CA SER A 78 -35.62 -26.37 -17.25
C SER A 78 -35.17 -25.12 -16.51
N GLY A 79 -35.47 -25.07 -15.21
CA GLY A 79 -35.08 -23.93 -14.40
C GLY A 79 -33.73 -24.12 -13.74
ZN ZN B . 9.69 -0.95 7.95
ZN ZN C . -12.05 1.34 -3.86
N GLY A 1 7.59 11.91 7.97
CA GLY A 1 8.30 11.03 8.88
C GLY A 1 9.07 11.79 9.94
N SER A 2 8.96 11.34 11.18
CA SER A 2 9.64 12.00 12.29
C SER A 2 11.02 12.50 11.86
N SER A 3 11.83 11.59 11.35
CA SER A 3 13.18 11.93 10.90
C SER A 3 13.17 12.37 9.43
N GLY A 4 14.19 13.14 9.04
CA GLY A 4 14.28 13.61 7.67
C GLY A 4 15.69 13.57 7.13
N SER A 5 16.50 14.54 7.53
CA SER A 5 17.89 14.62 7.08
C SER A 5 18.51 13.23 7.03
N SER A 6 18.56 12.57 8.19
CA SER A 6 19.13 11.23 8.28
C SER A 6 18.09 10.16 7.97
N GLY A 7 18.54 8.92 7.84
CA GLY A 7 17.63 7.82 7.55
C GLY A 7 18.30 6.71 6.76
N MET A 8 17.62 5.58 6.65
CA MET A 8 18.15 4.43 5.92
C MET A 8 17.44 4.26 4.59
N PRO A 9 18.17 4.49 3.49
CA PRO A 9 17.62 4.37 2.12
C PRO A 9 17.32 2.92 1.75
N CYS A 10 16.48 2.75 0.74
CA CYS A 10 16.11 1.41 0.28
C CYS A 10 17.19 0.84 -0.63
N ASP A 11 17.94 -0.13 -0.11
CA ASP A 11 19.00 -0.77 -0.88
C ASP A 11 18.60 -0.93 -2.34
N PHE A 12 17.36 -1.36 -2.56
CA PHE A 12 16.85 -1.56 -3.91
C PHE A 12 16.99 -0.29 -4.74
N PRO A 13 17.62 -0.43 -5.93
CA PRO A 13 17.82 0.70 -6.83
C PRO A 13 16.53 1.20 -7.47
N GLY A 14 16.45 2.51 -7.69
CA GLY A 14 15.26 3.08 -8.28
C GLY A 14 14.24 3.50 -7.24
N CYS A 15 14.03 2.65 -6.24
CA CYS A 15 13.08 2.93 -5.18
C CYS A 15 13.33 4.31 -4.57
N GLY A 16 14.57 4.54 -4.15
CA GLY A 16 14.93 5.81 -3.55
C GLY A 16 14.03 6.16 -2.37
N ARG A 17 13.89 5.22 -1.45
CA ARG A 17 13.06 5.44 -0.26
C ARG A 17 13.88 5.29 1.01
N ILE A 18 13.70 6.22 1.94
CA ILE A 18 14.43 6.20 3.20
C ILE A 18 13.48 5.94 4.38
N PHE A 19 13.98 5.21 5.38
CA PHE A 19 13.18 4.89 6.55
C PHE A 19 13.96 5.17 7.84
N SER A 20 13.25 5.54 8.89
CA SER A 20 13.87 5.84 10.18
C SER A 20 14.73 4.67 10.64
N ASN A 21 14.09 3.52 10.85
CA ASN A 21 14.80 2.32 11.30
C ASN A 21 14.89 1.28 10.18
N ARG A 22 15.57 0.18 10.46
CA ARG A 22 15.73 -0.89 9.48
C ARG A 22 14.44 -1.70 9.34
N GLN A 23 13.87 -2.09 10.48
CA GLN A 23 12.64 -2.87 10.48
C GLN A 23 11.71 -2.42 9.35
N TYR A 24 11.42 -1.13 9.32
CA TYR A 24 10.53 -0.58 8.29
C TYR A 24 11.08 -0.86 6.89
N LEU A 25 12.38 -0.68 6.73
CA LEU A 25 13.02 -0.92 5.43
C LEU A 25 12.74 -2.33 4.93
N ASN A 26 13.14 -3.33 5.71
CA ASN A 26 12.93 -4.73 5.35
C ASN A 26 11.44 -5.00 5.11
N HIS A 27 10.61 -4.60 6.07
CA HIS A 27 9.17 -4.81 5.95
C HIS A 27 8.64 -4.25 4.64
N HIS A 28 9.08 -3.05 4.29
CA HIS A 28 8.66 -2.41 3.05
C HIS A 28 9.01 -3.27 1.83
N LYS A 29 10.31 -3.39 1.57
CA LYS A 29 10.78 -4.18 0.45
C LYS A 29 10.15 -5.56 0.44
N LYS A 30 10.16 -6.22 1.60
CA LYS A 30 9.58 -7.56 1.74
C LYS A 30 8.24 -7.64 1.03
N TYR A 31 7.39 -6.63 1.25
CA TYR A 31 6.08 -6.58 0.63
C TYR A 31 6.08 -5.69 -0.61
N GLN A 32 6.16 -4.39 -0.40
CA GLN A 32 6.19 -3.43 -1.50
C GLN A 32 6.89 -4.02 -2.71
N HIS A 33 8.20 -4.19 -2.61
CA HIS A 33 8.99 -4.75 -3.70
C HIS A 33 8.53 -6.15 -4.05
N ILE A 34 8.57 -7.05 -3.07
CA ILE A 34 8.16 -8.43 -3.27
C ILE A 34 6.73 -8.65 -2.78
N HIS A 35 5.81 -8.89 -3.70
CA HIS A 35 4.41 -9.12 -3.36
C HIS A 35 4.24 -10.44 -2.63
N GLN A 36 3.23 -10.52 -1.77
CA GLN A 36 2.96 -11.73 -1.01
C GLN A 36 1.48 -12.09 -1.06
N LYS A 37 1.13 -13.24 -0.49
CA LYS A 37 -0.24 -13.70 -0.47
C LYS A 37 -1.20 -12.52 -0.30
N SER A 38 -0.98 -11.74 0.75
CA SER A 38 -1.82 -10.59 1.03
C SER A 38 -1.95 -9.69 -0.20
N PHE A 39 -3.20 -9.40 -0.59
CA PHE A 39 -3.46 -8.56 -1.75
C PHE A 39 -3.14 -7.10 -1.45
N SER A 40 -2.48 -6.43 -2.39
CA SER A 40 -2.12 -5.03 -2.22
C SER A 40 -2.93 -4.14 -3.14
N CYS A 41 -3.19 -2.91 -2.69
CA CYS A 41 -3.97 -1.97 -3.49
C CYS A 41 -3.12 -1.37 -4.61
N PRO A 42 -3.71 -1.32 -5.81
CA PRO A 42 -3.03 -0.78 -7.00
C PRO A 42 -2.83 0.73 -6.92
N GLU A 43 -3.24 1.31 -5.79
CA GLU A 43 -3.11 2.75 -5.59
C GLU A 43 -1.81 3.08 -4.86
N PRO A 44 -1.09 4.09 -5.36
CA PRO A 44 0.18 4.53 -4.78
C PRO A 44 0.00 5.21 -3.43
N ALA A 45 -0.91 6.18 -3.39
CA ALA A 45 -1.18 6.91 -2.15
C ALA A 45 -1.75 5.99 -1.08
N CYS A 46 -2.72 5.17 -1.47
CA CYS A 46 -3.35 4.23 -0.54
C CYS A 46 -2.41 3.06 -0.23
N GLY A 47 -1.98 2.37 -1.28
CA GLY A 47 -1.08 1.24 -1.10
C GLY A 47 -1.36 0.48 0.17
N LYS A 48 -2.62 0.12 0.40
CA LYS A 48 -3.02 -0.61 1.59
C LYS A 48 -2.98 -2.12 1.34
N SER A 49 -2.48 -2.86 2.32
CA SER A 49 -2.37 -4.31 2.20
C SER A 49 -3.37 -5.00 3.14
N PHE A 50 -3.70 -6.24 2.83
CA PHE A 50 -4.63 -7.01 3.64
C PHE A 50 -4.27 -8.49 3.63
N ASN A 51 -4.12 -9.07 4.81
CA ASN A 51 -3.77 -10.48 4.95
C ASN A 51 -4.79 -11.35 4.23
N PHE A 52 -6.06 -11.16 4.54
CA PHE A 52 -7.14 -11.93 3.93
C PHE A 52 -7.79 -11.15 2.80
N LYS A 53 -8.36 -11.86 1.84
CA LYS A 53 -9.03 -11.23 0.70
C LYS A 53 -10.36 -10.62 1.11
N LYS A 54 -11.09 -11.32 1.97
CA LYS A 54 -12.38 -10.84 2.45
C LYS A 54 -12.36 -9.32 2.62
N HIS A 55 -11.24 -8.79 3.09
CA HIS A 55 -11.10 -7.35 3.29
C HIS A 55 -10.90 -6.63 1.95
N LEU A 56 -9.75 -6.90 1.33
CA LEU A 56 -9.42 -6.27 0.05
C LEU A 56 -10.68 -6.08 -0.80
N LYS A 57 -11.62 -7.01 -0.68
CA LYS A 57 -12.87 -6.94 -1.42
C LYS A 57 -13.64 -5.67 -1.08
N GLU A 58 -14.03 -5.53 0.18
CA GLU A 58 -14.77 -4.37 0.63
C GLU A 58 -13.91 -3.11 0.55
N HIS A 59 -12.59 -3.31 0.58
CA HIS A 59 -11.65 -2.19 0.52
C HIS A 59 -11.66 -1.56 -0.87
N MET A 60 -11.89 -2.38 -1.89
CA MET A 60 -11.93 -1.90 -3.27
C MET A 60 -13.23 -1.14 -3.55
N LYS A 61 -14.34 -1.72 -3.09
CA LYS A 61 -15.65 -1.10 -3.29
C LYS A 61 -15.55 0.42 -3.21
N LEU A 62 -15.04 0.92 -2.09
CA LEU A 62 -14.90 2.36 -1.89
C LEU A 62 -14.10 2.99 -3.03
N HIS A 63 -13.06 2.27 -3.48
CA HIS A 63 -12.23 2.76 -4.56
C HIS A 63 -12.98 2.78 -5.89
N SER A 64 -13.76 1.73 -6.13
CA SER A 64 -14.54 1.61 -7.36
C SER A 64 -15.46 2.81 -7.52
N ASP A 65 -16.10 2.91 -8.68
CA ASP A 65 -17.02 4.01 -8.97
C ASP A 65 -17.99 4.21 -7.82
N THR A 66 -18.51 3.11 -7.27
CA THR A 66 -19.45 3.17 -6.17
C THR A 66 -18.82 3.85 -4.95
N ARG A 67 -19.65 4.55 -4.18
CA ARG A 67 -19.16 5.23 -2.98
C ARG A 67 -18.14 6.31 -3.35
N ASP A 68 -18.43 7.07 -4.39
CA ASP A 68 -17.53 8.12 -4.84
C ASP A 68 -18.17 9.50 -4.67
N TYR A 69 -19.29 9.54 -3.95
CA TYR A 69 -20.00 10.78 -3.71
C TYR A 69 -19.10 11.80 -3.03
N ILE A 70 -18.89 12.93 -3.68
CA ILE A 70 -18.04 13.99 -3.14
C ILE A 70 -18.84 14.91 -2.21
N CYS A 71 -18.15 15.53 -1.26
CA CYS A 71 -18.79 16.43 -0.32
C CYS A 71 -19.88 15.72 0.48
N GLU A 72 -19.57 14.49 0.90
CA GLU A 72 -20.52 13.69 1.67
C GLU A 72 -21.28 14.56 2.67
N PHE A 73 -20.54 15.34 3.45
CA PHE A 73 -21.13 16.21 4.45
C PHE A 73 -22.07 17.23 3.79
N SER A 74 -22.80 17.97 4.62
CA SER A 74 -23.73 18.98 4.11
C SER A 74 -23.02 20.30 3.86
N GLY A 75 -22.28 20.76 4.87
CA GLY A 75 -21.56 22.02 4.75
C GLY A 75 -20.59 22.01 3.58
N PRO A 76 -20.50 23.15 2.87
CA PRO A 76 -19.61 23.30 1.72
C PRO A 76 -18.14 23.31 2.12
N SER A 77 -17.26 23.19 1.13
CA SER A 77 -15.82 23.18 1.38
C SER A 77 -15.22 24.56 1.15
N SER A 78 -14.00 24.75 1.62
CA SER A 78 -13.31 26.03 1.46
C SER A 78 -11.85 25.81 1.07
N GLY A 79 -11.20 26.88 0.60
CA GLY A 79 -9.81 26.79 0.20
C GLY A 79 -9.66 26.60 -1.30
ZN ZN B . 11.94 -0.05 -1.79
ZN ZN C . -6.90 1.03 -1.55
N GLY A 1 26.14 20.66 7.25
CA GLY A 1 26.03 19.66 6.21
C GLY A 1 24.61 19.48 5.72
N SER A 2 24.34 19.99 4.52
CA SER A 2 22.99 19.89 3.95
C SER A 2 22.49 18.44 3.99
N SER A 3 23.38 17.51 3.65
CA SER A 3 23.02 16.10 3.64
C SER A 3 22.18 15.74 4.86
N GLY A 4 22.71 16.06 6.04
CA GLY A 4 22.00 15.77 7.27
C GLY A 4 22.81 14.90 8.22
N SER A 5 23.04 13.66 7.83
CA SER A 5 23.79 12.72 8.65
C SER A 5 24.17 11.48 7.85
N SER A 6 25.00 10.63 8.44
CA SER A 6 25.45 9.40 7.78
C SER A 6 24.37 8.32 7.87
N GLY A 7 24.19 7.58 6.78
CA GLY A 7 23.20 6.52 6.76
C GLY A 7 22.56 6.36 5.39
N MET A 8 21.98 5.20 5.14
CA MET A 8 21.33 4.92 3.87
C MET A 8 19.81 5.03 4.00
N PRO A 9 19.23 6.02 3.29
CA PRO A 9 17.78 6.25 3.31
C PRO A 9 17.00 5.14 2.61
N CYS A 10 15.73 5.01 2.95
CA CYS A 10 14.88 3.98 2.36
C CYS A 10 14.43 4.39 0.97
N ASP A 11 14.77 3.58 -0.03
CA ASP A 11 14.41 3.86 -1.41
C ASP A 11 12.94 4.22 -1.52
N PHE A 12 12.10 3.52 -0.76
CA PHE A 12 10.66 3.77 -0.77
C PHE A 12 10.36 5.21 -0.33
N PRO A 13 9.54 5.90 -1.13
CA PRO A 13 9.14 7.29 -0.84
C PRO A 13 8.22 7.39 0.37
N GLY A 14 8.24 8.54 1.03
CA GLY A 14 7.39 8.74 2.19
C GLY A 14 7.95 8.08 3.43
N CYS A 15 8.33 6.81 3.31
CA CYS A 15 8.88 6.06 4.44
C CYS A 15 9.72 6.96 5.33
N GLY A 16 10.84 7.43 4.81
CA GLY A 16 11.72 8.29 5.57
C GLY A 16 12.56 7.53 6.57
N ARG A 17 13.04 6.35 6.17
CA ARG A 17 13.86 5.52 7.04
C ARG A 17 15.33 5.55 6.60
N ILE A 18 16.23 5.41 7.57
CA ILE A 18 17.66 5.42 7.27
C ILE A 18 18.38 4.32 8.05
N PHE A 19 19.32 3.66 7.37
CA PHE A 19 20.08 2.58 8.00
C PHE A 19 21.55 2.63 7.56
N SER A 20 22.45 2.49 8.52
CA SER A 20 23.88 2.51 8.23
C SER A 20 24.26 1.42 7.24
N ASN A 21 24.01 0.17 7.63
CA ASN A 21 24.32 -0.98 6.78
C ASN A 21 23.18 -1.25 5.81
N ARG A 22 23.51 -1.87 4.67
CA ARG A 22 22.52 -2.19 3.66
C ARG A 22 21.67 -3.38 4.09
N GLN A 23 22.32 -4.38 4.68
CA GLN A 23 21.62 -5.58 5.14
C GLN A 23 20.33 -5.21 5.87
N TYR A 24 20.44 -4.29 6.81
CA TYR A 24 19.28 -3.86 7.58
C TYR A 24 18.23 -3.23 6.68
N LEU A 25 18.67 -2.38 5.76
CA LEU A 25 17.77 -1.71 4.83
C LEU A 25 16.91 -2.72 4.09
N ASN A 26 17.55 -3.61 3.35
CA ASN A 26 16.83 -4.63 2.60
C ASN A 26 15.86 -5.39 3.49
N HIS A 27 16.32 -5.79 4.67
CA HIS A 27 15.49 -6.51 5.62
C HIS A 27 14.24 -5.70 5.97
N HIS A 28 14.40 -4.38 6.08
CA HIS A 28 13.29 -3.50 6.42
C HIS A 28 12.27 -3.47 5.29
N LYS A 29 12.74 -3.23 4.07
CA LYS A 29 11.86 -3.18 2.91
C LYS A 29 11.23 -4.53 2.63
N LYS A 30 11.94 -5.59 3.00
CA LYS A 30 11.44 -6.95 2.80
C LYS A 30 10.49 -7.35 3.92
N TYR A 31 10.63 -6.70 5.07
CA TYR A 31 9.78 -7.00 6.23
C TYR A 31 8.65 -5.98 6.33
N GLN A 32 9.00 -4.73 6.59
CA GLN A 32 8.02 -3.67 6.72
C GLN A 32 7.24 -3.49 5.42
N HIS A 33 7.96 -3.16 4.35
CA HIS A 33 7.33 -2.96 3.05
C HIS A 33 7.04 -4.30 2.38
N ILE A 34 7.07 -5.37 3.16
CA ILE A 34 6.80 -6.70 2.64
C ILE A 34 5.47 -6.74 1.88
N HIS A 35 5.44 -7.51 0.80
CA HIS A 35 4.25 -7.63 -0.02
C HIS A 35 2.99 -7.60 0.84
N GLN A 36 2.98 -8.40 1.90
CA GLN A 36 1.84 -8.46 2.82
C GLN A 36 1.58 -7.09 3.45
N LYS A 37 0.40 -6.54 3.18
CA LYS A 37 0.03 -5.25 3.72
C LYS A 37 -1.49 -5.12 3.84
N SER A 38 -1.94 -4.12 4.58
CA SER A 38 -3.37 -3.89 4.78
C SER A 38 -4.04 -3.51 3.46
N PHE A 39 -4.96 -4.36 3.00
CA PHE A 39 -5.67 -4.12 1.76
C PHE A 39 -6.51 -2.85 1.85
N SER A 40 -6.16 -1.85 1.05
CA SER A 40 -6.87 -0.58 1.05
C SER A 40 -7.41 -0.26 -0.34
N CYS A 41 -8.50 0.51 -0.38
CA CYS A 41 -9.12 0.89 -1.65
C CYS A 41 -8.30 1.97 -2.35
N PRO A 42 -8.13 1.81 -3.67
CA PRO A 42 -7.37 2.77 -4.49
C PRO A 42 -8.11 4.10 -4.65
N GLU A 43 -9.24 4.23 -3.98
CA GLU A 43 -10.04 5.45 -4.06
C GLU A 43 -10.06 6.15 -2.70
N PRO A 44 -9.74 7.45 -2.71
CA PRO A 44 -9.72 8.28 -1.49
C PRO A 44 -11.11 8.54 -0.96
N ALA A 45 -12.00 9.01 -1.82
CA ALA A 45 -13.38 9.30 -1.42
C ALA A 45 -14.03 8.08 -0.78
N CYS A 46 -13.90 6.93 -1.43
CA CYS A 46 -14.49 5.70 -0.91
C CYS A 46 -14.27 5.57 0.59
N GLY A 47 -13.05 5.86 1.03
CA GLY A 47 -12.73 5.78 2.45
C GLY A 47 -13.16 4.47 3.06
N LYS A 48 -12.67 3.37 2.52
CA LYS A 48 -13.01 2.04 3.02
C LYS A 48 -11.77 1.14 3.06
N SER A 49 -11.38 0.72 4.25
CA SER A 49 -10.22 -0.14 4.42
C SER A 49 -10.65 -1.56 4.77
N PHE A 50 -9.81 -2.53 4.42
CA PHE A 50 -10.09 -3.94 4.69
C PHE A 50 -8.83 -4.67 5.13
N ASN A 51 -8.99 -5.58 6.09
CA ASN A 51 -7.87 -6.36 6.61
C ASN A 51 -7.57 -7.55 5.70
N PHE A 52 -8.64 -8.17 5.18
CA PHE A 52 -8.49 -9.33 4.31
C PHE A 52 -8.82 -8.95 2.86
N LYS A 53 -8.15 -9.61 1.93
CA LYS A 53 -8.36 -9.35 0.50
C LYS A 53 -9.77 -9.76 0.09
N LYS A 54 -10.22 -10.91 0.59
CA LYS A 54 -11.55 -11.41 0.27
C LYS A 54 -12.56 -10.26 0.20
N HIS A 55 -12.54 -9.39 1.19
CA HIS A 55 -13.45 -8.25 1.24
C HIS A 55 -13.12 -7.25 0.15
N LEU A 56 -11.81 -7.03 -0.08
CA LEU A 56 -11.36 -6.10 -1.09
C LEU A 56 -11.95 -6.43 -2.46
N LYS A 57 -11.93 -7.71 -2.81
CA LYS A 57 -12.47 -8.16 -4.08
C LYS A 57 -13.97 -7.89 -4.17
N GLU A 58 -14.73 -8.52 -3.30
CA GLU A 58 -16.19 -8.35 -3.28
C GLU A 58 -16.55 -6.87 -3.29
N HIS A 59 -15.65 -6.03 -2.76
CA HIS A 59 -15.88 -4.60 -2.71
C HIS A 59 -15.65 -3.97 -4.08
N MET A 60 -14.62 -4.43 -4.77
CA MET A 60 -14.30 -3.90 -6.10
C MET A 60 -15.46 -4.10 -7.06
N LYS A 61 -16.10 -5.26 -6.98
CA LYS A 61 -17.23 -5.58 -7.85
C LYS A 61 -18.06 -4.32 -8.12
N LEU A 62 -18.35 -3.57 -7.06
CA LEU A 62 -19.13 -2.34 -7.19
C LEU A 62 -18.41 -1.32 -8.05
N HIS A 63 -17.18 -1.00 -7.67
CA HIS A 63 -16.37 -0.02 -8.41
C HIS A 63 -16.29 -0.40 -9.89
N SER A 64 -16.08 -1.70 -10.15
CA SER A 64 -15.97 -2.18 -11.52
C SER A 64 -17.25 -1.91 -12.30
N ASP A 65 -17.21 -2.18 -13.60
CA ASP A 65 -18.38 -1.95 -14.45
C ASP A 65 -18.83 -0.49 -14.41
N THR A 66 -17.85 0.41 -14.41
CA THR A 66 -18.15 1.84 -14.36
C THR A 66 -17.78 2.52 -15.66
N ARG A 67 -18.65 3.40 -16.15
CA ARG A 67 -18.41 4.12 -17.38
C ARG A 67 -17.68 5.43 -17.12
N ASP A 68 -18.23 6.24 -16.23
CA ASP A 68 -17.64 7.52 -15.88
C ASP A 68 -16.12 7.40 -15.75
N TYR A 69 -15.68 6.57 -14.82
CA TYR A 69 -14.25 6.38 -14.59
C TYR A 69 -13.71 5.26 -15.48
N ILE A 70 -12.40 5.27 -15.69
CA ILE A 70 -11.75 4.25 -16.53
C ILE A 70 -10.43 3.81 -15.93
N CYS A 71 -10.11 2.53 -16.09
CA CYS A 71 -8.86 1.98 -15.56
C CYS A 71 -8.26 0.99 -16.55
N GLU A 72 -7.00 0.62 -16.31
CA GLU A 72 -6.29 -0.32 -17.17
C GLU A 72 -5.54 -1.36 -16.34
N PHE A 73 -5.49 -2.59 -16.86
CA PHE A 73 -4.82 -3.67 -16.17
C PHE A 73 -3.31 -3.47 -16.18
N SER A 74 -2.63 -4.04 -15.19
CA SER A 74 -1.18 -3.92 -15.08
C SER A 74 -0.61 -5.01 -14.18
N GLY A 75 0.71 -5.06 -14.08
CA GLY A 75 1.37 -6.05 -13.25
C GLY A 75 2.43 -6.83 -14.00
N PRO A 76 3.65 -6.30 -14.05
CA PRO A 76 4.77 -6.93 -14.74
C PRO A 76 5.24 -8.19 -14.03
N SER A 77 4.52 -8.59 -12.99
CA SER A 77 4.88 -9.77 -12.22
C SER A 77 6.18 -9.57 -11.45
N SER A 78 6.32 -8.39 -10.84
CA SER A 78 7.53 -8.07 -10.09
C SER A 78 7.68 -8.99 -8.88
N GLY A 79 6.59 -9.17 -8.14
CA GLY A 79 6.63 -10.03 -6.97
C GLY A 79 7.83 -9.76 -6.08
ZN ZN B . 11.04 1.91 4.25
ZN ZN C . -13.72 1.48 -2.77
N GLY A 1 32.26 11.70 5.51
CA GLY A 1 33.12 10.77 6.24
C GLY A 1 34.28 11.46 6.92
N SER A 2 33.98 12.22 7.97
CA SER A 2 35.01 12.95 8.71
C SER A 2 35.28 12.28 10.05
N SER A 3 34.21 11.77 10.68
CA SER A 3 34.33 11.12 11.97
C SER A 3 34.75 9.66 11.80
N GLY A 4 34.08 8.95 10.92
CA GLY A 4 34.40 7.55 10.68
C GLY A 4 33.21 6.64 10.91
N SER A 5 32.27 6.65 9.99
CA SER A 5 31.07 5.82 10.10
C SER A 5 30.67 5.25 8.74
N SER A 6 30.94 3.96 8.54
CA SER A 6 30.60 3.30 7.28
C SER A 6 29.19 2.71 7.33
N GLY A 7 28.27 3.35 6.62
CA GLY A 7 26.90 2.88 6.59
C GLY A 7 26.01 3.73 5.72
N MET A 8 24.93 3.14 5.20
CA MET A 8 24.00 3.85 4.35
C MET A 8 22.69 4.13 5.07
N PRO A 9 22.33 5.42 5.16
CA PRO A 9 21.09 5.85 5.83
C PRO A 9 19.84 5.44 5.07
N CYS A 10 18.73 5.32 5.79
CA CYS A 10 17.46 4.93 5.17
C CYS A 10 16.89 6.07 4.34
N ASP A 11 15.94 5.74 3.48
CA ASP A 11 15.31 6.74 2.61
C ASP A 11 14.46 7.71 3.44
N PHE A 12 13.57 7.16 4.26
CA PHE A 12 12.71 7.99 5.10
C PHE A 12 13.52 8.95 5.95
N PRO A 13 13.03 10.20 6.07
CA PRO A 13 13.70 11.24 6.85
C PRO A 13 13.64 10.97 8.35
N GLY A 14 12.44 10.71 8.85
CA GLY A 14 12.27 10.44 10.27
C GLY A 14 12.97 9.16 10.70
N CYS A 15 12.86 8.11 9.88
CA CYS A 15 13.48 6.84 10.18
C CYS A 15 14.90 7.03 10.71
N GLY A 16 15.72 7.76 9.94
CA GLY A 16 17.09 8.02 10.35
C GLY A 16 17.80 6.75 10.81
N ARG A 17 17.84 5.74 9.94
CA ARG A 17 18.49 4.48 10.26
C ARG A 17 19.64 4.20 9.30
N ILE A 18 20.75 3.71 9.85
CA ILE A 18 21.92 3.41 9.03
C ILE A 18 22.30 1.93 9.16
N PHE A 19 22.70 1.34 8.05
CA PHE A 19 23.10 -0.06 8.03
C PHE A 19 24.44 -0.25 7.32
N SER A 20 25.04 -1.42 7.50
CA SER A 20 26.33 -1.72 6.89
C SER A 20 26.13 -2.33 5.50
N ASN A 21 25.40 -3.43 5.45
CA ASN A 21 25.13 -4.11 4.19
C ASN A 21 23.81 -3.64 3.58
N ARG A 22 23.60 -3.96 2.31
CA ARG A 22 22.38 -3.57 1.61
C ARG A 22 21.23 -4.51 1.97
N GLN A 23 21.46 -5.80 1.80
CA GLN A 23 20.43 -6.80 2.11
C GLN A 23 19.65 -6.41 3.36
N TYR A 24 20.36 -5.93 4.37
CA TYR A 24 19.73 -5.52 5.62
C TYR A 24 18.88 -4.27 5.42
N LEU A 25 19.46 -3.27 4.77
CA LEU A 25 18.76 -2.01 4.51
C LEU A 25 17.49 -2.26 3.71
N ASN A 26 17.62 -3.02 2.62
CA ASN A 26 16.47 -3.33 1.77
C ASN A 26 15.41 -4.09 2.55
N HIS A 27 15.81 -5.15 3.23
CA HIS A 27 14.88 -5.95 4.02
C HIS A 27 14.07 -5.07 4.98
N HIS A 28 14.72 -4.04 5.51
CA HIS A 28 14.06 -3.13 6.45
C HIS A 28 13.11 -2.20 5.70
N LYS A 29 13.55 -1.73 4.53
CA LYS A 29 12.74 -0.83 3.72
C LYS A 29 11.50 -1.55 3.18
N LYS A 30 11.52 -2.88 3.24
CA LYS A 30 10.40 -3.68 2.75
C LYS A 30 9.58 -4.23 3.92
N TYR A 31 10.27 -4.56 5.02
CA TYR A 31 9.60 -5.10 6.19
C TYR A 31 9.03 -3.98 7.05
N GLN A 32 9.89 -3.11 7.53
CA GLN A 32 9.47 -1.99 8.38
C GLN A 32 8.64 -1.00 7.57
N HIS A 33 9.18 -0.55 6.44
CA HIS A 33 8.48 0.40 5.58
C HIS A 33 7.65 -0.33 4.53
N ILE A 34 6.36 -0.02 4.49
CA ILE A 34 5.45 -0.64 3.53
C ILE A 34 4.14 0.12 3.44
N HIS A 35 3.47 0.02 2.30
CA HIS A 35 2.20 0.69 2.09
C HIS A 35 1.17 0.25 3.12
N GLN A 36 0.30 1.17 3.53
CA GLN A 36 -0.74 0.87 4.52
C GLN A 36 -1.58 -0.32 4.07
N LYS A 37 -2.48 -0.75 4.94
CA LYS A 37 -3.36 -1.87 4.64
C LYS A 37 -4.81 -1.56 5.01
N SER A 38 -5.71 -2.49 4.72
CA SER A 38 -7.12 -2.31 5.03
C SER A 38 -7.63 -0.99 4.45
N PHE A 39 -7.24 -0.70 3.21
CA PHE A 39 -7.66 0.53 2.55
C PHE A 39 -9.17 0.69 2.60
N SER A 40 -9.67 1.79 2.05
CA SER A 40 -11.10 2.07 2.03
C SER A 40 -11.59 2.28 0.61
N CYS A 41 -12.87 2.00 0.39
CA CYS A 41 -13.47 2.17 -0.93
C CYS A 41 -13.73 3.64 -1.24
N PRO A 42 -13.23 4.09 -2.40
CA PRO A 42 -13.39 5.48 -2.84
C PRO A 42 -14.83 5.82 -3.20
N GLU A 43 -15.73 4.86 -2.99
CA GLU A 43 -17.14 5.05 -3.31
C GLU A 43 -17.90 5.58 -2.09
N PRO A 44 -18.56 6.73 -2.27
CA PRO A 44 -19.34 7.37 -1.19
C PRO A 44 -20.59 6.58 -0.84
N ALA A 45 -21.39 6.25 -1.86
CA ALA A 45 -22.62 5.49 -1.65
C ALA A 45 -22.34 4.18 -0.94
N CYS A 46 -21.37 3.42 -1.46
CA CYS A 46 -21.00 2.13 -0.88
C CYS A 46 -20.42 2.32 0.51
N GLY A 47 -19.43 3.20 0.63
CA GLY A 47 -18.80 3.46 1.91
C GLY A 47 -18.65 2.19 2.74
N LYS A 48 -17.82 1.27 2.27
CA LYS A 48 -17.59 0.01 2.96
C LYS A 48 -16.10 -0.25 3.16
N SER A 49 -15.69 -0.47 4.40
CA SER A 49 -14.29 -0.74 4.70
C SER A 49 -14.07 -2.20 5.04
N PHE A 50 -12.86 -2.68 4.79
CA PHE A 50 -12.52 -4.07 5.06
C PHE A 50 -11.10 -4.19 5.60
N ASN A 51 -10.86 -5.22 6.41
CA ASN A 51 -9.54 -5.45 6.99
C ASN A 51 -8.67 -6.31 6.06
N PHE A 52 -9.28 -7.33 5.48
CA PHE A 52 -8.56 -8.22 4.57
C PHE A 52 -8.63 -7.71 3.13
N LYS A 53 -7.46 -7.38 2.59
CA LYS A 53 -7.37 -6.87 1.22
C LYS A 53 -8.11 -7.79 0.24
N LYS A 54 -7.94 -9.10 0.44
CA LYS A 54 -8.59 -10.09 -0.41
C LYS A 54 -10.07 -9.77 -0.58
N HIS A 55 -10.64 -9.08 0.40
CA HIS A 55 -12.05 -8.71 0.36
C HIS A 55 -12.26 -7.43 -0.44
N LEU A 56 -11.50 -6.40 -0.11
CA LEU A 56 -11.59 -5.12 -0.79
C LEU A 56 -11.55 -5.31 -2.30
N LYS A 57 -10.63 -6.16 -2.77
CA LYS A 57 -10.48 -6.43 -4.18
C LYS A 57 -11.75 -7.05 -4.76
N GLU A 58 -12.08 -8.26 -4.28
CA GLU A 58 -13.27 -8.96 -4.74
C GLU A 58 -14.50 -8.07 -4.65
N HIS A 59 -14.46 -7.11 -3.73
CA HIS A 59 -15.58 -6.19 -3.54
C HIS A 59 -15.68 -5.21 -4.70
N MET A 60 -14.59 -4.47 -4.94
CA MET A 60 -14.56 -3.49 -6.02
C MET A 60 -15.18 -4.07 -7.29
N LYS A 61 -14.84 -5.30 -7.60
CA LYS A 61 -15.36 -5.97 -8.78
C LYS A 61 -16.87 -5.75 -8.92
N LEU A 62 -17.57 -5.84 -7.79
CA LEU A 62 -19.01 -5.65 -7.78
C LEU A 62 -19.39 -4.30 -8.39
N HIS A 63 -18.60 -3.28 -8.08
CA HIS A 63 -18.85 -1.94 -8.59
C HIS A 63 -18.76 -1.92 -10.12
N SER A 64 -17.74 -2.58 -10.65
CA SER A 64 -17.55 -2.63 -12.10
C SER A 64 -18.64 -3.46 -12.77
N ASP A 65 -18.95 -3.13 -14.01
CA ASP A 65 -19.98 -3.85 -14.76
C ASP A 65 -19.43 -5.17 -15.29
N THR A 66 -18.44 -5.08 -16.18
CA THR A 66 -17.84 -6.26 -16.77
C THR A 66 -17.15 -7.11 -15.71
N ARG A 67 -17.14 -8.42 -15.93
CA ARG A 67 -16.52 -9.35 -15.00
C ARG A 67 -15.25 -9.96 -15.59
N ASP A 68 -14.50 -10.68 -14.76
CA ASP A 68 -13.26 -11.31 -15.21
C ASP A 68 -13.55 -12.37 -16.27
N TYR A 69 -12.63 -12.51 -17.21
CA TYR A 69 -12.78 -13.49 -18.29
C TYR A 69 -13.14 -14.86 -17.73
N ILE A 70 -12.46 -15.25 -16.66
CA ILE A 70 -12.71 -16.55 -16.03
C ILE A 70 -12.92 -16.39 -14.52
N CYS A 71 -13.36 -17.47 -13.88
CA CYS A 71 -13.60 -17.46 -12.44
C CYS A 71 -12.57 -18.29 -11.70
N GLU A 72 -12.40 -18.02 -10.41
CA GLU A 72 -11.44 -18.76 -9.59
C GLU A 72 -12.01 -20.10 -9.14
N PHE A 73 -11.22 -21.16 -9.31
CA PHE A 73 -11.66 -22.50 -8.92
C PHE A 73 -10.52 -23.27 -8.28
N SER A 74 -10.87 -24.19 -7.38
CA SER A 74 -9.87 -24.99 -6.68
C SER A 74 -10.32 -26.45 -6.58
N GLY A 75 -9.36 -27.35 -6.49
CA GLY A 75 -9.68 -28.77 -6.38
C GLY A 75 -9.38 -29.53 -7.65
N PRO A 76 -8.11 -29.93 -7.81
CA PRO A 76 -7.65 -30.68 -9.00
C PRO A 76 -8.20 -32.10 -9.02
N SER A 77 -8.19 -32.75 -7.86
CA SER A 77 -8.68 -34.12 -7.75
C SER A 77 -9.71 -34.24 -6.63
N SER A 78 -10.93 -34.63 -6.99
CA SER A 78 -12.00 -34.77 -6.02
C SER A 78 -12.07 -36.21 -5.50
N GLY A 79 -11.98 -37.17 -6.42
CA GLY A 79 -12.03 -38.56 -6.03
C GLY A 79 -11.93 -39.50 -7.22
ZN ZN B . 13.63 3.08 7.43
ZN ZN C . -17.30 -0.12 -2.61
N GLY A 1 20.66 13.67 -11.77
CA GLY A 1 20.35 13.16 -10.44
C GLY A 1 20.11 11.67 -10.41
N SER A 2 20.97 10.95 -9.70
CA SER A 2 20.85 9.50 -9.61
C SER A 2 20.36 9.08 -8.23
N SER A 3 19.52 8.06 -8.20
CA SER A 3 18.96 7.56 -6.94
C SER A 3 19.57 6.22 -6.57
N GLY A 4 19.60 5.92 -5.28
CA GLY A 4 20.17 4.67 -4.82
C GLY A 4 19.85 3.51 -5.74
N SER A 5 20.83 3.11 -6.54
CA SER A 5 20.65 2.01 -7.49
C SER A 5 20.84 0.67 -6.79
N SER A 6 21.87 0.56 -5.97
CA SER A 6 22.16 -0.67 -5.25
C SER A 6 21.05 -0.99 -4.27
N GLY A 7 20.60 0.01 -3.52
CA GLY A 7 19.54 -0.19 -2.55
C GLY A 7 18.31 0.64 -2.86
N MET A 8 17.21 0.33 -2.19
CA MET A 8 15.96 1.07 -2.39
C MET A 8 15.59 1.87 -1.15
N PRO A 9 15.28 3.15 -1.36
CA PRO A 9 14.91 4.07 -0.27
C PRO A 9 13.55 3.72 0.33
N CYS A 10 13.31 4.20 1.55
CA CYS A 10 12.05 3.94 2.23
C CYS A 10 10.96 4.88 1.73
N ASP A 11 9.87 4.30 1.23
CA ASP A 11 8.75 5.07 0.71
C ASP A 11 8.36 6.18 1.68
N PHE A 12 8.31 5.84 2.97
CA PHE A 12 7.95 6.81 4.00
C PHE A 12 8.84 8.04 3.93
N PRO A 13 8.21 9.22 3.93
CA PRO A 13 8.93 10.50 3.86
C PRO A 13 9.70 10.80 5.15
N GLY A 14 10.80 11.54 5.02
CA GLY A 14 11.61 11.88 6.18
C GLY A 14 12.51 10.74 6.61
N CYS A 15 11.96 9.53 6.64
CA CYS A 15 12.73 8.35 7.05
C CYS A 15 14.15 8.42 6.50
N GLY A 16 14.26 8.34 5.17
CA GLY A 16 15.58 8.39 4.55
C GLY A 16 16.39 7.14 4.80
N ARG A 17 15.75 5.97 4.61
CA ARG A 17 16.43 4.69 4.82
C ARG A 17 16.49 3.90 3.52
N ILE A 18 17.64 3.28 3.27
CA ILE A 18 17.82 2.48 2.06
C ILE A 18 18.18 1.04 2.41
N PHE A 19 17.59 0.09 1.68
CA PHE A 19 17.86 -1.32 1.91
C PHE A 19 18.07 -2.06 0.60
N SER A 20 19.02 -2.99 0.59
CA SER A 20 19.33 -3.76 -0.62
C SER A 20 18.16 -4.69 -0.97
N ASN A 21 17.72 -5.48 -0.01
CA ASN A 21 16.63 -6.41 -0.22
C ASN A 21 15.29 -5.78 0.17
N ARG A 22 14.22 -6.23 -0.46
CA ARG A 22 12.88 -5.71 -0.18
C ARG A 22 12.35 -6.27 1.12
N GLN A 23 12.39 -7.59 1.26
CA GLN A 23 11.91 -8.24 2.47
C GLN A 23 12.23 -7.42 3.72
N TYR A 24 13.47 -6.93 3.78
CA TYR A 24 13.91 -6.12 4.92
C TYR A 24 13.13 -4.81 4.99
N LEU A 25 13.08 -4.10 3.87
CA LEU A 25 12.37 -2.82 3.80
C LEU A 25 10.97 -2.95 4.39
N ASN A 26 10.21 -3.91 3.89
CA ASN A 26 8.85 -4.14 4.37
C ASN A 26 8.84 -4.35 5.88
N HIS A 27 9.68 -5.27 6.35
CA HIS A 27 9.77 -5.56 7.77
C HIS A 27 10.06 -4.30 8.58
N HIS A 28 10.95 -3.46 8.07
CA HIS A 28 11.31 -2.22 8.73
C HIS A 28 10.09 -1.32 8.89
N LYS A 29 9.34 -1.15 7.81
CA LYS A 29 8.14 -0.32 7.83
C LYS A 29 7.06 -0.92 8.72
N LYS A 30 6.86 -2.23 8.59
CA LYS A 30 5.86 -2.93 9.39
C LYS A 30 6.21 -2.87 10.88
N TYR A 31 7.49 -2.73 11.17
CA TYR A 31 7.96 -2.66 12.55
C TYR A 31 8.12 -1.20 13.00
N GLN A 32 9.09 -0.51 12.42
CA GLN A 32 9.34 0.88 12.76
C GLN A 32 8.14 1.76 12.39
N HIS A 33 7.76 1.74 11.12
CA HIS A 33 6.64 2.53 10.64
C HIS A 33 5.31 1.85 11.00
N ILE A 34 5.38 0.84 11.85
CA ILE A 34 4.19 0.11 12.27
C ILE A 34 3.00 1.05 12.45
N HIS A 35 3.29 2.30 12.83
CA HIS A 35 2.25 3.30 13.04
C HIS A 35 1.17 3.19 11.96
N GLN A 36 1.60 3.02 10.71
CA GLN A 36 0.68 2.90 9.61
C GLN A 36 -0.38 1.83 9.87
N LYS A 37 -1.62 2.26 10.04
CA LYS A 37 -2.72 1.34 10.31
C LYS A 37 -3.16 0.63 9.05
N SER A 38 -3.75 -0.55 9.20
CA SER A 38 -4.22 -1.33 8.07
C SER A 38 -5.73 -1.30 7.96
N PHE A 39 -6.24 -1.21 6.74
CA PHE A 39 -7.69 -1.16 6.51
C PHE A 39 -8.25 -2.58 6.38
N SER A 40 -9.58 -2.67 6.42
CA SER A 40 -10.25 -3.96 6.32
C SER A 40 -11.40 -3.89 5.32
N CYS A 41 -11.66 -5.01 4.65
CA CYS A 41 -12.74 -5.09 3.67
C CYS A 41 -14.08 -5.35 4.35
N PRO A 42 -15.12 -4.65 3.87
CA PRO A 42 -16.48 -4.79 4.41
C PRO A 42 -17.10 -6.14 4.08
N GLU A 43 -16.85 -6.62 2.86
CA GLU A 43 -17.38 -7.90 2.43
C GLU A 43 -17.04 -9.00 3.42
N PRO A 44 -18.08 -9.70 3.91
CA PRO A 44 -17.92 -10.80 4.87
C PRO A 44 -17.25 -12.02 4.25
N ALA A 45 -17.80 -12.47 3.12
CA ALA A 45 -17.26 -13.63 2.43
C ALA A 45 -15.80 -13.43 2.07
N CYS A 46 -15.47 -12.27 1.54
CA CYS A 46 -14.10 -11.95 1.15
C CYS A 46 -13.26 -11.62 2.38
N GLY A 47 -13.67 -10.61 3.14
CA GLY A 47 -12.94 -10.22 4.32
C GLY A 47 -11.44 -10.26 4.12
N LYS A 48 -10.93 -9.44 3.21
CA LYS A 48 -9.50 -9.39 2.93
C LYS A 48 -8.87 -8.15 3.54
N SER A 49 -7.64 -8.29 4.02
CA SER A 49 -6.93 -7.18 4.63
C SER A 49 -5.63 -6.89 3.88
N PHE A 50 -5.13 -5.67 4.03
CA PHE A 50 -3.90 -5.26 3.36
C PHE A 50 -3.13 -4.24 4.20
N ASN A 51 -1.82 -4.16 3.98
CA ASN A 51 -0.98 -3.23 4.73
C ASN A 51 -0.82 -1.92 3.96
N PHE A 52 -0.61 -2.02 2.66
CA PHE A 52 -0.43 -0.84 1.81
C PHE A 52 -1.77 -0.40 1.22
N LYS A 53 -2.36 0.64 1.79
CA LYS A 53 -3.62 1.17 1.32
C LYS A 53 -3.74 1.06 -0.20
N LYS A 54 -2.62 1.33 -0.88
CA LYS A 54 -2.59 1.27 -2.34
C LYS A 54 -3.43 0.10 -2.85
N HIS A 55 -3.24 -1.07 -2.25
CA HIS A 55 -3.97 -2.26 -2.64
C HIS A 55 -5.47 -2.09 -2.38
N LEU A 56 -5.82 -1.90 -1.12
CA LEU A 56 -7.21 -1.72 -0.72
C LEU A 56 -7.97 -0.90 -1.77
N LYS A 57 -7.31 0.12 -2.30
CA LYS A 57 -7.92 0.98 -3.32
C LYS A 57 -8.43 0.15 -4.49
N GLU A 58 -7.54 -0.65 -5.08
CA GLU A 58 -7.90 -1.49 -6.21
C GLU A 58 -8.77 -2.66 -5.76
N HIS A 59 -8.54 -3.12 -4.53
CA HIS A 59 -9.30 -4.24 -3.99
C HIS A 59 -10.78 -3.90 -3.91
N MET A 60 -11.09 -2.62 -3.87
CA MET A 60 -12.48 -2.16 -3.81
C MET A 60 -13.05 -1.95 -5.20
N LYS A 61 -12.17 -1.85 -6.19
CA LYS A 61 -12.60 -1.65 -7.58
C LYS A 61 -13.48 -2.81 -8.04
N LEU A 62 -12.99 -4.03 -7.88
CA LEU A 62 -13.73 -5.22 -8.29
C LEU A 62 -14.86 -5.51 -7.32
N HIS A 63 -14.97 -4.69 -6.27
CA HIS A 63 -16.02 -4.86 -5.27
C HIS A 63 -17.21 -3.95 -5.57
N SER A 64 -16.93 -2.72 -5.99
CA SER A 64 -17.97 -1.76 -6.30
C SER A 64 -18.92 -2.32 -7.36
N ASP A 65 -20.19 -1.93 -7.28
CA ASP A 65 -21.19 -2.38 -8.23
C ASP A 65 -20.62 -2.40 -9.65
N THR A 66 -20.04 -1.29 -10.07
CA THR A 66 -19.47 -1.18 -11.41
C THR A 66 -18.12 -1.86 -11.48
N ARG A 67 -18.02 -2.92 -12.28
CA ARG A 67 -16.77 -3.66 -12.43
C ARG A 67 -15.69 -2.79 -13.05
N ASP A 68 -14.50 -3.35 -13.20
CA ASP A 68 -13.38 -2.62 -13.77
C ASP A 68 -12.64 -3.48 -14.79
N TYR A 69 -11.96 -2.81 -15.73
CA TYR A 69 -11.23 -3.51 -16.78
C TYR A 69 -10.29 -4.55 -16.17
N ILE A 70 -10.27 -5.74 -16.77
CA ILE A 70 -9.41 -6.82 -16.29
C ILE A 70 -8.01 -6.71 -16.90
N CYS A 71 -7.00 -6.70 -16.04
CA CYS A 71 -5.61 -6.61 -16.48
C CYS A 71 -5.15 -7.93 -17.10
N GLU A 72 -5.34 -9.02 -16.36
CA GLU A 72 -4.94 -10.34 -16.83
C GLU A 72 -3.46 -10.35 -17.25
N PHE A 73 -2.63 -9.68 -16.45
CA PHE A 73 -1.20 -9.61 -16.73
C PHE A 73 -0.39 -10.14 -15.55
N SER A 74 0.92 -10.25 -15.74
CA SER A 74 1.80 -10.75 -14.70
C SER A 74 1.85 -9.79 -13.52
N GLY A 75 2.29 -8.55 -13.78
CA GLY A 75 2.38 -7.55 -12.73
C GLY A 75 2.96 -8.11 -11.45
N PRO A 76 2.56 -7.53 -10.31
CA PRO A 76 3.04 -7.95 -8.99
C PRO A 76 2.50 -9.33 -8.59
N SER A 77 3.21 -10.37 -9.02
CA SER A 77 2.80 -11.74 -8.71
C SER A 77 2.50 -11.89 -7.23
N SER A 78 3.26 -11.17 -6.40
CA SER A 78 3.08 -11.23 -4.95
C SER A 78 2.14 -10.14 -4.48
N GLY A 79 2.40 -8.91 -4.91
CA GLY A 79 1.56 -7.79 -4.52
C GLY A 79 0.08 -8.04 -4.79
ZN ZN B . 11.39 3.77 6.95
ZN ZN C . -12.76 -7.56 -0.26
N GLY A 1 32.77 -10.95 -12.54
CA GLY A 1 33.12 -10.87 -11.13
C GLY A 1 33.00 -9.46 -10.59
N SER A 2 31.89 -8.79 -10.90
CA SER A 2 31.66 -7.43 -10.45
C SER A 2 31.95 -7.30 -8.95
N SER A 3 31.37 -8.20 -8.16
CA SER A 3 31.56 -8.19 -6.72
C SER A 3 30.92 -6.95 -6.10
N GLY A 4 29.71 -6.61 -6.57
CA GLY A 4 29.01 -5.46 -6.04
C GLY A 4 27.87 -5.83 -5.11
N SER A 5 26.65 -5.59 -5.55
CA SER A 5 25.47 -5.89 -4.75
C SER A 5 25.51 -5.16 -3.41
N SER A 6 25.88 -3.88 -3.46
CA SER A 6 25.96 -3.06 -2.26
C SER A 6 24.57 -2.84 -1.66
N GLY A 7 23.60 -2.56 -2.52
CA GLY A 7 22.25 -2.33 -2.05
C GLY A 7 21.62 -3.58 -1.46
N MET A 8 20.69 -3.38 -0.53
CA MET A 8 20.02 -4.51 0.12
C MET A 8 18.55 -4.58 -0.32
N PRO A 9 18.23 -5.59 -1.15
CA PRO A 9 16.87 -5.79 -1.65
C PRO A 9 15.91 -6.25 -0.57
N CYS A 10 14.64 -5.94 -0.73
CA CYS A 10 13.61 -6.33 0.24
C CYS A 10 13.35 -7.83 0.19
N ASP A 11 13.42 -8.48 1.34
CA ASP A 11 13.19 -9.92 1.42
C ASP A 11 11.85 -10.29 0.79
N PHE A 12 10.83 -9.49 1.07
CA PHE A 12 9.50 -9.73 0.53
C PHE A 12 9.53 -9.79 -1.00
N PRO A 13 9.04 -10.90 -1.56
CA PRO A 13 9.01 -11.11 -3.00
C PRO A 13 7.99 -10.21 -3.70
N GLY A 14 8.37 -9.67 -4.85
CA GLY A 14 7.47 -8.80 -5.59
C GLY A 14 7.67 -7.34 -5.24
N CYS A 15 7.79 -7.05 -3.94
CA CYS A 15 7.99 -5.69 -3.48
C CYS A 15 8.85 -4.89 -4.46
N GLY A 16 10.13 -5.26 -4.55
CA GLY A 16 11.03 -4.58 -5.44
C GLY A 16 11.65 -3.34 -4.81
N ARG A 17 11.94 -3.42 -3.52
CA ARG A 17 12.54 -2.31 -2.79
C ARG A 17 14.00 -2.60 -2.44
N ILE A 18 14.85 -1.60 -2.62
CA ILE A 18 16.28 -1.76 -2.32
C ILE A 18 16.77 -0.63 -1.41
N PHE A 19 17.61 -0.97 -0.44
CA PHE A 19 18.15 0.02 0.48
C PHE A 19 19.62 -0.29 0.80
N SER A 20 20.48 0.71 0.61
CA SER A 20 21.90 0.54 0.86
C SER A 20 22.14 0.10 2.31
N ASN A 21 21.54 0.82 3.24
CA ASN A 21 21.69 0.51 4.66
C ASN A 21 20.57 -0.41 5.14
N ARG A 22 20.84 -1.17 6.19
CA ARG A 22 19.86 -2.10 6.74
C ARG A 22 18.74 -1.34 7.45
N GLN A 23 19.11 -0.40 8.31
CA GLN A 23 18.15 0.40 9.05
C GLN A 23 16.94 0.72 8.18
N TYR A 24 17.20 1.23 6.98
CA TYR A 24 16.13 1.59 6.05
C TYR A 24 15.29 0.37 5.70
N LEU A 25 15.95 -0.77 5.49
CA LEU A 25 15.27 -2.00 5.14
C LEU A 25 14.30 -2.41 6.24
N ASN A 26 14.82 -2.65 7.44
CA ASN A 26 13.99 -3.05 8.58
C ASN A 26 12.83 -2.08 8.77
N HIS A 27 13.15 -0.78 8.73
CA HIS A 27 12.13 0.25 8.90
C HIS A 27 11.05 0.13 7.83
N HIS A 28 11.46 -0.17 6.61
CA HIS A 28 10.53 -0.31 5.50
C HIS A 28 9.63 -1.54 5.70
N LYS A 29 10.22 -2.63 6.14
CA LYS A 29 9.47 -3.87 6.37
C LYS A 29 8.56 -3.73 7.58
N LYS A 30 8.73 -2.65 8.32
CA LYS A 30 7.91 -2.39 9.51
C LYS A 30 6.96 -1.22 9.27
N TYR A 31 7.38 -0.29 8.41
CA TYR A 31 6.57 0.88 8.10
C TYR A 31 5.77 0.67 6.81
N GLN A 32 6.48 0.39 5.72
CA GLN A 32 5.84 0.17 4.42
C GLN A 32 5.05 -1.12 4.43
N HIS A 33 5.68 -2.21 4.87
CA HIS A 33 5.02 -3.51 4.92
C HIS A 33 4.29 -3.70 6.25
N ILE A 34 4.06 -2.59 6.96
CA ILE A 34 3.37 -2.64 8.23
C ILE A 34 2.02 -3.34 8.11
N HIS A 35 1.49 -3.78 9.25
CA HIS A 35 0.20 -4.47 9.26
C HIS A 35 0.24 -5.72 8.39
N GLN A 36 1.31 -6.50 8.53
CA GLN A 36 1.46 -7.73 7.76
C GLN A 36 0.13 -8.43 7.58
N LYS A 37 -0.64 -8.50 8.67
CA LYS A 37 -1.95 -9.14 8.64
C LYS A 37 -2.82 -8.59 7.51
N SER A 38 -4.00 -9.17 7.34
CA SER A 38 -4.92 -8.73 6.30
C SER A 38 -5.55 -7.39 6.65
N PHE A 39 -6.31 -6.83 5.71
CA PHE A 39 -6.97 -5.55 5.94
C PHE A 39 -8.48 -5.68 5.71
N SER A 40 -9.25 -4.91 6.47
CA SER A 40 -10.70 -4.94 6.36
C SER A 40 -11.22 -3.63 5.79
N CYS A 41 -12.38 -3.70 5.12
CA CYS A 41 -12.99 -2.53 4.51
C CYS A 41 -13.66 -1.65 5.58
N PRO A 42 -13.43 -0.34 5.49
CA PRO A 42 -14.00 0.62 6.44
C PRO A 42 -15.50 0.79 6.27
N GLU A 43 -16.07 0.00 5.37
CA GLU A 43 -17.51 0.05 5.11
C GLU A 43 -18.24 -1.05 5.86
N PRO A 44 -19.30 -0.67 6.59
CA PRO A 44 -20.11 -1.61 7.38
C PRO A 44 -20.93 -2.55 6.49
N ALA A 45 -21.65 -1.97 5.54
CA ALA A 45 -22.48 -2.75 4.63
C ALA A 45 -21.63 -3.66 3.75
N CYS A 46 -20.55 -3.10 3.22
CA CYS A 46 -19.65 -3.86 2.36
C CYS A 46 -18.90 -4.93 3.15
N GLY A 47 -18.27 -4.50 4.25
CA GLY A 47 -17.53 -5.43 5.08
C GLY A 47 -16.80 -6.49 4.26
N LYS A 48 -15.70 -6.09 3.64
CA LYS A 48 -14.91 -7.01 2.82
C LYS A 48 -13.46 -7.04 3.29
N SER A 49 -12.86 -8.22 3.26
CA SER A 49 -11.48 -8.38 3.69
C SER A 49 -10.57 -8.62 2.49
N PHE A 50 -9.27 -8.40 2.69
CA PHE A 50 -8.29 -8.58 1.62
C PHE A 50 -6.94 -9.02 2.19
N ASN A 51 -6.39 -10.10 1.63
CA ASN A 51 -5.11 -10.62 2.07
C ASN A 51 -4.07 -9.51 2.18
N PHE A 52 -3.89 -8.78 1.08
CA PHE A 52 -2.93 -7.68 1.04
C PHE A 52 -3.64 -6.33 1.12
N LYS A 53 -2.93 -5.33 1.66
CA LYS A 53 -3.50 -4.00 1.79
C LYS A 53 -3.58 -3.30 0.43
N LYS A 54 -2.46 -3.30 -0.29
CA LYS A 54 -2.40 -2.68 -1.61
C LYS A 54 -3.58 -3.12 -2.47
N HIS A 55 -4.16 -4.26 -2.12
CA HIS A 55 -5.30 -4.79 -2.87
C HIS A 55 -6.59 -4.09 -2.46
N LEU A 56 -6.73 -3.80 -1.17
CA LEU A 56 -7.91 -3.13 -0.66
C LEU A 56 -8.10 -1.77 -1.31
N LYS A 57 -6.99 -1.08 -1.55
CA LYS A 57 -7.03 0.24 -2.18
C LYS A 57 -7.74 0.18 -3.53
N GLU A 58 -7.38 -0.80 -4.34
CA GLU A 58 -8.00 -0.97 -5.65
C GLU A 58 -9.48 -1.29 -5.53
N HIS A 59 -9.89 -1.72 -4.33
CA HIS A 59 -11.28 -2.06 -4.07
C HIS A 59 -12.04 -0.86 -3.52
N MET A 60 -11.38 -0.08 -2.68
CA MET A 60 -12.00 1.10 -2.08
C MET A 60 -12.60 2.00 -3.16
N LYS A 61 -12.04 1.95 -4.35
CA LYS A 61 -12.53 2.76 -5.47
C LYS A 61 -13.83 2.19 -6.01
N LEU A 62 -14.05 0.90 -5.80
CA LEU A 62 -15.26 0.24 -6.27
C LEU A 62 -16.50 0.89 -5.68
N HIS A 63 -16.33 1.54 -4.53
CA HIS A 63 -17.43 2.21 -3.86
C HIS A 63 -17.69 3.59 -4.46
N SER A 64 -16.95 3.92 -5.51
CA SER A 64 -17.09 5.20 -6.18
C SER A 64 -18.28 5.20 -7.13
N ASP A 65 -18.74 6.39 -7.49
CA ASP A 65 -19.88 6.53 -8.40
C ASP A 65 -19.45 7.15 -9.72
N THR A 66 -18.13 7.23 -9.93
CA THR A 66 -17.59 7.80 -11.15
C THR A 66 -17.77 6.86 -12.33
N ARG A 67 -17.76 7.42 -13.54
CA ARG A 67 -17.93 6.61 -14.75
C ARG A 67 -16.69 5.74 -14.98
N ASP A 68 -15.52 6.35 -14.93
CA ASP A 68 -14.28 5.62 -15.12
C ASP A 68 -14.16 4.45 -14.16
N TYR A 69 -13.41 3.42 -14.56
CA TYR A 69 -13.22 2.24 -13.73
C TYR A 69 -14.55 1.53 -13.50
N ILE A 70 -15.32 1.35 -14.58
CA ILE A 70 -16.60 0.69 -14.49
C ILE A 70 -16.51 -0.76 -14.98
N CYS A 71 -15.67 -0.98 -15.99
CA CYS A 71 -15.49 -2.30 -16.57
C CYS A 71 -15.30 -3.34 -15.46
N GLU A 72 -14.21 -3.19 -14.70
CA GLU A 72 -13.92 -4.11 -13.62
C GLU A 72 -15.02 -4.11 -12.57
N PHE A 73 -15.67 -5.26 -12.40
CA PHE A 73 -16.75 -5.40 -11.44
C PHE A 73 -16.70 -6.76 -10.76
N SER A 74 -16.90 -6.76 -9.44
CA SER A 74 -16.87 -7.99 -8.66
C SER A 74 -18.23 -8.28 -8.04
N GLY A 75 -18.64 -9.55 -8.07
CA GLY A 75 -19.92 -9.93 -7.51
C GLY A 75 -20.22 -9.21 -6.20
N PRO A 76 -21.31 -8.43 -6.19
CA PRO A 76 -21.72 -7.67 -5.00
C PRO A 76 -22.24 -8.58 -3.89
N SER A 77 -21.35 -9.01 -3.02
CA SER A 77 -21.71 -9.88 -1.91
C SER A 77 -21.55 -9.16 -0.57
N SER A 78 -22.63 -9.08 0.19
CA SER A 78 -22.61 -8.42 1.49
C SER A 78 -22.41 -9.43 2.60
N GLY A 79 -22.26 -8.93 3.83
CA GLY A 79 -22.06 -9.80 4.97
C GLY A 79 -20.60 -9.95 5.34
ZN ZN B . 9.37 -4.34 0.75
ZN ZN C . -15.46 -2.39 0.30
N GLY A 1 15.64 16.39 20.50
CA GLY A 1 16.64 16.09 19.49
C GLY A 1 16.07 15.28 18.33
N SER A 2 16.95 14.72 17.50
CA SER A 2 16.53 13.93 16.36
C SER A 2 17.54 12.84 16.05
N SER A 3 17.06 11.61 15.92
CA SER A 3 17.92 10.47 15.63
C SER A 3 17.82 10.06 14.16
N GLY A 4 18.85 9.40 13.66
CA GLY A 4 18.85 8.96 12.27
C GLY A 4 19.39 10.02 11.33
N SER A 5 20.59 10.53 11.63
CA SER A 5 21.21 11.55 10.81
C SER A 5 21.23 11.14 9.34
N SER A 6 21.65 9.90 9.08
CA SER A 6 21.73 9.38 7.72
C SER A 6 21.37 7.89 7.69
N GLY A 7 20.14 7.60 7.26
CA GLY A 7 19.70 6.22 7.19
C GLY A 7 18.42 5.98 7.96
N MET A 8 17.63 5.00 7.52
CA MET A 8 16.37 4.67 8.17
C MET A 8 16.42 3.28 8.78
N PRO A 9 16.56 3.21 10.11
CA PRO A 9 16.61 1.94 10.84
C PRO A 9 15.28 1.21 10.84
N CYS A 10 15.34 -0.13 10.87
CA CYS A 10 14.14 -0.94 10.87
C CYS A 10 13.47 -0.93 12.25
N ASP A 11 12.16 -0.70 12.26
CA ASP A 11 11.41 -0.67 13.51
C ASP A 11 11.31 -2.06 14.12
N PHE A 12 11.22 -3.08 13.27
CA PHE A 12 11.12 -4.45 13.73
C PHE A 12 12.27 -4.80 14.67
N PRO A 13 11.93 -5.41 15.82
CA PRO A 13 12.91 -5.81 16.82
C PRO A 13 13.80 -6.96 16.35
N GLY A 14 15.06 -6.95 16.78
CA GLY A 14 15.98 -8.00 16.39
C GLY A 14 16.55 -7.79 15.00
N CYS A 15 15.67 -7.48 14.05
CA CYS A 15 16.08 -7.26 12.67
C CYS A 15 17.35 -6.39 12.61
N GLY A 16 17.33 -5.28 13.33
CA GLY A 16 18.47 -4.38 13.35
C GLY A 16 19.04 -4.14 11.97
N ARG A 17 18.20 -3.65 11.06
CA ARG A 17 18.62 -3.38 9.70
C ARG A 17 18.44 -1.90 9.35
N ILE A 18 19.48 -1.30 8.76
CA ILE A 18 19.44 0.10 8.40
C ILE A 18 19.61 0.28 6.89
N PHE A 19 18.94 1.28 6.34
CA PHE A 19 19.02 1.56 4.90
C PHE A 19 19.22 3.05 4.65
N SER A 20 20.27 3.38 3.90
CA SER A 20 20.58 4.78 3.58
C SER A 20 19.41 5.43 2.84
N ASN A 21 18.46 4.61 2.40
CA ASN A 21 17.29 5.12 1.69
C ASN A 21 16.00 4.65 2.35
N ARG A 22 15.03 5.55 2.43
CA ARG A 22 13.74 5.24 3.04
C ARG A 22 12.93 4.29 2.16
N GLN A 23 12.69 4.71 0.91
CA GLN A 23 11.93 3.90 -0.03
C GLN A 23 12.36 2.44 0.05
N TYR A 24 13.65 2.20 -0.04
CA TYR A 24 14.19 0.85 0.00
C TYR A 24 13.87 0.19 1.34
N LEU A 25 13.98 0.96 2.42
CA LEU A 25 13.70 0.45 3.76
C LEU A 25 12.26 -0.07 3.85
N ASN A 26 11.31 0.84 3.65
CA ASN A 26 9.89 0.47 3.71
C ASN A 26 9.64 -0.86 3.01
N HIS A 27 9.96 -0.92 1.73
CA HIS A 27 9.77 -2.12 0.95
C HIS A 27 10.16 -3.37 1.75
N HIS A 28 11.32 -3.30 2.39
CA HIS A 28 11.80 -4.42 3.19
C HIS A 28 10.85 -4.72 4.34
N LYS A 29 10.70 -3.77 5.26
CA LYS A 29 9.81 -3.94 6.40
C LYS A 29 8.47 -4.50 5.96
N LYS A 30 7.86 -3.86 4.96
CA LYS A 30 6.57 -4.29 4.45
C LYS A 30 6.64 -5.73 3.95
N TYR A 31 7.42 -5.95 2.89
CA TYR A 31 7.56 -7.28 2.30
C TYR A 31 8.01 -8.28 3.36
N GLN A 32 9.24 -8.12 3.83
CA GLN A 32 9.78 -9.02 4.85
C GLN A 32 8.84 -9.15 6.03
N HIS A 33 8.70 -8.07 6.79
CA HIS A 33 7.81 -8.07 7.95
C HIS A 33 6.38 -7.77 7.54
N ILE A 34 5.55 -8.80 7.48
CA ILE A 34 4.16 -8.65 7.10
C ILE A 34 3.26 -9.60 7.90
N HIS A 35 1.98 -9.26 7.98
CA HIS A 35 1.02 -10.08 8.71
C HIS A 35 0.09 -10.82 7.75
N GLN A 36 0.10 -12.15 7.84
CA GLN A 36 -0.74 -12.97 6.98
C GLN A 36 -2.20 -12.54 7.06
N LYS A 37 -2.71 -12.43 8.28
CA LYS A 37 -4.10 -12.01 8.49
C LYS A 37 -4.46 -10.83 7.59
N SER A 38 -3.51 -9.94 7.39
CA SER A 38 -3.73 -8.76 6.56
C SER A 38 -3.98 -9.16 5.11
N PHE A 39 -5.19 -8.92 4.63
CA PHE A 39 -5.56 -9.26 3.26
C PHE A 39 -4.83 -8.37 2.26
N SER A 40 -4.63 -8.89 1.05
CA SER A 40 -3.94 -8.14 0.02
C SER A 40 -4.76 -8.09 -1.26
N CYS A 41 -4.55 -7.04 -2.06
CA CYS A 41 -5.29 -6.87 -3.31
C CYS A 41 -4.75 -7.80 -4.39
N PRO A 42 -5.67 -8.45 -5.12
CA PRO A 42 -5.30 -9.38 -6.20
C PRO A 42 -4.71 -8.67 -7.40
N GLU A 43 -4.56 -7.35 -7.29
CA GLU A 43 -4.00 -6.55 -8.37
C GLU A 43 -2.64 -5.98 -7.98
N PRO A 44 -1.60 -6.35 -8.75
CA PRO A 44 -0.23 -5.88 -8.50
C PRO A 44 -0.06 -4.39 -8.81
N ALA A 45 -0.54 -3.97 -9.97
CA ALA A 45 -0.45 -2.57 -10.38
C ALA A 45 -1.09 -1.65 -9.34
N CYS A 46 -2.11 -2.16 -8.66
CA CYS A 46 -2.81 -1.38 -7.65
C CYS A 46 -1.91 -1.15 -6.43
N GLY A 47 -1.36 -2.23 -5.90
CA GLY A 47 -0.48 -2.11 -4.75
C GLY A 47 -1.18 -1.49 -3.56
N LYS A 48 -2.11 -2.21 -2.96
CA LYS A 48 -2.86 -1.72 -1.80
C LYS A 48 -3.33 -2.88 -0.92
N SER A 49 -2.74 -2.99 0.26
CA SER A 49 -3.09 -4.05 1.19
C SER A 49 -3.92 -3.51 2.34
N PHE A 50 -4.85 -4.33 2.84
CA PHE A 50 -5.72 -3.92 3.94
C PHE A 50 -5.58 -4.89 5.12
N ASN A 51 -5.93 -4.40 6.31
CA ASN A 51 -5.85 -5.22 7.52
C ASN A 51 -6.99 -6.22 7.58
N PHE A 52 -8.19 -5.76 7.24
CA PHE A 52 -9.38 -6.61 7.26
C PHE A 52 -9.72 -7.09 5.86
N LYS A 53 -10.57 -8.11 5.78
CA LYS A 53 -10.99 -8.66 4.50
C LYS A 53 -12.12 -7.84 3.88
N LYS A 54 -13.25 -7.80 4.57
CA LYS A 54 -14.41 -7.04 4.10
C LYS A 54 -13.99 -5.68 3.58
N HIS A 55 -13.00 -5.08 4.24
CA HIS A 55 -12.50 -3.76 3.85
C HIS A 55 -12.01 -3.78 2.40
N LEU A 56 -11.22 -4.80 2.06
CA LEU A 56 -10.68 -4.93 0.71
C LEU A 56 -11.81 -5.06 -0.31
N LYS A 57 -12.79 -5.90 0.02
CA LYS A 57 -13.93 -6.12 -0.87
C LYS A 57 -14.47 -4.80 -1.42
N GLU A 58 -14.76 -3.87 -0.52
CA GLU A 58 -15.28 -2.57 -0.93
C GLU A 58 -14.31 -1.87 -1.87
N HIS A 59 -13.02 -1.92 -1.54
CA HIS A 59 -12.00 -1.30 -2.37
C HIS A 59 -11.98 -1.90 -3.77
N MET A 60 -12.27 -3.20 -3.85
CA MET A 60 -12.28 -3.90 -5.14
C MET A 60 -13.40 -3.37 -6.02
N LYS A 61 -14.45 -2.83 -5.40
CA LYS A 61 -15.59 -2.30 -6.12
C LYS A 61 -15.17 -1.12 -6.99
N LEU A 62 -14.15 -0.40 -6.55
CA LEU A 62 -13.65 0.76 -7.29
C LEU A 62 -12.93 0.33 -8.56
N HIS A 63 -12.28 -0.83 -8.50
CA HIS A 63 -11.54 -1.35 -9.65
C HIS A 63 -12.48 -1.59 -10.83
N SER A 64 -13.73 -1.95 -10.52
CA SER A 64 -14.72 -2.21 -11.57
C SER A 64 -15.07 -0.92 -12.32
N ASP A 65 -15.84 -1.07 -13.39
CA ASP A 65 -16.24 0.08 -14.20
C ASP A 65 -17.44 0.80 -13.57
N THR A 66 -17.25 2.07 -13.22
CA THR A 66 -18.30 2.85 -12.60
C THR A 66 -19.33 3.30 -13.65
N ARG A 67 -20.54 3.57 -13.19
CA ARG A 67 -21.62 3.99 -14.08
C ARG A 67 -21.30 5.34 -14.70
N ASP A 68 -20.93 5.34 -15.97
CA ASP A 68 -20.60 6.56 -16.69
C ASP A 68 -21.85 7.21 -17.28
N TYR A 69 -22.69 6.39 -17.90
CA TYR A 69 -23.92 6.89 -18.50
C TYR A 69 -24.54 8.00 -17.67
N ILE A 70 -24.62 7.76 -16.35
CA ILE A 70 -25.18 8.75 -15.44
C ILE A 70 -24.24 9.02 -14.27
N CYS A 71 -24.25 10.26 -13.79
CA CYS A 71 -23.40 10.64 -12.67
C CYS A 71 -23.96 10.12 -11.35
N GLU A 72 -25.25 10.31 -11.13
CA GLU A 72 -25.90 9.86 -9.91
C GLU A 72 -25.19 10.43 -8.68
N PHE A 73 -24.79 11.69 -8.76
CA PHE A 73 -24.10 12.35 -7.65
C PHE A 73 -25.10 13.10 -6.77
N SER A 74 -26.02 13.82 -7.40
CA SER A 74 -27.03 14.58 -6.67
C SER A 74 -28.33 14.66 -7.47
N GLY A 75 -29.44 14.85 -6.75
CA GLY A 75 -30.73 14.95 -7.40
C GLY A 75 -31.78 15.58 -6.51
N PRO A 76 -32.29 14.81 -5.54
CA PRO A 76 -33.32 15.29 -4.61
C PRO A 76 -32.77 16.33 -3.64
N SER A 77 -33.25 17.56 -3.76
CA SER A 77 -32.81 18.65 -2.88
C SER A 77 -33.77 18.82 -1.72
N SER A 78 -33.35 19.60 -0.72
CA SER A 78 -34.16 19.85 0.46
C SER A 78 -35.07 21.07 0.25
N GLY A 79 -36.21 21.07 0.92
CA GLY A 79 -37.14 22.17 0.80
C GLY A 79 -38.31 22.05 1.75
ZN ZN B . 13.48 -5.47 9.12
ZN ZN C . -6.73 -2.83 -5.53
N GLY A 1 39.27 -18.06 3.65
CA GLY A 1 38.99 -16.64 3.68
C GLY A 1 37.76 -16.28 2.88
N SER A 2 36.77 -15.71 3.55
CA SER A 2 35.52 -15.32 2.90
C SER A 2 35.07 -13.94 3.37
N SER A 3 35.13 -12.97 2.47
CA SER A 3 34.73 -11.60 2.79
C SER A 3 33.80 -11.03 1.72
N GLY A 4 32.72 -10.40 2.15
CA GLY A 4 31.77 -9.83 1.21
C GLY A 4 30.57 -9.21 1.90
N SER A 5 30.76 -8.01 2.45
CA SER A 5 29.69 -7.31 3.15
C SER A 5 29.04 -6.27 2.24
N SER A 6 27.72 -6.35 2.10
CA SER A 6 26.99 -5.41 1.27
C SER A 6 25.81 -4.82 2.02
N GLY A 7 25.40 -3.62 1.62
CA GLY A 7 24.30 -2.95 2.27
C GLY A 7 23.48 -2.10 1.32
N MET A 8 22.21 -1.85 1.68
CA MET A 8 21.33 -1.06 0.84
C MET A 8 20.63 0.02 1.66
N PRO A 9 20.86 1.30 1.31
CA PRO A 9 20.26 2.43 2.00
C PRO A 9 18.76 2.54 1.76
N CYS A 10 18.07 3.24 2.65
CA CYS A 10 16.62 3.42 2.52
C CYS A 10 16.29 4.42 1.43
N ASP A 11 15.77 3.92 0.31
CA ASP A 11 15.39 4.77 -0.81
C ASP A 11 14.89 6.13 -0.32
N PHE A 12 14.14 6.11 0.78
CA PHE A 12 13.59 7.35 1.35
C PHE A 12 14.72 8.29 1.77
N PRO A 13 14.71 9.51 1.22
CA PRO A 13 15.72 10.53 1.51
C PRO A 13 15.58 11.07 2.93
N GLY A 14 16.71 11.32 3.58
CA GLY A 14 16.70 11.84 4.94
C GLY A 14 16.71 10.74 5.97
N CYS A 15 15.91 9.71 5.75
CA CYS A 15 15.83 8.59 6.68
C CYS A 15 17.20 8.26 7.27
N GLY A 16 18.10 7.77 6.41
CA GLY A 16 19.44 7.44 6.87
C GLY A 16 19.52 6.02 7.41
N ARG A 17 18.80 5.11 6.78
CA ARG A 17 18.79 3.70 7.21
C ARG A 17 19.41 2.80 6.14
N ILE A 18 20.19 1.82 6.59
CA ILE A 18 20.84 0.89 5.67
C ILE A 18 20.59 -0.55 6.09
N PHE A 19 20.29 -1.40 5.12
CA PHE A 19 20.04 -2.82 5.39
C PHE A 19 20.63 -3.69 4.29
N SER A 20 21.17 -4.84 4.69
CA SER A 20 21.78 -5.77 3.74
C SER A 20 20.71 -6.56 2.98
N ASN A 21 19.78 -7.15 3.73
CA ASN A 21 18.71 -7.93 3.14
C ASN A 21 17.54 -7.03 2.73
N ARG A 22 16.96 -7.32 1.56
CA ARG A 22 15.84 -6.55 1.05
C ARG A 22 14.64 -6.66 1.97
N GLN A 23 14.29 -7.89 2.34
CA GLN A 23 13.16 -8.14 3.22
C GLN A 23 13.13 -7.13 4.37
N TYR A 24 14.29 -6.90 4.96
CA TYR A 24 14.40 -5.96 6.08
C TYR A 24 14.11 -4.53 5.63
N LEU A 25 14.59 -4.19 4.44
CA LEU A 25 14.38 -2.85 3.89
C LEU A 25 12.89 -2.55 3.73
N ASN A 26 12.21 -3.37 2.93
CA ASN A 26 10.78 -3.19 2.69
C ASN A 26 10.01 -3.19 4.01
N HIS A 27 10.34 -4.14 4.88
CA HIS A 27 9.68 -4.24 6.17
C HIS A 27 9.91 -2.98 7.00
N HIS A 28 11.12 -2.43 6.92
CA HIS A 28 11.45 -1.21 7.66
C HIS A 28 10.57 -0.05 7.23
N LYS A 29 10.39 0.11 5.94
CA LYS A 29 9.57 1.19 5.40
C LYS A 29 8.09 0.90 5.64
N LYS A 30 7.69 -0.34 5.45
CA LYS A 30 6.30 -0.74 5.64
C LYS A 30 5.90 -0.58 7.11
N TYR A 31 6.88 -0.63 8.00
CA TYR A 31 6.63 -0.49 9.43
C TYR A 31 6.89 0.94 9.89
N GLN A 32 8.14 1.38 9.75
CA GLN A 32 8.52 2.72 10.17
C GLN A 32 7.89 3.76 9.24
N HIS A 33 8.17 3.66 7.95
CA HIS A 33 7.63 4.60 6.97
C HIS A 33 6.17 4.28 6.67
N ILE A 34 5.56 3.44 7.50
CA ILE A 34 4.18 3.06 7.31
C ILE A 34 3.28 4.29 7.17
N HIS A 35 2.21 4.14 6.41
CA HIS A 35 1.27 5.24 6.19
C HIS A 35 0.56 5.61 7.49
N GLN A 36 -0.14 6.74 7.47
CA GLN A 36 -0.86 7.22 8.65
C GLN A 36 -2.23 6.58 8.74
N LYS A 37 -2.97 6.59 7.64
CA LYS A 37 -4.30 6.01 7.58
C LYS A 37 -4.31 4.76 6.71
N SER A 38 -5.47 4.09 6.66
CA SER A 38 -5.61 2.88 5.87
C SER A 38 -6.99 2.82 5.21
N PHE A 39 -7.01 2.69 3.89
CA PHE A 39 -8.26 2.62 3.15
C PHE A 39 -9.18 1.55 3.73
N SER A 40 -10.36 1.98 4.18
CA SER A 40 -11.33 1.06 4.75
C SER A 40 -12.44 0.73 3.77
N CYS A 41 -13.05 -0.43 3.92
CA CYS A 41 -14.13 -0.86 3.03
C CYS A 41 -15.43 -0.14 3.37
N PRO A 42 -16.19 0.24 2.33
CA PRO A 42 -17.46 0.94 2.49
C PRO A 42 -18.54 0.05 3.08
N GLU A 43 -18.13 -1.08 3.66
CA GLU A 43 -19.07 -2.02 4.25
C GLU A 43 -18.75 -2.25 5.74
N PRO A 44 -19.76 -2.06 6.59
CA PRO A 44 -19.62 -2.24 8.04
C PRO A 44 -19.42 -3.70 8.43
N ALA A 45 -20.30 -4.57 7.94
CA ALA A 45 -20.22 -5.99 8.24
C ALA A 45 -18.86 -6.56 7.83
N CYS A 46 -18.47 -6.29 6.59
CA CYS A 46 -17.19 -6.77 6.07
C CYS A 46 -16.02 -6.09 6.78
N GLY A 47 -15.98 -4.76 6.68
CA GLY A 47 -14.90 -4.01 7.30
C GLY A 47 -13.54 -4.52 6.93
N LYS A 48 -13.28 -4.62 5.64
CA LYS A 48 -11.98 -5.10 5.14
C LYS A 48 -11.08 -3.94 4.77
N SER A 49 -9.96 -3.80 5.49
CA SER A 49 -9.00 -2.73 5.23
C SER A 49 -7.71 -3.29 4.62
N PHE A 50 -7.20 -2.59 3.62
CA PHE A 50 -5.97 -3.00 2.95
C PHE A 50 -5.00 -1.83 2.80
N ASN A 51 -3.75 -2.07 3.16
CA ASN A 51 -2.72 -1.04 3.07
C ASN A 51 -2.43 -0.68 1.62
N PHE A 52 -2.27 -1.70 0.79
CA PHE A 52 -1.98 -1.50 -0.63
C PHE A 52 -3.25 -1.12 -1.39
N LYS A 53 -3.24 0.08 -1.98
CA LYS A 53 -4.38 0.57 -2.74
C LYS A 53 -4.85 -0.47 -3.74
N LYS A 54 -3.92 -0.96 -4.55
CA LYS A 54 -4.24 -1.97 -5.56
C LYS A 54 -5.07 -3.10 -4.95
N HIS A 55 -4.60 -3.64 -3.84
CA HIS A 55 -5.30 -4.73 -3.16
C HIS A 55 -6.77 -4.37 -2.95
N LEU A 56 -7.01 -3.24 -2.32
CA LEU A 56 -8.37 -2.78 -2.05
C LEU A 56 -9.22 -2.83 -3.32
N LYS A 57 -8.69 -2.28 -4.40
CA LYS A 57 -9.40 -2.26 -5.68
C LYS A 57 -10.03 -3.62 -5.97
N GLU A 58 -9.24 -4.69 -5.80
CA GLU A 58 -9.73 -6.04 -6.04
C GLU A 58 -10.83 -6.41 -5.04
N HIS A 59 -10.50 -6.33 -3.76
CA HIS A 59 -11.46 -6.65 -2.70
C HIS A 59 -12.87 -6.23 -3.10
N MET A 60 -12.95 -5.16 -3.90
CA MET A 60 -14.24 -4.65 -4.34
C MET A 60 -14.98 -5.68 -5.18
N LYS A 61 -14.32 -6.18 -6.21
CA LYS A 61 -14.91 -7.19 -7.09
C LYS A 61 -15.49 -8.35 -6.29
N LEU A 62 -14.78 -8.73 -5.23
CA LEU A 62 -15.22 -9.84 -4.38
C LEU A 62 -16.64 -9.59 -3.87
N HIS A 63 -16.96 -8.32 -3.62
CA HIS A 63 -18.28 -7.95 -3.13
C HIS A 63 -19.33 -8.11 -4.21
N SER A 64 -18.98 -7.72 -5.45
CA SER A 64 -19.88 -7.81 -6.57
C SER A 64 -20.21 -9.27 -6.88
N ASP A 65 -19.20 -10.03 -7.30
CA ASP A 65 -19.37 -11.44 -7.63
C ASP A 65 -19.77 -12.24 -6.39
N THR A 66 -20.31 -13.43 -6.61
CA THR A 66 -20.73 -14.30 -5.52
C THR A 66 -19.55 -15.07 -4.95
N ARG A 67 -18.78 -15.71 -5.83
CA ARG A 67 -17.62 -16.49 -5.41
C ARG A 67 -16.65 -15.63 -4.62
N ASP A 68 -16.31 -16.06 -3.41
CA ASP A 68 -15.39 -15.34 -2.56
C ASP A 68 -14.41 -16.30 -1.87
N TYR A 69 -13.38 -15.72 -1.25
CA TYR A 69 -12.38 -16.52 -0.56
C TYR A 69 -12.56 -16.43 0.96
N ILE A 70 -12.40 -17.56 1.63
CA ILE A 70 -12.54 -17.61 3.08
C ILE A 70 -11.24 -17.21 3.77
N CYS A 71 -11.35 -16.43 4.85
CA CYS A 71 -10.18 -15.99 5.60
C CYS A 71 -9.63 -17.12 6.45
N GLU A 72 -8.32 -17.08 6.69
CA GLU A 72 -7.65 -18.11 7.48
C GLU A 72 -7.59 -17.69 8.95
N PHE A 73 -7.34 -16.41 9.18
CA PHE A 73 -7.25 -15.89 10.54
C PHE A 73 -8.59 -15.99 11.26
N SER A 74 -8.54 -16.13 12.58
CA SER A 74 -9.75 -16.25 13.39
C SER A 74 -10.48 -14.91 13.45
N GLY A 75 -11.81 -14.97 13.34
CA GLY A 75 -12.61 -13.76 13.40
C GLY A 75 -13.80 -13.89 14.31
N PRO A 76 -13.94 -12.95 15.26
CA PRO A 76 -15.05 -12.95 16.22
C PRO A 76 -16.39 -12.62 15.56
N SER A 77 -17.40 -13.44 15.85
CA SER A 77 -18.73 -13.24 15.28
C SER A 77 -19.68 -12.66 16.33
N SER A 78 -20.02 -11.39 16.17
CA SER A 78 -20.92 -10.71 17.10
C SER A 78 -22.31 -10.56 16.49
N GLY A 79 -23.34 -10.66 17.33
CA GLY A 79 -24.70 -10.53 16.86
C GLY A 79 -25.22 -9.11 16.98
ZN ZN B . 13.69 4.45 6.05
ZN ZN C . -15.55 -5.18 1.95
N GLY A 1 22.34 11.87 9.22
CA GLY A 1 22.90 13.13 9.67
C GLY A 1 23.93 13.68 8.70
N SER A 2 24.97 12.90 8.43
CA SER A 2 26.03 13.31 7.52
C SER A 2 25.76 12.81 6.11
N SER A 3 26.48 13.37 5.14
CA SER A 3 26.32 12.98 3.74
C SER A 3 27.23 11.81 3.39
N GLY A 4 26.71 10.89 2.57
CA GLY A 4 27.49 9.73 2.18
C GLY A 4 26.82 8.42 2.55
N SER A 5 25.65 8.18 1.98
CA SER A 5 24.91 6.95 2.26
C SER A 5 24.27 6.39 0.98
N SER A 6 24.12 5.07 0.93
CA SER A 6 23.53 4.42 -0.22
C SER A 6 22.12 3.90 0.10
N GLY A 7 21.12 4.52 -0.53
CA GLY A 7 19.75 4.11 -0.30
C GLY A 7 19.46 2.71 -0.82
N MET A 8 18.48 2.05 -0.23
CA MET A 8 18.10 0.70 -0.63
C MET A 8 16.63 0.64 -1.01
N PRO A 9 16.35 0.54 -2.33
CA PRO A 9 14.99 0.48 -2.85
C PRO A 9 14.31 -0.85 -2.51
N CYS A 10 13.00 -0.80 -2.32
CA CYS A 10 12.23 -1.99 -2.00
C CYS A 10 12.26 -2.99 -3.15
N ASP A 11 11.89 -4.23 -2.86
CA ASP A 11 11.87 -5.28 -3.87
C ASP A 11 10.72 -5.07 -4.85
N PHE A 12 9.52 -4.92 -4.31
CA PHE A 12 8.33 -4.71 -5.13
C PHE A 12 8.53 -3.55 -6.09
N PRO A 13 8.13 -3.75 -7.36
CA PRO A 13 8.26 -2.72 -8.40
C PRO A 13 7.30 -1.55 -8.18
N GLY A 14 6.03 -1.88 -8.00
CA GLY A 14 5.02 -0.84 -7.79
C GLY A 14 5.26 -0.06 -6.51
N CYS A 15 5.68 -0.76 -5.46
CA CYS A 15 5.93 -0.14 -4.17
C CYS A 15 6.74 1.15 -4.35
N GLY A 16 7.80 1.08 -5.13
CA GLY A 16 8.64 2.24 -5.37
C GLY A 16 8.96 2.99 -4.10
N ARG A 17 9.55 2.29 -3.12
CA ARG A 17 9.90 2.91 -1.86
C ARG A 17 11.40 2.77 -1.59
N ILE A 18 12.03 3.86 -1.17
CA ILE A 18 13.45 3.86 -0.87
C ILE A 18 13.72 4.34 0.55
N PHE A 19 14.65 3.67 1.22
CA PHE A 19 15.01 4.03 2.59
C PHE A 19 16.52 4.05 2.78
N SER A 20 17.05 5.22 3.09
CA SER A 20 18.49 5.38 3.28
C SER A 20 19.02 4.34 4.27
N ASN A 21 18.29 4.12 5.35
CA ASN A 21 18.68 3.16 6.37
C ASN A 21 18.33 1.74 5.93
N ARG A 22 19.07 0.76 6.45
CA ARG A 22 18.84 -0.63 6.12
C ARG A 22 17.72 -1.22 6.96
N GLN A 23 17.80 -1.03 8.27
CA GLN A 23 16.80 -1.55 9.19
C GLN A 23 15.39 -1.21 8.70
N TYR A 24 15.15 0.08 8.48
CA TYR A 24 13.85 0.55 8.02
C TYR A 24 13.46 -0.15 6.72
N LEU A 25 14.38 -0.19 5.77
CA LEU A 25 14.14 -0.83 4.48
C LEU A 25 13.68 -2.27 4.67
N ASN A 26 14.57 -3.12 5.18
CA ASN A 26 14.26 -4.52 5.41
C ASN A 26 12.99 -4.66 6.23
N HIS A 27 12.95 -4.02 7.39
CA HIS A 27 11.79 -4.08 8.26
C HIS A 27 10.50 -3.89 7.47
N HIS A 28 10.54 -2.98 6.49
CA HIS A 28 9.38 -2.70 5.66
C HIS A 28 9.04 -3.89 4.78
N LYS A 29 10.03 -4.41 4.08
CA LYS A 29 9.84 -5.56 3.20
C LYS A 29 9.53 -6.82 4.01
N LYS A 30 9.62 -6.70 5.32
CA LYS A 30 9.35 -7.82 6.22
C LYS A 30 7.92 -7.76 6.76
N TYR A 31 7.54 -6.59 7.26
CA TYR A 31 6.21 -6.40 7.81
C TYR A 31 5.19 -6.17 6.70
N GLN A 32 5.34 -5.07 5.98
CA GLN A 32 4.43 -4.73 4.89
C GLN A 32 4.34 -5.88 3.89
N HIS A 33 5.45 -6.18 3.23
CA HIS A 33 5.50 -7.25 2.24
C HIS A 33 5.81 -8.59 2.92
N ILE A 34 4.77 -9.43 3.03
CA ILE A 34 4.93 -10.74 3.66
C ILE A 34 3.77 -11.66 3.30
N HIS A 35 3.99 -12.96 3.44
CA HIS A 35 2.96 -13.95 3.14
C HIS A 35 1.58 -13.45 3.54
N GLN A 36 1.37 -13.30 4.85
CA GLN A 36 0.09 -12.82 5.36
C GLN A 36 0.30 -11.78 6.46
N LYS A 37 -0.49 -10.71 6.41
CA LYS A 37 -0.39 -9.65 7.41
C LYS A 37 -1.61 -8.73 7.33
N SER A 38 -1.88 -8.02 8.43
CA SER A 38 -3.02 -7.11 8.49
C SER A 38 -2.91 -6.04 7.42
N PHE A 39 -3.68 -6.19 6.35
CA PHE A 39 -3.67 -5.24 5.25
C PHE A 39 -4.57 -4.04 5.55
N SER A 40 -4.08 -2.85 5.24
CA SER A 40 -4.83 -1.62 5.48
C SER A 40 -4.85 -0.74 4.24
N CYS A 41 -5.89 0.08 4.12
CA CYS A 41 -6.02 0.98 2.98
C CYS A 41 -5.19 2.24 3.19
N PRO A 42 -4.45 2.65 2.13
CA PRO A 42 -3.61 3.84 2.17
C PRO A 42 -4.41 5.12 2.22
N GLU A 43 -5.67 5.05 1.77
CA GLU A 43 -6.55 6.21 1.76
C GLU A 43 -6.93 6.62 3.18
N PRO A 44 -6.78 7.92 3.49
CA PRO A 44 -7.09 8.47 4.81
C PRO A 44 -8.59 8.47 5.09
N ALA A 45 -9.37 8.99 4.14
CA ALA A 45 -10.82 9.04 4.29
C ALA A 45 -11.41 7.65 4.48
N CYS A 46 -10.99 6.72 3.64
CA CYS A 46 -11.47 5.35 3.71
C CYS A 46 -10.85 4.62 4.91
N GLY A 47 -9.52 4.55 4.92
CA GLY A 47 -8.82 3.87 6.00
C GLY A 47 -9.49 2.58 6.40
N LYS A 48 -9.65 1.67 5.44
CA LYS A 48 -10.29 0.38 5.70
C LYS A 48 -9.24 -0.70 5.97
N SER A 49 -9.67 -1.79 6.61
CA SER A 49 -8.76 -2.88 6.93
C SER A 49 -9.28 -4.20 6.36
N PHE A 50 -8.37 -5.14 6.15
CA PHE A 50 -8.74 -6.45 5.61
C PHE A 50 -7.74 -7.51 6.03
N ASN A 51 -8.22 -8.74 6.19
CA ASN A 51 -7.36 -9.85 6.59
C ASN A 51 -6.66 -10.47 5.38
N PHE A 52 -7.43 -10.77 4.35
CA PHE A 52 -6.89 -11.36 3.13
C PHE A 52 -6.81 -10.32 2.02
N LYS A 53 -5.62 -10.17 1.45
CA LYS A 53 -5.40 -9.21 0.37
C LYS A 53 -6.50 -9.32 -0.68
N LYS A 54 -6.96 -10.54 -0.92
CA LYS A 54 -8.02 -10.78 -1.91
C LYS A 54 -9.14 -9.76 -1.75
N HIS A 55 -9.69 -9.68 -0.54
CA HIS A 55 -10.78 -8.74 -0.26
C HIS A 55 -10.33 -7.31 -0.52
N LEU A 56 -9.06 -7.02 -0.22
CA LEU A 56 -8.52 -5.68 -0.41
C LEU A 56 -8.46 -5.32 -1.89
N LYS A 57 -8.07 -6.29 -2.72
CA LYS A 57 -7.98 -6.07 -4.16
C LYS A 57 -9.33 -5.63 -4.72
N GLU A 58 -10.35 -6.46 -4.56
CA GLU A 58 -11.68 -6.15 -5.07
C GLU A 58 -12.17 -4.82 -4.50
N HIS A 59 -11.59 -4.40 -3.38
CA HIS A 59 -11.96 -3.15 -2.74
C HIS A 59 -11.19 -1.97 -3.34
N MET A 60 -10.00 -2.26 -3.85
CA MET A 60 -9.15 -1.23 -4.46
C MET A 60 -9.80 -0.70 -5.74
N LYS A 61 -10.11 -1.61 -6.66
CA LYS A 61 -10.73 -1.22 -7.93
C LYS A 61 -11.79 -0.16 -7.71
N LEU A 62 -12.54 -0.29 -6.61
CA LEU A 62 -13.59 0.66 -6.30
C LEU A 62 -13.06 2.08 -6.25
N HIS A 63 -11.94 2.26 -5.57
CA HIS A 63 -11.31 3.58 -5.45
C HIS A 63 -10.94 4.12 -6.82
N SER A 64 -10.37 3.27 -7.67
CA SER A 64 -9.96 3.67 -9.00
C SER A 64 -11.14 4.20 -9.81
N ASP A 65 -10.86 4.87 -10.90
CA ASP A 65 -11.89 5.43 -11.76
C ASP A 65 -12.68 6.51 -11.02
N THR A 66 -11.96 7.37 -10.30
CA THR A 66 -12.58 8.44 -9.55
C THR A 66 -11.72 9.70 -9.55
N ARG A 67 -12.36 10.86 -9.65
CA ARG A 67 -11.64 12.12 -9.66
C ARG A 67 -10.78 12.28 -8.41
N ASP A 68 -9.47 12.36 -8.60
CA ASP A 68 -8.54 12.51 -7.49
C ASP A 68 -7.29 13.26 -7.93
N TYR A 69 -6.64 13.91 -6.98
CA TYR A 69 -5.42 14.67 -7.27
C TYR A 69 -4.58 13.96 -8.32
N ILE A 70 -4.38 12.66 -8.14
CA ILE A 70 -3.59 11.88 -9.07
C ILE A 70 -4.47 11.28 -10.17
N CYS A 71 -4.04 11.42 -11.42
CA CYS A 71 -4.79 10.90 -12.56
C CYS A 71 -3.84 10.29 -13.59
N GLU A 72 -4.28 9.19 -14.20
CA GLU A 72 -3.47 8.51 -15.21
C GLU A 72 -4.35 7.66 -16.12
N PHE A 73 -4.36 8.00 -17.42
CA PHE A 73 -5.15 7.28 -18.38
C PHE A 73 -4.27 6.37 -19.25
N SER A 74 -4.70 5.13 -19.43
CA SER A 74 -3.95 4.16 -20.23
C SER A 74 -3.99 4.53 -21.71
N GLY A 75 -5.19 4.77 -22.22
CA GLY A 75 -5.35 5.12 -23.61
C GLY A 75 -4.86 4.03 -24.55
N PRO A 76 -5.72 3.01 -24.76
CA PRO A 76 -5.40 1.89 -25.63
C PRO A 76 -5.36 2.28 -27.11
N SER A 77 -4.48 1.64 -27.86
CA SER A 77 -4.34 1.92 -29.28
C SER A 77 -5.60 1.53 -30.05
N SER A 78 -5.92 0.23 -30.00
CA SER A 78 -7.10 -0.28 -30.69
C SER A 78 -7.00 -0.03 -32.20
N GLY A 79 -5.81 -0.26 -32.74
CA GLY A 79 -5.61 -0.07 -34.17
C GLY A 79 -5.96 -1.30 -34.98
ZN ZN B . 7.74 -2.09 -0.31
ZN ZN C . -10.20 1.77 0.71
N GLY A 1 20.86 20.50 19.91
CA GLY A 1 22.06 20.33 19.11
C GLY A 1 22.55 18.89 19.11
N SER A 2 22.18 18.14 18.08
CA SER A 2 22.59 16.74 17.97
C SER A 2 23.45 16.52 16.73
N SER A 3 23.99 15.32 16.59
CA SER A 3 24.84 14.98 15.46
C SER A 3 24.00 14.43 14.30
N GLY A 4 22.79 13.97 14.62
CA GLY A 4 21.92 13.42 13.60
C GLY A 4 22.62 12.44 12.69
N SER A 5 22.59 11.16 13.06
CA SER A 5 23.25 10.12 12.28
C SER A 5 22.68 10.09 10.87
N SER A 6 23.43 9.48 9.95
CA SER A 6 23.01 9.37 8.56
C SER A 6 22.20 8.11 8.33
N GLY A 7 20.94 8.28 7.95
CA GLY A 7 20.07 7.15 7.70
C GLY A 7 18.77 7.55 7.05
N MET A 8 18.05 6.56 6.51
CA MET A 8 16.77 6.82 5.85
C MET A 8 15.62 6.15 6.60
N PRO A 9 14.56 6.92 6.86
CA PRO A 9 13.38 6.42 7.58
C PRO A 9 12.58 5.42 6.75
N CYS A 10 11.73 4.65 7.42
CA CYS A 10 10.90 3.66 6.75
C CYS A 10 9.69 4.31 6.08
N ASP A 11 9.49 4.01 4.81
CA ASP A 11 8.36 4.57 4.06
C ASP A 11 7.05 4.31 4.79
N PHE A 12 6.89 3.10 5.30
CA PHE A 12 5.67 2.73 6.01
C PHE A 12 5.40 3.70 7.16
N PRO A 13 4.19 4.26 7.19
CA PRO A 13 3.77 5.21 8.23
C PRO A 13 3.59 4.55 9.58
N GLY A 14 4.22 5.12 10.61
CA GLY A 14 4.13 4.57 11.95
C GLY A 14 5.38 3.82 12.36
N CYS A 15 5.86 2.94 11.48
CA CYS A 15 7.06 2.16 11.76
C CYS A 15 8.06 2.98 12.56
N GLY A 16 8.33 4.20 12.10
CA GLY A 16 9.27 5.06 12.79
C GLY A 16 10.64 4.42 12.94
N ARG A 17 11.14 3.84 11.84
CA ARG A 17 12.45 3.19 11.86
C ARG A 17 13.37 3.79 10.80
N ILE A 18 14.67 3.75 11.06
CA ILE A 18 15.65 4.29 10.13
C ILE A 18 16.78 3.30 9.88
N PHE A 19 17.36 3.35 8.69
CA PHE A 19 18.45 2.46 8.33
C PHE A 19 19.53 3.20 7.54
N SER A 20 20.77 3.05 7.97
CA SER A 20 21.89 3.71 7.31
C SER A 20 21.94 3.36 5.82
N ASN A 21 22.09 2.06 5.54
CA ASN A 21 22.15 1.59 4.16
C ASN A 21 20.74 1.26 3.64
N ARG A 22 20.60 1.28 2.32
CA ARG A 22 19.32 0.98 1.69
C ARG A 22 19.05 -0.52 1.66
N GLN A 23 20.04 -1.27 1.18
CA GLN A 23 19.92 -2.72 1.10
C GLN A 23 19.16 -3.28 2.29
N TYR A 24 19.52 -2.81 3.49
CA TYR A 24 18.87 -3.26 4.71
C TYR A 24 17.41 -2.82 4.75
N LEU A 25 17.19 -1.52 4.65
CA LEU A 25 15.85 -0.95 4.68
C LEU A 25 14.90 -1.80 3.83
N ASN A 26 15.31 -2.08 2.60
CA ASN A 26 14.50 -2.88 1.69
C ASN A 26 14.11 -4.21 2.32
N HIS A 27 15.12 -5.00 2.68
CA HIS A 27 14.89 -6.30 3.30
C HIS A 27 13.85 -6.20 4.41
N HIS A 28 13.91 -5.10 5.17
CA HIS A 28 12.96 -4.89 6.26
C HIS A 28 11.59 -4.52 5.73
N LYS A 29 11.56 -3.63 4.73
CA LYS A 29 10.30 -3.20 4.12
C LYS A 29 9.54 -4.39 3.54
N LYS A 30 10.25 -5.47 3.25
CA LYS A 30 9.65 -6.67 2.69
C LYS A 30 9.37 -7.69 3.78
N TYR A 31 10.38 -8.01 4.58
CA TYR A 31 10.25 -8.97 5.66
C TYR A 31 9.20 -8.52 6.66
N GLN A 32 9.45 -7.39 7.31
CA GLN A 32 8.53 -6.84 8.30
C GLN A 32 7.20 -6.48 7.65
N HIS A 33 7.23 -5.51 6.75
CA HIS A 33 6.02 -5.07 6.06
C HIS A 33 5.77 -5.91 4.81
N ILE A 34 4.83 -6.84 4.91
CA ILE A 34 4.50 -7.71 3.78
C ILE A 34 2.99 -7.83 3.61
N HIS A 35 2.56 -7.97 2.36
CA HIS A 35 1.13 -8.10 2.06
C HIS A 35 0.79 -9.52 1.62
N GLN A 36 1.76 -10.42 1.76
CA GLN A 36 1.56 -11.82 1.38
C GLN A 36 0.29 -12.38 2.01
N LYS A 37 -0.08 -11.84 3.17
CA LYS A 37 -1.27 -12.29 3.88
C LYS A 37 -2.40 -11.29 3.71
N SER A 38 -2.06 -10.05 3.39
CA SER A 38 -3.05 -9.00 3.19
C SER A 38 -3.61 -9.02 1.77
N PHE A 39 -4.90 -8.76 1.64
CA PHE A 39 -5.55 -8.75 0.34
C PHE A 39 -5.16 -7.51 -0.46
N SER A 40 -4.99 -7.69 -1.76
CA SER A 40 -4.61 -6.58 -2.64
C SER A 40 -5.54 -6.50 -3.84
N CYS A 41 -5.67 -5.30 -4.40
CA CYS A 41 -6.53 -5.08 -5.56
C CYS A 41 -5.86 -5.59 -6.83
N PRO A 42 -6.61 -6.40 -7.61
CA PRO A 42 -6.11 -6.96 -8.87
C PRO A 42 -5.94 -5.90 -9.96
N GLU A 43 -6.36 -4.68 -9.65
CA GLU A 43 -6.26 -3.59 -10.61
C GLU A 43 -4.99 -2.77 -10.35
N PRO A 44 -4.13 -2.68 -11.38
CA PRO A 44 -2.87 -1.93 -11.29
C PRO A 44 -3.10 -0.43 -11.23
N ALA A 45 -4.12 0.04 -11.94
CA ALA A 45 -4.44 1.46 -11.96
C ALA A 45 -4.90 1.95 -10.60
N CYS A 46 -5.77 1.18 -9.96
CA CYS A 46 -6.28 1.52 -8.64
C CYS A 46 -5.22 1.32 -7.56
N GLY A 47 -4.61 0.14 -7.56
CA GLY A 47 -3.58 -0.15 -6.58
C GLY A 47 -4.00 0.19 -5.17
N LYS A 48 -4.99 -0.53 -4.66
CA LYS A 48 -5.49 -0.29 -3.31
C LYS A 48 -5.29 -1.52 -2.43
N SER A 49 -4.77 -1.31 -1.23
CA SER A 49 -4.53 -2.40 -0.30
C SER A 49 -5.28 -2.17 1.01
N PHE A 50 -5.53 -3.25 1.74
CA PHE A 50 -6.25 -3.17 3.01
C PHE A 50 -5.86 -4.34 3.92
N ASN A 51 -5.46 -4.01 5.14
CA ASN A 51 -5.07 -5.03 6.11
C ASN A 51 -6.13 -6.12 6.22
N PHE A 52 -7.34 -5.73 6.58
CA PHE A 52 -8.45 -6.66 6.71
C PHE A 52 -8.95 -7.12 5.35
N LYS A 53 -9.48 -8.34 5.30
CA LYS A 53 -10.00 -8.90 4.05
C LYS A 53 -11.41 -8.41 3.77
N LYS A 54 -12.19 -8.26 4.84
CA LYS A 54 -13.57 -7.80 4.71
C LYS A 54 -13.64 -6.46 3.98
N HIS A 55 -12.69 -5.58 4.28
CA HIS A 55 -12.64 -4.27 3.65
C HIS A 55 -12.61 -4.41 2.12
N LEU A 56 -11.70 -5.25 1.63
CA LEU A 56 -11.57 -5.47 0.19
C LEU A 56 -12.93 -5.76 -0.44
N LYS A 57 -13.61 -6.78 0.07
CA LYS A 57 -14.92 -7.17 -0.44
C LYS A 57 -15.74 -5.93 -0.81
N GLU A 58 -15.80 -4.98 0.11
CA GLU A 58 -16.55 -3.75 -0.13
C GLU A 58 -15.85 -2.87 -1.16
N HIS A 59 -14.55 -2.65 -0.96
CA HIS A 59 -13.77 -1.82 -1.88
C HIS A 59 -14.02 -2.24 -3.32
N MET A 60 -14.05 -3.54 -3.57
CA MET A 60 -14.28 -4.06 -4.91
C MET A 60 -15.63 -3.60 -5.45
N LYS A 61 -16.65 -3.63 -4.59
CA LYS A 61 -17.99 -3.22 -4.98
C LYS A 61 -17.96 -1.87 -5.67
N LEU A 62 -17.06 -1.00 -5.23
CA LEU A 62 -16.93 0.33 -5.82
C LEU A 62 -16.52 0.25 -7.29
N HIS A 63 -15.68 -0.72 -7.60
CA HIS A 63 -15.22 -0.91 -8.98
C HIS A 63 -16.39 -1.26 -9.90
N SER A 64 -17.36 -1.99 -9.36
CA SER A 64 -18.52 -2.40 -10.13
C SER A 64 -19.40 -1.19 -10.46
N ASP A 65 -19.76 -1.06 -11.74
CA ASP A 65 -20.59 0.04 -12.19
C ASP A 65 -21.88 0.12 -11.38
N THR A 66 -22.42 -1.05 -11.04
CA THR A 66 -23.66 -1.11 -10.26
C THR A 66 -23.57 -0.25 -9.01
N ARG A 67 -22.35 0.01 -8.56
CA ARG A 67 -22.14 0.83 -7.37
C ARG A 67 -21.06 1.88 -7.63
N ASP A 68 -21.11 2.97 -6.86
CA ASP A 68 -20.14 4.05 -7.00
C ASP A 68 -20.20 4.65 -8.41
N TYR A 69 -21.42 4.83 -8.91
CA TYR A 69 -21.61 5.40 -10.24
C TYR A 69 -21.41 6.91 -10.22
N ILE A 70 -20.84 7.43 -11.30
CA ILE A 70 -20.60 8.87 -11.41
C ILE A 70 -21.27 9.44 -12.66
N CYS A 71 -22.01 10.54 -12.48
CA CYS A 71 -22.70 11.18 -13.58
C CYS A 71 -21.82 12.26 -14.21
N GLU A 72 -22.03 12.50 -15.51
CA GLU A 72 -21.26 13.51 -16.23
C GLU A 72 -22.14 14.28 -17.21
N PHE A 73 -21.75 15.51 -17.51
CA PHE A 73 -22.50 16.34 -18.44
C PHE A 73 -22.74 15.61 -19.76
N SER A 74 -21.67 15.13 -20.37
CA SER A 74 -21.76 14.43 -21.64
C SER A 74 -22.52 15.24 -22.68
N GLY A 75 -22.17 16.53 -22.77
CA GLY A 75 -22.83 17.40 -23.72
C GLY A 75 -21.90 17.88 -24.81
N PRO A 76 -21.16 18.96 -24.54
CA PRO A 76 -20.20 19.54 -25.50
C PRO A 76 -18.99 18.64 -25.72
N SER A 77 -18.82 17.65 -24.84
CA SER A 77 -17.70 16.73 -24.95
C SER A 77 -17.67 16.07 -26.33
N SER A 78 -18.81 15.53 -26.75
CA SER A 78 -18.92 14.86 -28.04
C SER A 78 -17.92 13.71 -28.14
N GLY A 79 -17.78 12.96 -27.05
CA GLY A 79 -16.85 11.83 -27.04
C GLY A 79 -17.48 10.57 -26.47
ZN ZN B . 9.29 -0.41 8.58
ZN ZN C . -9.29 -1.30 -6.34
N GLY A 1 11.68 24.30 -1.82
CA GLY A 1 11.53 24.18 -0.38
C GLY A 1 12.85 24.34 0.36
N SER A 2 12.85 25.18 1.39
CA SER A 2 14.06 25.42 2.17
C SER A 2 14.32 24.28 3.15
N SER A 3 13.26 23.86 3.85
CA SER A 3 13.37 22.78 4.82
C SER A 3 13.69 21.46 4.13
N GLY A 4 14.66 20.74 4.69
CA GLY A 4 15.05 19.46 4.11
C GLY A 4 14.32 18.29 4.73
N SER A 5 14.60 17.09 4.25
CA SER A 5 13.95 15.89 4.75
C SER A 5 14.90 14.71 4.75
N SER A 6 14.91 13.94 5.84
CA SER A 6 15.79 12.78 5.95
C SER A 6 15.04 11.51 5.59
N GLY A 7 15.70 10.63 4.84
CA GLY A 7 15.09 9.38 4.43
C GLY A 7 15.98 8.57 3.51
N MET A 8 15.81 7.26 3.54
CA MET A 8 16.61 6.36 2.69
C MET A 8 15.71 5.52 1.79
N PRO A 9 16.03 5.50 0.49
CA PRO A 9 15.26 4.74 -0.50
C PRO A 9 15.44 3.23 -0.33
N CYS A 10 14.60 2.46 -1.01
CA CYS A 10 14.66 1.00 -0.95
C CYS A 10 15.75 0.46 -1.86
N ASP A 11 16.17 -0.77 -1.60
CA ASP A 11 17.21 -1.40 -2.40
C ASP A 11 16.75 -1.57 -3.84
N PHE A 12 15.57 -2.15 -4.03
CA PHE A 12 15.03 -2.37 -5.36
C PHE A 12 14.82 -1.03 -6.09
N PRO A 13 15.20 -1.01 -7.37
CA PRO A 13 15.07 0.20 -8.21
C PRO A 13 13.61 0.52 -8.53
N GLY A 14 12.89 -0.48 -9.02
CA GLY A 14 11.48 -0.28 -9.35
C GLY A 14 10.63 0.06 -8.14
N CYS A 15 10.87 -0.65 -7.04
CA CYS A 15 10.13 -0.44 -5.81
C CYS A 15 9.96 1.06 -5.54
N GLY A 16 11.04 1.81 -5.71
CA GLY A 16 10.99 3.24 -5.48
C GLY A 16 10.33 3.60 -4.15
N ARG A 17 10.81 2.97 -3.08
CA ARG A 17 10.26 3.22 -1.75
C ARG A 17 11.27 3.93 -0.86
N ILE A 18 10.77 4.69 0.11
CA ILE A 18 11.64 5.41 1.03
C ILE A 18 11.20 5.21 2.47
N PHE A 19 12.18 5.14 3.38
CA PHE A 19 11.90 4.93 4.79
C PHE A 19 12.81 5.80 5.65
N SER A 20 12.35 6.14 6.85
CA SER A 20 13.12 6.97 7.77
C SER A 20 14.24 6.16 8.41
N ASN A 21 13.87 5.21 9.26
CA ASN A 21 14.84 4.37 9.94
C ASN A 21 15.22 3.17 9.09
N ARG A 22 16.26 2.44 9.51
CA ARG A 22 16.72 1.27 8.78
C ARG A 22 15.77 0.09 8.99
N GLN A 23 15.35 -0.11 10.24
CA GLN A 23 14.45 -1.20 10.58
C GLN A 23 13.32 -1.31 9.55
N TYR A 24 12.70 -0.18 9.23
CA TYR A 24 11.61 -0.14 8.27
C TYR A 24 12.08 -0.62 6.90
N LEU A 25 13.25 -0.17 6.49
CA LEU A 25 13.82 -0.54 5.20
C LEU A 25 13.94 -2.07 5.09
N ASN A 26 14.77 -2.65 5.95
CA ASN A 26 14.99 -4.09 5.96
C ASN A 26 13.66 -4.83 6.15
N HIS A 27 12.96 -4.49 7.22
CA HIS A 27 11.68 -5.13 7.53
C HIS A 27 10.77 -5.12 6.30
N HIS A 28 10.77 -4.00 5.58
CA HIS A 28 9.93 -3.85 4.39
C HIS A 28 10.38 -4.84 3.30
N LYS A 29 11.67 -4.88 3.06
CA LYS A 29 12.23 -5.78 2.04
C LYS A 29 12.14 -7.24 2.48
N LYS A 30 11.63 -7.45 3.70
CA LYS A 30 11.49 -8.79 4.24
C LYS A 30 10.02 -9.12 4.50
N TYR A 31 9.22 -8.08 4.70
CA TYR A 31 7.79 -8.26 4.97
C TYR A 31 6.97 -7.96 3.71
N GLN A 32 7.34 -6.90 3.02
CA GLN A 32 6.64 -6.50 1.80
C GLN A 32 7.20 -7.22 0.58
N HIS A 33 8.52 -7.35 0.54
CA HIS A 33 9.19 -8.02 -0.57
C HIS A 33 9.18 -9.53 -0.37
N ILE A 34 8.30 -10.01 0.50
CA ILE A 34 8.19 -11.44 0.77
C ILE A 34 6.75 -11.92 0.57
N HIS A 35 6.61 -13.20 0.22
CA HIS A 35 5.29 -13.78 0.01
C HIS A 35 4.48 -13.81 1.30
N GLN A 36 3.35 -13.13 1.30
CA GLN A 36 2.49 -13.07 2.47
C GLN A 36 1.11 -13.66 2.17
N LYS A 37 0.27 -13.74 3.19
CA LYS A 37 -1.08 -14.28 3.04
C LYS A 37 -2.08 -13.18 2.76
N SER A 38 -2.09 -12.16 3.61
CA SER A 38 -3.01 -11.04 3.46
C SER A 38 -2.82 -10.36 2.11
N PHE A 39 -3.90 -10.26 1.34
CA PHE A 39 -3.86 -9.63 0.03
C PHE A 39 -3.51 -8.15 0.14
N SER A 40 -2.49 -7.73 -0.59
CA SER A 40 -2.06 -6.34 -0.56
C SER A 40 -2.67 -5.56 -1.73
N CYS A 41 -2.83 -4.25 -1.54
CA CYS A 41 -3.39 -3.39 -2.56
C CYS A 41 -2.38 -3.11 -3.67
N PRO A 42 -2.83 -3.22 -4.93
CA PRO A 42 -1.97 -2.99 -6.10
C PRO A 42 -1.62 -1.52 -6.26
N GLU A 43 -2.21 -0.67 -5.43
CA GLU A 43 -1.95 0.76 -5.49
C GLU A 43 -0.72 1.12 -4.65
N PRO A 44 0.21 1.85 -5.28
CA PRO A 44 1.45 2.28 -4.61
C PRO A 44 1.20 3.34 -3.55
N ALA A 45 0.48 4.39 -3.93
CA ALA A 45 0.16 5.47 -3.01
C ALA A 45 -0.60 4.96 -1.79
N CYS A 46 -1.53 4.05 -2.03
CA CYS A 46 -2.33 3.48 -0.95
C CYS A 46 -1.55 2.39 -0.21
N GLY A 47 -1.07 1.40 -0.94
CA GLY A 47 -0.31 0.32 -0.35
C GLY A 47 -0.87 -0.09 1.01
N LYS A 48 -2.03 -0.73 1.00
CA LYS A 48 -2.66 -1.18 2.23
C LYS A 48 -3.12 -2.63 2.12
N SER A 49 -2.65 -3.46 3.04
CA SER A 49 -3.01 -4.88 3.03
C SER A 49 -4.24 -5.13 3.90
N PHE A 50 -4.78 -6.35 3.81
CA PHE A 50 -5.96 -6.72 4.58
C PHE A 50 -6.02 -8.22 4.79
N ASN A 51 -6.06 -8.65 6.05
CA ASN A 51 -6.12 -10.06 6.38
C ASN A 51 -7.27 -10.75 5.64
N PHE A 52 -8.42 -10.07 5.59
CA PHE A 52 -9.60 -10.61 4.92
C PHE A 52 -9.68 -10.11 3.48
N LYS A 53 -9.85 -11.04 2.55
CA LYS A 53 -9.95 -10.70 1.14
C LYS A 53 -11.31 -10.09 0.81
N LYS A 54 -12.37 -10.70 1.33
CA LYS A 54 -13.73 -10.22 1.10
C LYS A 54 -13.81 -8.71 1.34
N HIS A 55 -13.28 -8.27 2.48
CA HIS A 55 -13.30 -6.86 2.83
C HIS A 55 -12.45 -6.04 1.85
N LEU A 56 -11.26 -6.54 1.55
CA LEU A 56 -10.36 -5.85 0.62
C LEU A 56 -11.10 -5.43 -0.64
N LYS A 57 -12.17 -6.16 -0.97
CA LYS A 57 -12.96 -5.85 -2.16
C LYS A 57 -13.58 -4.46 -2.04
N GLU A 58 -14.35 -4.25 -0.98
CA GLU A 58 -15.00 -2.96 -0.76
C GLU A 58 -13.97 -1.83 -0.68
N HIS A 59 -12.72 -2.20 -0.41
CA HIS A 59 -11.65 -1.22 -0.30
C HIS A 59 -11.05 -0.92 -1.67
N MET A 60 -11.15 -1.89 -2.58
CA MET A 60 -10.62 -1.72 -3.93
C MET A 60 -11.60 -0.96 -4.81
N LYS A 61 -12.88 -1.26 -4.67
CA LYS A 61 -13.92 -0.60 -5.46
C LYS A 61 -13.94 0.89 -5.18
N LEU A 62 -13.42 1.28 -4.02
CA LEU A 62 -13.37 2.69 -3.63
C LEU A 62 -12.37 3.46 -4.49
N HIS A 63 -11.23 2.83 -4.75
CA HIS A 63 -10.19 3.45 -5.56
C HIS A 63 -10.72 3.81 -6.95
N SER A 64 -11.70 3.07 -7.41
CA SER A 64 -12.30 3.31 -8.73
C SER A 64 -13.21 4.54 -8.69
N ASP A 65 -13.42 5.14 -9.86
CA ASP A 65 -14.28 6.32 -9.95
C ASP A 65 -15.53 6.16 -9.10
N THR A 66 -16.40 5.23 -9.49
CA THR A 66 -17.64 4.97 -8.78
C THR A 66 -17.36 4.43 -7.37
N ARG A 67 -17.94 5.07 -6.37
CA ARG A 67 -17.75 4.65 -4.99
C ARG A 67 -18.96 5.02 -4.13
N ASP A 68 -19.39 4.09 -3.29
CA ASP A 68 -20.54 4.33 -2.42
C ASP A 68 -20.11 5.04 -1.14
N TYR A 69 -19.12 4.49 -0.45
CA TYR A 69 -18.62 5.06 0.78
C TYR A 69 -17.65 6.21 0.50
N ILE A 70 -17.81 7.30 1.25
CA ILE A 70 -16.95 8.47 1.08
C ILE A 70 -15.48 8.11 1.26
N CYS A 71 -14.64 8.62 0.36
CA CYS A 71 -13.21 8.34 0.42
C CYS A 71 -12.43 9.60 0.76
N GLU A 72 -11.29 9.44 1.43
CA GLU A 72 -10.45 10.56 1.82
C GLU A 72 -9.73 11.14 0.61
N PHE A 73 -9.18 12.35 0.78
CA PHE A 73 -8.46 13.01 -0.30
C PHE A 73 -7.39 13.95 0.26
N SER A 74 -6.22 13.95 -0.38
CA SER A 74 -5.12 14.80 0.06
C SER A 74 -4.76 14.53 1.51
N GLY A 75 -4.68 13.24 1.85
CA GLY A 75 -4.35 12.86 3.22
C GLY A 75 -3.15 13.60 3.75
N PRO A 76 -3.31 14.23 4.92
CA PRO A 76 -2.23 15.00 5.57
C PRO A 76 -1.11 14.10 6.08
N SER A 77 -1.28 12.80 5.92
CA SER A 77 -0.27 11.83 6.37
C SER A 77 0.85 11.70 5.35
N SER A 78 0.49 11.48 4.10
CA SER A 78 1.48 11.33 3.03
C SER A 78 1.25 12.38 1.94
N GLY A 79 2.32 13.09 1.59
CA GLY A 79 2.22 14.11 0.56
C GLY A 79 3.56 14.39 -0.10
ZN ZN B . 11.10 -2.29 -1.52
ZN ZN C . -5.97 0.38 -1.61
#